data_190D
# 
_entry.id   190D 
# 
_audit_conform.dict_name       mmcif_pdbx.dic 
_audit_conform.dict_version    5.385 
_audit_conform.dict_location   http://mmcif.pdb.org/dictionaries/ascii/mmcif_pdbx.dic 
# 
loop_
_database_2.database_id 
_database_2.database_code 
_database_2.pdbx_database_accession 
_database_2.pdbx_DOI 
PDB   190D         pdb_0000190d 10.2210/pdb190d/pdb 
RCSB  UDD024       ?            ?                   
WWPDB D_1000170200 ?            ?                   
# 
loop_
_pdbx_audit_revision_history.ordinal 
_pdbx_audit_revision_history.data_content_type 
_pdbx_audit_revision_history.major_revision 
_pdbx_audit_revision_history.minor_revision 
_pdbx_audit_revision_history.revision_date 
1 'Structure model' 1 0 1995-02-07 
2 'Structure model' 1 1 2008-05-22 
3 'Structure model' 1 2 2011-07-13 
4 'Structure model' 1 3 2024-02-07 
# 
_pdbx_audit_revision_details.ordinal             1 
_pdbx_audit_revision_details.revision_ordinal    1 
_pdbx_audit_revision_details.data_content_type   'Structure model' 
_pdbx_audit_revision_details.provider            repository 
_pdbx_audit_revision_details.type                'Initial release' 
_pdbx_audit_revision_details.description         ? 
_pdbx_audit_revision_details.details             ? 
# 
loop_
_pdbx_audit_revision_group.ordinal 
_pdbx_audit_revision_group.revision_ordinal 
_pdbx_audit_revision_group.data_content_type 
_pdbx_audit_revision_group.group 
1 2 'Structure model' 'Version format compliance' 
2 3 'Structure model' 'Version format compliance' 
3 4 'Structure model' 'Data collection'           
4 4 'Structure model' 'Database references'       
# 
loop_
_pdbx_audit_revision_category.ordinal 
_pdbx_audit_revision_category.revision_ordinal 
_pdbx_audit_revision_category.data_content_type 
_pdbx_audit_revision_category.category 
1 4 'Structure model' chem_comp_atom 
2 4 'Structure model' chem_comp_bond 
3 4 'Structure model' database_2     
# 
loop_
_pdbx_audit_revision_item.ordinal 
_pdbx_audit_revision_item.revision_ordinal 
_pdbx_audit_revision_item.data_content_type 
_pdbx_audit_revision_item.item 
1 4 'Structure model' '_database_2.pdbx_DOI'                
2 4 'Structure model' '_database_2.pdbx_database_accession' 
# 
_pdbx_database_status.status_code                     REL 
_pdbx_database_status.entry_id                        190D 
_pdbx_database_status.recvd_initial_deposition_date   1994-09-02 
_pdbx_database_status.deposit_site                    BNL 
_pdbx_database_status.process_site                    NDB 
_pdbx_database_status.SG_entry                        . 
_pdbx_database_status.status_code_sf                  ? 
_pdbx_database_status.status_code_mr                  ? 
_pdbx_database_status.pdb_format_compatible           Y 
_pdbx_database_status.status_code_cs                  ? 
_pdbx_database_status.status_code_nmr_data            ? 
_pdbx_database_status.methods_development_category    ? 
# 
loop_
_audit_author.name 
_audit_author.pdbx_ordinal 
'Chen, L.'  1 
'Cai, L.'   2 
'Zhang, X.' 3 
'Rich, A.'  4 
# 
_citation.id                        primary 
_citation.title                     'Crystal structure of a four-stranded intercalated DNA: d(C4).' 
_citation.journal_abbrev            Biochemistry 
_citation.journal_volume            33 
_citation.page_first                13540 
_citation.page_last                 13546 
_citation.year                      1994 
_citation.journal_id_ASTM           BICHAW 
_citation.country                   US 
_citation.journal_id_ISSN           0006-2960 
_citation.journal_id_CSD            0033 
_citation.book_publisher            ? 
_citation.pdbx_database_id_PubMed   7947764 
_citation.pdbx_database_id_DOI      10.1021/bi00250a005 
# 
loop_
_citation_author.citation_id 
_citation_author.name 
_citation_author.ordinal 
_citation_author.identifier_ORCID 
primary 'Chen, L.'  1 ? 
primary 'Cai, L.'   2 ? 
primary 'Zhang, X.' 3 ? 
primary 'Rich, A.'  4 ? 
# 
loop_
_entity.id 
_entity.type 
_entity.src_method 
_entity.pdbx_description 
_entity.formula_weight 
_entity.pdbx_number_of_molecules 
_entity.pdbx_ec 
_entity.pdbx_mutation 
_entity.pdbx_fragment 
_entity.details 
1 polymer syn 
;DNA (5'-D(*CP*CP*CP*C)-3')
;
1111.770 8  ? ? ? ? 
2 water   nat water                        18.015   46 ? ? ? ? 
# 
_entity_poly.entity_id                      1 
_entity_poly.type                           polydeoxyribonucleotide 
_entity_poly.nstd_linkage                   no 
_entity_poly.nstd_monomer                   no 
_entity_poly.pdbx_seq_one_letter_code       '(DC)(DC)(DC)(DC)' 
_entity_poly.pdbx_seq_one_letter_code_can   CCCC 
_entity_poly.pdbx_strand_id                 A,B,C,D,E,F,G,H 
_entity_poly.pdbx_target_identifier         ? 
# 
_pdbx_entity_nonpoly.entity_id   2 
_pdbx_entity_nonpoly.name        water 
_pdbx_entity_nonpoly.comp_id     HOH 
# 
loop_
_entity_poly_seq.entity_id 
_entity_poly_seq.num 
_entity_poly_seq.mon_id 
_entity_poly_seq.hetero 
1 1 DC n 
1 2 DC n 
1 3 DC n 
1 4 DC n 
# 
loop_
_chem_comp.id 
_chem_comp.type 
_chem_comp.mon_nstd_flag 
_chem_comp.name 
_chem_comp.pdbx_synonyms 
_chem_comp.formula 
_chem_comp.formula_weight 
DC  'DNA linking' y "2'-DEOXYCYTIDINE-5'-MONOPHOSPHATE" ? 'C9 H14 N3 O7 P' 307.197 
HOH non-polymer   . WATER                               ? 'H2 O'           18.015  
# 
loop_
_pdbx_poly_seq_scheme.asym_id 
_pdbx_poly_seq_scheme.entity_id 
_pdbx_poly_seq_scheme.seq_id 
_pdbx_poly_seq_scheme.mon_id 
_pdbx_poly_seq_scheme.ndb_seq_num 
_pdbx_poly_seq_scheme.pdb_seq_num 
_pdbx_poly_seq_scheme.auth_seq_num 
_pdbx_poly_seq_scheme.pdb_mon_id 
_pdbx_poly_seq_scheme.auth_mon_id 
_pdbx_poly_seq_scheme.pdb_strand_id 
_pdbx_poly_seq_scheme.pdb_ins_code 
_pdbx_poly_seq_scheme.hetero 
A 1 1 DC 1 1  1  DC C A . n 
A 1 2 DC 2 2  2  DC C A . n 
A 1 3 DC 3 3  3  DC C A . n 
A 1 4 DC 4 4  4  DC C A . n 
B 1 1 DC 1 5  5  DC C B . n 
B 1 2 DC 2 6  6  DC C B . n 
B 1 3 DC 3 7  7  DC C B . n 
B 1 4 DC 4 8  8  DC C B . n 
C 1 1 DC 1 9  9  DC C C . n 
C 1 2 DC 2 10 10 DC C C . n 
C 1 3 DC 3 11 11 DC C C . n 
C 1 4 DC 4 12 12 DC C C . n 
D 1 1 DC 1 13 13 DC C D . n 
D 1 2 DC 2 14 14 DC C D . n 
D 1 3 DC 3 15 15 DC C D . n 
D 1 4 DC 4 16 16 DC C D . n 
E 1 1 DC 1 17 17 DC C E . n 
E 1 2 DC 2 18 18 DC C E . n 
E 1 3 DC 3 19 19 DC C E . n 
E 1 4 DC 4 20 20 DC C E . n 
F 1 1 DC 1 21 21 DC C F . n 
F 1 2 DC 2 22 22 DC C F . n 
F 1 3 DC 3 23 23 DC C F . n 
F 1 4 DC 4 24 24 DC C F . n 
G 1 1 DC 1 25 25 DC C G . n 
G 1 2 DC 2 26 26 DC C G . n 
G 1 3 DC 3 27 27 DC C G . n 
G 1 4 DC 4 28 28 DC C G . n 
H 1 1 DC 1 29 29 DC C H . n 
H 1 2 DC 2 30 30 DC C H . n 
H 1 3 DC 3 31 31 DC C H . n 
H 1 4 DC 4 32 32 DC C H . n 
# 
loop_
_pdbx_nonpoly_scheme.asym_id 
_pdbx_nonpoly_scheme.entity_id 
_pdbx_nonpoly_scheme.mon_id 
_pdbx_nonpoly_scheme.ndb_seq_num 
_pdbx_nonpoly_scheme.pdb_seq_num 
_pdbx_nonpoly_scheme.auth_seq_num 
_pdbx_nonpoly_scheme.pdb_mon_id 
_pdbx_nonpoly_scheme.auth_mon_id 
_pdbx_nonpoly_scheme.pdb_strand_id 
_pdbx_nonpoly_scheme.pdb_ins_code 
I 2 HOH 1  33 33 HOH HOH A . 
I 2 HOH 2  48 48 HOH HOH A . 
I 2 HOH 3  49 49 HOH HOH A . 
I 2 HOH 4  53 53 HOH HOH A . 
I 2 HOH 5  66 66 HOH HOH A . 
I 2 HOH 6  72 72 HOH HOH A . 
I 2 HOH 7  73 73 HOH HOH A . 
J 2 HOH 1  34 34 HOH HOH B . 
J 2 HOH 2  41 41 HOH HOH B . 
J 2 HOH 3  58 58 HOH HOH B . 
J 2 HOH 4  68 68 HOH HOH B . 
J 2 HOH 5  71 71 HOH HOH B . 
J 2 HOH 6  77 77 HOH HOH B . 
K 2 HOH 1  42 42 HOH HOH C . 
K 2 HOH 2  46 46 HOH HOH C . 
K 2 HOH 3  55 55 HOH HOH C . 
K 2 HOH 4  57 57 HOH HOH C . 
K 2 HOH 5  69 69 HOH HOH C . 
L 2 HOH 1  35 35 HOH HOH D . 
L 2 HOH 2  36 36 HOH HOH D . 
L 2 HOH 3  37 37 HOH HOH D . 
L 2 HOH 4  38 38 HOH HOH D . 
L 2 HOH 5  39 39 HOH HOH D . 
L 2 HOH 6  40 40 HOH HOH D . 
L 2 HOH 7  43 43 HOH HOH D . 
L 2 HOH 8  44 44 HOH HOH D . 
L 2 HOH 9  45 45 HOH HOH D . 
L 2 HOH 10 50 50 HOH HOH D . 
L 2 HOH 11 54 54 HOH HOH D . 
L 2 HOH 12 56 56 HOH HOH D . 
L 2 HOH 13 67 67 HOH HOH D . 
L 2 HOH 14 70 70 HOH HOH D . 
M 2 HOH 1  47 47 HOH HOH E . 
M 2 HOH 2  52 52 HOH HOH E . 
M 2 HOH 3  60 60 HOH HOH E . 
M 2 HOH 4  61 61 HOH HOH E . 
M 2 HOH 5  62 62 HOH HOH E . 
M 2 HOH 6  64 64 HOH HOH E . 
M 2 HOH 7  65 65 HOH HOH E . 
M 2 HOH 8  76 76 HOH HOH E . 
N 2 HOH 1  75 75 HOH HOH F . 
O 2 HOH 1  51 51 HOH HOH G . 
O 2 HOH 2  74 74 HOH HOH G . 
P 2 HOH 1  59 59 HOH HOH H . 
P 2 HOH 2  63 63 HOH HOH H . 
P 2 HOH 3  78 78 HOH HOH H . 
# 
_software.name             X-PLOR 
_software.classification   refinement 
_software.version          . 
_software.citation_id      ? 
_software.pdbx_ordinal     1 
# 
_cell.entry_id           190D 
_cell.length_a           82.300 
_cell.length_b           82.300 
_cell.length_c           82.300 
_cell.angle_alpha        90.00 
_cell.angle_beta         90.00 
_cell.angle_gamma        90.00 
_cell.Z_PDB              192 
_cell.pdbx_unique_axis   ? 
_cell.length_a_esd       ? 
_cell.length_b_esd       ? 
_cell.length_c_esd       ? 
_cell.angle_alpha_esd    ? 
_cell.angle_beta_esd     ? 
_cell.angle_gamma_esd    ? 
# 
_symmetry.entry_id                         190D 
_symmetry.space_group_name_H-M             'I 2 3' 
_symmetry.pdbx_full_space_group_name_H-M   ? 
_symmetry.cell_setting                     ? 
_symmetry.Int_Tables_number                197 
_symmetry.space_group_name_Hall            ? 
# 
_exptl.entry_id          190D 
_exptl.method            'X-RAY DIFFRACTION' 
_exptl.crystals_number   ? 
# 
_exptl_crystal.id                    1 
_exptl_crystal.density_meas          ? 
_exptl_crystal.density_percent_sol   52.90 
_exptl_crystal.density_Matthews      2.61 
_exptl_crystal.description           ? 
_exptl_crystal.F_000                 ? 
_exptl_crystal.preparation           ? 
# 
_exptl_crystal_grow.crystal_id      1 
_exptl_crystal_grow.method          'VAPOR DIFFUSION, HANGING DROP' 
_exptl_crystal_grow.temp            ? 
_exptl_crystal_grow.temp_details    ? 
_exptl_crystal_grow.pH              5.50 
_exptl_crystal_grow.pdbx_details    'pH 5.50, VAPOR DIFFUSION, HANGING DROP' 
_exptl_crystal_grow.pdbx_pH_range   ? 
# 
loop_
_exptl_crystal_grow_comp.crystal_id 
_exptl_crystal_grow_comp.id 
_exptl_crystal_grow_comp.sol_id 
_exptl_crystal_grow_comp.name 
_exptl_crystal_grow_comp.volume 
_exptl_crystal_grow_comp.conc 
_exptl_crystal_grow_comp.details 
1 1 1 WATER           ? ? ? 
1 2 1 MPD             ? ? ? 
1 3 1 'NA CACODYLATE' ? ? ? 
1 4 2 WATER           ? ? ? 
1 5 2 MPD             ? ? ? 
# 
_diffrn.id                     1 
_diffrn.ambient_temp           ? 
_diffrn.ambient_temp_details   'ROOM TEMPERATURE' 
_diffrn.crystal_id             1 
# 
_diffrn_detector.diffrn_id              1 
_diffrn_detector.detector               'IMAGE PLATE' 
_diffrn_detector.type                   'RIGAKU RAXIS II' 
_diffrn_detector.pdbx_collection_date   ? 
_diffrn_detector.details                ? 
# 
_diffrn_radiation.diffrn_id                        1 
_diffrn_radiation.wavelength_id                    1 
_diffrn_radiation.pdbx_monochromatic_or_laue_m_l   ? 
_diffrn_radiation.monochromator                    ? 
_diffrn_radiation.pdbx_diffrn_protocol             ? 
_diffrn_radiation.pdbx_scattering_type             x-ray 
# 
_diffrn_radiation_wavelength.id           1 
_diffrn_radiation_wavelength.wavelength   . 
_diffrn_radiation_wavelength.wt           1.0 
# 
_diffrn_source.diffrn_id                   1 
_diffrn_source.source                      ? 
_diffrn_source.type                        ? 
_diffrn_source.pdbx_synchrotron_site       ? 
_diffrn_source.pdbx_synchrotron_beamline   ? 
_diffrn_source.pdbx_wavelength             ? 
_diffrn_source.pdbx_wavelength_list        ? 
# 
_refine.entry_id                                 190D 
_refine.ls_number_reflns_obs                     8177 
_refine.ls_number_reflns_all                     ? 
_refine.pdbx_ls_sigma_I                          ? 
_refine.pdbx_ls_sigma_F                          2.000 
_refine.pdbx_data_cutoff_high_absF               ? 
_refine.pdbx_data_cutoff_low_absF                ? 
_refine.pdbx_data_cutoff_high_rms_absF           ? 
_refine.ls_d_res_low                             8.000 
_refine.ls_d_res_high                            1.800 
_refine.ls_percent_reflns_obs                    95.100 
_refine.ls_R_factor_obs                          0.2180000 
_refine.ls_R_factor_all                          ? 
_refine.ls_R_factor_R_work                       0.2180000 
_refine.ls_R_factor_R_free                       ? 
_refine.ls_R_factor_R_free_error                 ? 
_refine.ls_R_factor_R_free_error_details         ? 
_refine.ls_percent_reflns_R_free                 ? 
_refine.ls_number_reflns_R_free                  ? 
_refine.ls_number_parameters                     ? 
_refine.ls_number_restraints                     ? 
_refine.occupancy_min                            ? 
_refine.occupancy_max                            ? 
_refine.B_iso_mean                               ? 
_refine.aniso_B[1][1]                            ? 
_refine.aniso_B[2][2]                            ? 
_refine.aniso_B[3][3]                            ? 
_refine.aniso_B[1][2]                            ? 
_refine.aniso_B[1][3]                            ? 
_refine.aniso_B[2][3]                            ? 
_refine.solvent_model_details                    ? 
_refine.solvent_model_param_ksol                 ? 
_refine.solvent_model_param_bsol                 ? 
_refine.pdbx_ls_cross_valid_method               ? 
_refine.details                                  
;THIS IS THE FIRST X-RAY STRUCTURE OF THE INTERCALATED
CYTOSINE QUADRUPLEX. THE PAPER CITED IN JRNL DESCRIBED THE D(C4) STRUCTURE
REFINED AT 2.3 ANGSTROMS RESOLUTION. THE AUTHORS HAVE
EXTENDED THE STRUCTURE DETERMINATION TO 1.8 ANGSTROMS
RESOLUTION AND THE COORDINATES DEPOSITED ARE THE FINAL
1.8 ANGSTROMS STRUCTURE WHICH IS BASICALLY THE SAME AS
THAT AT 2.3 ANGSTROMS RESOLUTION. THERE ARE 8 D(C4) STRANDS PER ASYMMETRIC UNIT WHICH FORM
TWO TETRAMERS. THE FIRST TETRAMER IS NUMBERED FROM 1 TO 16,
AND THE OTHER TETRAMER FROM 17 TO 32. THERE ARE 46 WATER
MOLECULES FOUND AT 1.8 A RESOLUTION. ALL HYDROGEN ATOMS ARE
INCLUDED FOR EASY REFERENCE ALTHOUGH THEY ARE NOT REFINED
WITH X-RAY DATA. THE STRUCTURE WAS SOLVED BY HEAVY ATOM PHASING. K2PTCL6 WAS
SOAKED INTO THE CRYSTAL AND ONLY ONE PT SITE WAS FOUND
WHICH WAS AT THE THREE-FOLD AXIS. SINGLE ISOMORPHOUS
REPLACEMENT (SIR) PHASES AND SINGLE-WAVELENGTH ANOMALOUS
SCATTERING (SAS) PHASES WERE IMPROVED BY SOLVENT
FLATTENING. THE RESULTANT ELECTRON DENSITY MAP CLEARLY
REVEALED THE INTERCALATED STRUCTURE FOR THE FIRST TIME.
;
_refine.pdbx_starting_model                      ? 
_refine.pdbx_method_to_determine_struct          ? 
_refine.pdbx_isotropic_thermal_model             ? 
_refine.pdbx_stereochemistry_target_values       ? 
_refine.pdbx_stereochem_target_val_spec_case     ? 
_refine.pdbx_R_Free_selection_details            ? 
_refine.pdbx_overall_ESU_R                       ? 
_refine.pdbx_overall_ESU_R_Free                  ? 
_refine.overall_SU_ML                            ? 
_refine.overall_SU_B                             ? 
_refine.ls_redundancy_reflns_obs                 ? 
_refine.pdbx_overall_phase_error                 ? 
_refine.correlation_coeff_Fo_to_Fc               ? 
_refine.correlation_coeff_Fo_to_Fc_free          ? 
_refine.pdbx_solvent_vdw_probe_radii             ? 
_refine.pdbx_solvent_ion_probe_radii             ? 
_refine.pdbx_solvent_shrinkage_radii             ? 
_refine.overall_SU_R_Cruickshank_DPI             ? 
_refine.overall_SU_R_free                        ? 
_refine.ls_wR_factor_R_free                      ? 
_refine.ls_wR_factor_R_work                      ? 
_refine.overall_FOM_free_R_set                   ? 
_refine.overall_FOM_work_R_set                   ? 
_refine.pdbx_refine_id                           'X-RAY DIFFRACTION' 
_refine.pdbx_diffrn_id                           1 
_refine.pdbx_TLS_residual_ADP_flag               ? 
_refine.pdbx_overall_SU_R_free_Cruickshank_DPI   ? 
_refine.pdbx_overall_SU_R_Blow_DPI               ? 
_refine.pdbx_overall_SU_R_free_Blow_DPI          ? 
# 
_refine_hist.pdbx_refine_id                   'X-RAY DIFFRACTION' 
_refine_hist.cycle_id                         LAST 
_refine_hist.pdbx_number_atoms_protein        0 
_refine_hist.pdbx_number_atoms_nucleic_acid   952 
_refine_hist.pdbx_number_atoms_ligand         0 
_refine_hist.number_atoms_solvent             138 
_refine_hist.number_atoms_total               1090 
_refine_hist.d_res_high                       1.800 
_refine_hist.d_res_low                        8.000 
# 
loop_
_refine_ls_restr.type 
_refine_ls_restr.dev_ideal 
_refine_ls_restr.dev_ideal_target 
_refine_ls_restr.weight 
_refine_ls_restr.number 
_refine_ls_restr.pdbx_refine_id 
_refine_ls_restr.pdbx_restraint_function 
x_bond_d                0.015 ? ? ? 'X-RAY DIFFRACTION' ? 
x_bond_d_na             ?     ? ? ? 'X-RAY DIFFRACTION' ? 
x_bond_d_prot           ?     ? ? ? 'X-RAY DIFFRACTION' ? 
x_angle_d               ?     ? ? ? 'X-RAY DIFFRACTION' ? 
x_angle_d_na            ?     ? ? ? 'X-RAY DIFFRACTION' ? 
x_angle_d_prot          ?     ? ? ? 'X-RAY DIFFRACTION' ? 
x_angle_deg             3.70  ? ? ? 'X-RAY DIFFRACTION' ? 
x_angle_deg_na          ?     ? ? ? 'X-RAY DIFFRACTION' ? 
x_angle_deg_prot        ?     ? ? ? 'X-RAY DIFFRACTION' ? 
x_dihedral_angle_d      ?     ? ? ? 'X-RAY DIFFRACTION' ? 
x_dihedral_angle_d_na   ?     ? ? ? 'X-RAY DIFFRACTION' ? 
x_dihedral_angle_d_prot ?     ? ? ? 'X-RAY DIFFRACTION' ? 
x_improper_angle_d      ?     ? ? ? 'X-RAY DIFFRACTION' ? 
x_improper_angle_d_na   ?     ? ? ? 'X-RAY DIFFRACTION' ? 
x_improper_angle_d_prot ?     ? ? ? 'X-RAY DIFFRACTION' ? 
x_mcbond_it             ?     ? ? ? 'X-RAY DIFFRACTION' ? 
x_mcangle_it            ?     ? ? ? 'X-RAY DIFFRACTION' ? 
x_scbond_it             ?     ? ? ? 'X-RAY DIFFRACTION' ? 
x_scangle_it            ?     ? ? ? 'X-RAY DIFFRACTION' ? 
# 
_struct.entry_id                  190D 
_struct.title                     'Crystal structure of a four-stranded intercalated DNA: d(C4)' 
_struct.pdbx_model_details        ? 
_struct.pdbx_CASP_flag            ? 
_struct.pdbx_model_type_details   ? 
# 
_struct_keywords.entry_id        190D 
_struct_keywords.pdbx_keywords   DNA 
_struct_keywords.text            'U-DNA, QUADRUPLE HELIX, PARALLEL-STRANDED TETRAPLEX, BASE INTERCALATED, MISMATCHED, DNA' 
# 
loop_
_struct_asym.id 
_struct_asym.pdbx_blank_PDB_chainid_flag 
_struct_asym.pdbx_modified 
_struct_asym.entity_id 
_struct_asym.details 
A N N 1 ? 
B N N 1 ? 
C N N 1 ? 
D N N 1 ? 
E N N 1 ? 
F N N 1 ? 
G N N 1 ? 
H N N 1 ? 
I N N 2 ? 
J N N 2 ? 
K N N 2 ? 
L N N 2 ? 
M N N 2 ? 
N N N 2 ? 
O N N 2 ? 
P N N 2 ? 
# 
_struct_ref.id                         1 
_struct_ref.entity_id                  1 
_struct_ref.db_name                    PDB 
_struct_ref.db_code                    190D 
_struct_ref.pdbx_db_accession          190D 
_struct_ref.pdbx_db_isoform            ? 
_struct_ref.pdbx_seq_one_letter_code   ? 
_struct_ref.pdbx_align_begin           ? 
# 
loop_
_struct_ref_seq.align_id 
_struct_ref_seq.ref_id 
_struct_ref_seq.pdbx_PDB_id_code 
_struct_ref_seq.pdbx_strand_id 
_struct_ref_seq.seq_align_beg 
_struct_ref_seq.pdbx_seq_align_beg_ins_code 
_struct_ref_seq.seq_align_end 
_struct_ref_seq.pdbx_seq_align_end_ins_code 
_struct_ref_seq.pdbx_db_accession 
_struct_ref_seq.db_align_beg 
_struct_ref_seq.pdbx_db_align_beg_ins_code 
_struct_ref_seq.db_align_end 
_struct_ref_seq.pdbx_db_align_end_ins_code 
_struct_ref_seq.pdbx_auth_seq_align_beg 
_struct_ref_seq.pdbx_auth_seq_align_end 
1 1 190D A 1 ? 4 ? 190D 1  ? 4  ? 1  4  
2 1 190D B 1 ? 4 ? 190D 5  ? 8  ? 5  8  
3 1 190D C 1 ? 4 ? 190D 9  ? 12 ? 9  12 
4 1 190D D 1 ? 4 ? 190D 13 ? 16 ? 13 16 
5 1 190D E 1 ? 4 ? 190D 17 ? 20 ? 17 20 
6 1 190D F 1 ? 4 ? 190D 21 ? 24 ? 21 24 
7 1 190D G 1 ? 4 ? 190D 25 ? 28 ? 25 28 
8 1 190D H 1 ? 4 ? 190D 29 ? 32 ? 29 32 
# 
loop_
_pdbx_struct_assembly.id 
_pdbx_struct_assembly.details 
_pdbx_struct_assembly.method_details 
_pdbx_struct_assembly.oligomeric_details 
_pdbx_struct_assembly.oligomeric_count 
1 author_defined_assembly              ?    tetrameric 4 
2 author_and_software_defined_assembly PISA tetrameric 4 
# 
loop_
_pdbx_struct_assembly_prop.biol_id 
_pdbx_struct_assembly_prop.type 
_pdbx_struct_assembly_prop.value 
_pdbx_struct_assembly_prop.details 
2 'ABSA (A^2)' 3810 ? 
2 MORE         7.1  ? 
2 'SSA (A^2)'  1490 ? 
# 
loop_
_pdbx_struct_assembly_gen.assembly_id 
_pdbx_struct_assembly_gen.oper_expression 
_pdbx_struct_assembly_gen.asym_id_list 
1 1 A,B,C,D,I,J,K,L 
2 1 E,F,G,H,M,N,O,P 
# 
_pdbx_struct_oper_list.id                   1 
_pdbx_struct_oper_list.type                 'identity operation' 
_pdbx_struct_oper_list.name                 1_555 
_pdbx_struct_oper_list.symmetry_operation   x,y,z 
_pdbx_struct_oper_list.matrix[1][1]         1.0000000000 
_pdbx_struct_oper_list.matrix[1][2]         0.0000000000 
_pdbx_struct_oper_list.matrix[1][3]         0.0000000000 
_pdbx_struct_oper_list.vector[1]            0.0000000000 
_pdbx_struct_oper_list.matrix[2][1]         0.0000000000 
_pdbx_struct_oper_list.matrix[2][2]         1.0000000000 
_pdbx_struct_oper_list.matrix[2][3]         0.0000000000 
_pdbx_struct_oper_list.vector[2]            0.0000000000 
_pdbx_struct_oper_list.matrix[3][1]         0.0000000000 
_pdbx_struct_oper_list.matrix[3][2]         0.0000000000 
_pdbx_struct_oper_list.matrix[3][3]         1.0000000000 
_pdbx_struct_oper_list.vector[3]            0.0000000000 
# 
loop_
_struct_biol.id 
_struct_biol.details 
1 ? 
2 ? 
# 
loop_
_struct_conn.id 
_struct_conn.conn_type_id 
_struct_conn.pdbx_leaving_atom_flag 
_struct_conn.pdbx_PDB_id 
_struct_conn.ptnr1_label_asym_id 
_struct_conn.ptnr1_label_comp_id 
_struct_conn.ptnr1_label_seq_id 
_struct_conn.ptnr1_label_atom_id 
_struct_conn.pdbx_ptnr1_label_alt_id 
_struct_conn.pdbx_ptnr1_PDB_ins_code 
_struct_conn.pdbx_ptnr1_standard_comp_id 
_struct_conn.ptnr1_symmetry 
_struct_conn.ptnr2_label_asym_id 
_struct_conn.ptnr2_label_comp_id 
_struct_conn.ptnr2_label_seq_id 
_struct_conn.ptnr2_label_atom_id 
_struct_conn.pdbx_ptnr2_label_alt_id 
_struct_conn.pdbx_ptnr2_PDB_ins_code 
_struct_conn.ptnr1_auth_asym_id 
_struct_conn.ptnr1_auth_comp_id 
_struct_conn.ptnr1_auth_seq_id 
_struct_conn.ptnr2_auth_asym_id 
_struct_conn.ptnr2_auth_comp_id 
_struct_conn.ptnr2_auth_seq_id 
_struct_conn.ptnr2_symmetry 
_struct_conn.pdbx_ptnr3_label_atom_id 
_struct_conn.pdbx_ptnr3_label_seq_id 
_struct_conn.pdbx_ptnr3_label_comp_id 
_struct_conn.pdbx_ptnr3_label_asym_id 
_struct_conn.pdbx_ptnr3_label_alt_id 
_struct_conn.pdbx_ptnr3_PDB_ins_code 
_struct_conn.details 
_struct_conn.pdbx_dist_value 
_struct_conn.pdbx_value_order 
_struct_conn.pdbx_role 
hydrog1  hydrog ? ? A DC 1 N4 ? ? ? 1_555 B DC 1 O2 ? ? A DC 1  B DC 5  1_555 ? ? ? ? ? ? TYPE_15_PAIR ? ? ? 
hydrog2  hydrog ? ? A DC 1 O2 ? ? ? 1_555 B DC 1 N4 ? ? A DC 1  B DC 5  1_555 ? ? ? ? ? ? TYPE_15_PAIR ? ? ? 
hydrog3  hydrog ? ? A DC 2 N4 ? ? ? 1_555 B DC 2 O2 ? ? A DC 2  B DC 6  1_555 ? ? ? ? ? ? TYPE_15_PAIR ? ? ? 
hydrog4  hydrog ? ? A DC 2 O2 ? ? ? 1_555 B DC 2 N4 ? ? A DC 2  B DC 6  1_555 ? ? ? ? ? ? TYPE_15_PAIR ? ? ? 
hydrog5  hydrog ? ? A DC 3 N4 ? ? ? 1_555 B DC 3 O2 ? ? A DC 3  B DC 7  1_555 ? ? ? ? ? ? TYPE_15_PAIR ? ? ? 
hydrog6  hydrog ? ? A DC 3 O2 ? ? ? 1_555 B DC 3 N4 ? ? A DC 3  B DC 7  1_555 ? ? ? ? ? ? TYPE_15_PAIR ? ? ? 
hydrog7  hydrog ? ? A DC 4 N4 ? ? ? 1_555 B DC 4 O2 ? ? A DC 4  B DC 8  1_555 ? ? ? ? ? ? TYPE_15_PAIR ? ? ? 
hydrog8  hydrog ? ? A DC 4 O2 ? ? ? 1_555 B DC 4 N4 ? ? A DC 4  B DC 8  1_555 ? ? ? ? ? ? TYPE_15_PAIR ? ? ? 
hydrog9  hydrog ? ? C DC 1 N4 ? ? ? 1_555 D DC 1 O2 ? ? C DC 9  D DC 13 1_555 ? ? ? ? ? ? TYPE_15_PAIR ? ? ? 
hydrog10 hydrog ? ? C DC 1 O2 ? ? ? 1_555 D DC 1 N4 ? ? C DC 9  D DC 13 1_555 ? ? ? ? ? ? TYPE_15_PAIR ? ? ? 
hydrog11 hydrog ? ? C DC 2 N4 ? ? ? 1_555 D DC 2 O2 ? ? C DC 10 D DC 14 1_555 ? ? ? ? ? ? TYPE_15_PAIR ? ? ? 
hydrog12 hydrog ? ? C DC 2 O2 ? ? ? 1_555 D DC 2 N4 ? ? C DC 10 D DC 14 1_555 ? ? ? ? ? ? TYPE_15_PAIR ? ? ? 
hydrog13 hydrog ? ? C DC 3 N4 ? ? ? 1_555 D DC 3 O2 ? ? C DC 11 D DC 15 1_555 ? ? ? ? ? ? TYPE_15_PAIR ? ? ? 
hydrog14 hydrog ? ? C DC 3 O2 ? ? ? 1_555 D DC 3 N4 ? ? C DC 11 D DC 15 1_555 ? ? ? ? ? ? TYPE_15_PAIR ? ? ? 
hydrog15 hydrog ? ? C DC 4 N4 ? ? ? 1_555 D DC 4 O2 ? ? C DC 12 D DC 16 1_555 ? ? ? ? ? ? TYPE_15_PAIR ? ? ? 
hydrog16 hydrog ? ? C DC 4 O2 ? ? ? 1_555 D DC 4 N4 ? ? C DC 12 D DC 16 1_555 ? ? ? ? ? ? TYPE_15_PAIR ? ? ? 
hydrog17 hydrog ? ? E DC 1 N3 ? ? ? 1_555 F DC 1 N4 ? ? E DC 17 F DC 21 1_555 ? ? ? ? ? ? TYPE_14_PAIR ? ? ? 
hydrog18 hydrog ? ? E DC 1 N4 ? ? ? 1_555 F DC 1 N3 ? ? E DC 17 F DC 21 1_555 ? ? ? ? ? ? TYPE_14_PAIR ? ? ? 
hydrog19 hydrog ? ? E DC 2 N4 ? ? ? 1_555 F DC 2 O2 ? ? E DC 18 F DC 22 1_555 ? ? ? ? ? ? TYPE_15_PAIR ? ? ? 
hydrog20 hydrog ? ? E DC 2 O2 ? ? ? 1_555 F DC 2 N4 ? ? E DC 18 F DC 22 1_555 ? ? ? ? ? ? TYPE_15_PAIR ? ? ? 
hydrog21 hydrog ? ? E DC 3 N4 ? ? ? 1_555 F DC 3 O2 ? ? E DC 19 F DC 23 1_555 ? ? ? ? ? ? TYPE_15_PAIR ? ? ? 
hydrog22 hydrog ? ? E DC 3 O2 ? ? ? 1_555 F DC 3 N4 ? ? E DC 19 F DC 23 1_555 ? ? ? ? ? ? TYPE_15_PAIR ? ? ? 
hydrog23 hydrog ? ? E DC 4 N4 ? ? ? 1_555 F DC 4 O2 ? ? E DC 20 F DC 24 1_555 ? ? ? ? ? ? TYPE_15_PAIR ? ? ? 
hydrog24 hydrog ? ? E DC 4 O2 ? ? ? 1_555 F DC 4 N4 ? ? E DC 20 F DC 24 1_555 ? ? ? ? ? ? TYPE_15_PAIR ? ? ? 
hydrog25 hydrog ? ? G DC 1 N4 ? ? ? 1_555 H DC 1 O2 ? ? G DC 25 H DC 29 1_555 ? ? ? ? ? ? TYPE_15_PAIR ? ? ? 
hydrog26 hydrog ? ? G DC 1 O2 ? ? ? 1_555 H DC 1 N4 ? ? G DC 25 H DC 29 1_555 ? ? ? ? ? ? TYPE_15_PAIR ? ? ? 
hydrog27 hydrog ? ? G DC 2 N4 ? ? ? 1_555 H DC 2 O2 ? ? G DC 26 H DC 30 1_555 ? ? ? ? ? ? TYPE_15_PAIR ? ? ? 
hydrog28 hydrog ? ? G DC 2 O2 ? ? ? 1_555 H DC 2 N4 ? ? G DC 26 H DC 30 1_555 ? ? ? ? ? ? TYPE_15_PAIR ? ? ? 
hydrog29 hydrog ? ? G DC 3 N4 ? ? ? 1_555 H DC 3 O2 ? ? G DC 27 H DC 31 1_555 ? ? ? ? ? ? TYPE_15_PAIR ? ? ? 
hydrog30 hydrog ? ? G DC 3 O2 ? ? ? 1_555 H DC 3 N4 ? ? G DC 27 H DC 31 1_555 ? ? ? ? ? ? TYPE_15_PAIR ? ? ? 
hydrog31 hydrog ? ? G DC 4 N4 ? ? ? 1_555 H DC 4 O2 ? ? G DC 28 H DC 32 1_555 ? ? ? ? ? ? TYPE_15_PAIR ? ? ? 
hydrog32 hydrog ? ? G DC 4 O2 ? ? ? 1_555 H DC 4 N4 ? ? G DC 28 H DC 32 1_555 ? ? ? ? ? ? TYPE_15_PAIR ? ? ? 
# 
_struct_conn_type.id          hydrog 
_struct_conn_type.criteria    ? 
_struct_conn_type.reference   ? 
# 
loop_
_pdbx_validate_close_contact.id 
_pdbx_validate_close_contact.PDB_model_num 
_pdbx_validate_close_contact.auth_atom_id_1 
_pdbx_validate_close_contact.auth_asym_id_1 
_pdbx_validate_close_contact.auth_comp_id_1 
_pdbx_validate_close_contact.auth_seq_id_1 
_pdbx_validate_close_contact.PDB_ins_code_1 
_pdbx_validate_close_contact.label_alt_id_1 
_pdbx_validate_close_contact.auth_atom_id_2 
_pdbx_validate_close_contact.auth_asym_id_2 
_pdbx_validate_close_contact.auth_comp_id_2 
_pdbx_validate_close_contact.auth_seq_id_2 
_pdbx_validate_close_contact.PDB_ins_code_2 
_pdbx_validate_close_contact.label_alt_id_2 
_pdbx_validate_close_contact.dist 
1 1 H41 A DC  3  ? ? H1 E HOH 60 ? ? 0.95 
2 1 H41 E DC  20 ? ? H1 E HOH 47 ? ? 1.16 
3 1 H41 H DC  32 ? ? H2 H HOH 63 ? ? 1.16 
4 1 H41 G DC  28 ? ? H2 G HOH 51 ? ? 1.22 
5 1 H41 B DC  7  ? ? H2 B HOH 41 ? ? 1.27 
6 1 H1  B HOH 68 ? ? H1 D HOH 56 ? ? 1.28 
7 1 H42 B DC  5  ? ? H2 B HOH 68 ? ? 1.30 
# 
_pdbx_validate_symm_contact.id                1 
_pdbx_validate_symm_contact.PDB_model_num     1 
_pdbx_validate_symm_contact.auth_atom_id_1    H41 
_pdbx_validate_symm_contact.auth_asym_id_1    H 
_pdbx_validate_symm_contact.auth_comp_id_1    DC 
_pdbx_validate_symm_contact.auth_seq_id_1     30 
_pdbx_validate_symm_contact.PDB_ins_code_1    ? 
_pdbx_validate_symm_contact.label_alt_id_1    ? 
_pdbx_validate_symm_contact.site_symmetry_1   1_555 
_pdbx_validate_symm_contact.auth_atom_id_2    H2 
_pdbx_validate_symm_contact.auth_asym_id_2    D 
_pdbx_validate_symm_contact.auth_comp_id_2    HOH 
_pdbx_validate_symm_contact.auth_seq_id_2     38 
_pdbx_validate_symm_contact.PDB_ins_code_2    ? 
_pdbx_validate_symm_contact.label_alt_id_2    ? 
_pdbx_validate_symm_contact.site_symmetry_2   23_555 
_pdbx_validate_symm_contact.dist              1.02 
# 
loop_
_pdbx_validate_rmsd_bond.id 
_pdbx_validate_rmsd_bond.PDB_model_num 
_pdbx_validate_rmsd_bond.auth_atom_id_1 
_pdbx_validate_rmsd_bond.auth_asym_id_1 
_pdbx_validate_rmsd_bond.auth_comp_id_1 
_pdbx_validate_rmsd_bond.auth_seq_id_1 
_pdbx_validate_rmsd_bond.PDB_ins_code_1 
_pdbx_validate_rmsd_bond.label_alt_id_1 
_pdbx_validate_rmsd_bond.auth_atom_id_2 
_pdbx_validate_rmsd_bond.auth_asym_id_2 
_pdbx_validate_rmsd_bond.auth_comp_id_2 
_pdbx_validate_rmsd_bond.auth_seq_id_2 
_pdbx_validate_rmsd_bond.PDB_ins_code_2 
_pdbx_validate_rmsd_bond.label_alt_id_2 
_pdbx_validate_rmsd_bond.bond_value 
_pdbx_validate_rmsd_bond.bond_target_value 
_pdbx_validate_rmsd_bond.bond_deviation 
_pdbx_validate_rmsd_bond.bond_standard_deviation 
_pdbx_validate_rmsd_bond.linker_flag 
1 1 "C4'" B DC 7  ? ? "C3'" B DC 7  ? ? 1.458 1.521 -0.063 0.010 N 
2 1 "C5'" F DC 21 ? ? "C4'" F DC 21 ? ? 1.572 1.512 0.060  0.007 N 
3 1 "C3'" H DC 29 ? ? "C2'" H DC 29 ? ? 1.466 1.516 -0.050 0.008 N 
# 
loop_
_pdbx_validate_rmsd_angle.id 
_pdbx_validate_rmsd_angle.PDB_model_num 
_pdbx_validate_rmsd_angle.auth_atom_id_1 
_pdbx_validate_rmsd_angle.auth_asym_id_1 
_pdbx_validate_rmsd_angle.auth_comp_id_1 
_pdbx_validate_rmsd_angle.auth_seq_id_1 
_pdbx_validate_rmsd_angle.PDB_ins_code_1 
_pdbx_validate_rmsd_angle.label_alt_id_1 
_pdbx_validate_rmsd_angle.auth_atom_id_2 
_pdbx_validate_rmsd_angle.auth_asym_id_2 
_pdbx_validate_rmsd_angle.auth_comp_id_2 
_pdbx_validate_rmsd_angle.auth_seq_id_2 
_pdbx_validate_rmsd_angle.PDB_ins_code_2 
_pdbx_validate_rmsd_angle.label_alt_id_2 
_pdbx_validate_rmsd_angle.auth_atom_id_3 
_pdbx_validate_rmsd_angle.auth_asym_id_3 
_pdbx_validate_rmsd_angle.auth_comp_id_3 
_pdbx_validate_rmsd_angle.auth_seq_id_3 
_pdbx_validate_rmsd_angle.PDB_ins_code_3 
_pdbx_validate_rmsd_angle.label_alt_id_3 
_pdbx_validate_rmsd_angle.angle_value 
_pdbx_validate_rmsd_angle.angle_target_value 
_pdbx_validate_rmsd_angle.angle_deviation 
_pdbx_validate_rmsd_angle.angle_standard_deviation 
_pdbx_validate_rmsd_angle.linker_flag 
1  1 "O4'" A DC 1  ? ? "C1'" A DC 1  ? ? N1    A DC 1  ? ? 110.88 108.30 2.58  0.30 N 
2  1 "O4'" A DC 2  ? ? "C4'" A DC 2  ? ? "C3'" A DC 2  ? ? 98.65  104.50 -5.85 0.40 N 
3  1 "O4'" A DC 2  ? ? "C1'" A DC 2  ? ? N1    A DC 2  ? ? 111.83 108.30 3.53  0.30 N 
4  1 N1    A DC 2  ? ? C2    A DC 2  ? ? O2    A DC 2  ? ? 123.00 118.90 4.10  0.60 N 
5  1 "C3'" A DC 2  ? ? "O3'" A DC 2  ? ? P     A DC 3  ? ? 127.16 119.70 7.46  1.20 Y 
6  1 N1    A DC 3  ? ? C2    A DC 3  ? ? O2    A DC 3  ? ? 123.21 118.90 4.31  0.60 N 
7  1 "C1'" A DC 4  ? ? "O4'" A DC 4  ? ? "C4'" A DC 4  ? ? 101.13 110.10 -8.97 1.00 N 
8  1 C2    A DC 4  ? ? N3    A DC 4  ? ? C4    A DC 4  ? ? 123.26 119.90 3.36  0.50 N 
9  1 N3    A DC 4  ? ? C4    A DC 4  ? ? C5    A DC 4  ? ? 119.06 121.90 -2.84 0.40 N 
10 1 "C1'" B DC 6  ? ? "O4'" B DC 6  ? ? "C4'" B DC 6  ? ? 103.27 110.10 -6.83 1.00 N 
11 1 "O4'" B DC 6  ? ? "C1'" B DC 6  ? ? N1    B DC 6  ? ? 111.04 108.30 2.74  0.30 N 
12 1 "C1'" C DC 10 ? ? "O4'" C DC 10 ? ? "C4'" C DC 10 ? ? 103.38 110.10 -6.72 1.00 N 
13 1 N1    C DC 10 ? ? C2    C DC 10 ? ? O2    C DC 10 ? ? 123.76 118.90 4.86  0.60 N 
14 1 "O4'" D DC 13 ? ? "C1'" D DC 13 ? ? N1    D DC 13 ? ? 110.48 108.30 2.18  0.30 N 
15 1 "C3'" D DC 13 ? ? "O3'" D DC 13 ? ? P     D DC 14 ? ? 127.10 119.70 7.40  1.20 Y 
16 1 C2    D DC 14 ? ? N3    D DC 14 ? ? C4    D DC 14 ? ? 123.29 119.90 3.39  0.50 N 
17 1 N1    D DC 15 ? ? C2    D DC 15 ? ? O2    D DC 15 ? ? 123.40 118.90 4.50  0.60 N 
18 1 C2    E DC 20 ? ? N3    E DC 20 ? ? C4    E DC 20 ? ? 122.98 119.90 3.08  0.50 N 
19 1 "C1'" F DC 22 ? ? "O4'" F DC 22 ? ? "C4'" F DC 22 ? ? 102.40 110.10 -7.70 1.00 N 
20 1 "O4'" F DC 23 ? ? "C1'" F DC 23 ? ? N1    F DC 23 ? ? 103.51 108.00 -4.49 0.70 N 
21 1 "O4'" G DC 25 ? ? "C1'" G DC 25 ? ? N1    G DC 25 ? ? 110.64 108.30 2.34  0.30 N 
22 1 C2    G DC 25 ? ? N3    G DC 25 ? ? C4    G DC 25 ? ? 123.00 119.90 3.10  0.50 N 
23 1 N1    G DC 25 ? ? C2    G DC 25 ? ? O2    G DC 25 ? ? 122.87 118.90 3.97  0.60 N 
24 1 "C1'" G DC 26 ? ? "O4'" G DC 26 ? ? "C4'" G DC 26 ? ? 103.85 110.10 -6.25 1.00 N 
25 1 "C1'" G DC 27 ? ? "O4'" G DC 27 ? ? "C4'" G DC 27 ? ? 103.88 110.10 -6.22 1.00 N 
26 1 "C4'" G DC 27 ? ? "C3'" G DC 27 ? ? "C2'" G DC 27 ? ? 97.53  102.20 -4.67 0.70 N 
27 1 "O4'" G DC 27 ? ? "C1'" G DC 27 ? ? N1    G DC 27 ? ? 111.47 108.30 3.17  0.30 N 
28 1 "C3'" G DC 27 ? ? "O3'" G DC 27 ? ? P     G DC 28 ? ? 128.40 119.70 8.70  1.20 Y 
29 1 "C1'" G DC 28 ? ? "O4'" G DC 28 ? ? "C4'" G DC 28 ? ? 102.32 110.10 -7.78 1.00 N 
30 1 "C4'" H DC 30 ? ? "C3'" H DC 30 ? ? "C2'" H DC 30 ? ? 96.53  102.20 -5.67 0.70 N 
31 1 N1    H DC 30 ? ? C2    H DC 30 ? ? O2    H DC 30 ? ? 122.50 118.90 3.60  0.60 N 
32 1 "O4'" H DC 31 ? ? "C4'" H DC 31 ? ? "C3'" H DC 31 ? ? 101.53 104.50 -2.97 0.40 N 
33 1 "O4'" H DC 31 ? ? "C1'" H DC 31 ? ? N1    H DC 31 ? ? 110.54 108.30 2.24  0.30 N 
# 
loop_
_pdbx_validate_planes.id 
_pdbx_validate_planes.PDB_model_num 
_pdbx_validate_planes.auth_comp_id 
_pdbx_validate_planes.auth_asym_id 
_pdbx_validate_planes.auth_seq_id 
_pdbx_validate_planes.PDB_ins_code 
_pdbx_validate_planes.label_alt_id 
_pdbx_validate_planes.rmsd 
_pdbx_validate_planes.type 
1 1 DC C 9  ? ? 0.092 'SIDE CHAIN' 
2 1 DC C 10 ? ? 0.081 'SIDE CHAIN' 
# 
loop_
_refine_B_iso.class 
_refine_B_iso.details 
_refine_B_iso.treatment 
_refine_B_iso.pdbx_refine_id 
'ALL ATOMS'  TR isotropic 'X-RAY DIFFRACTION' 
'ALL WATERS' TR isotropic 'X-RAY DIFFRACTION' 
# 
loop_
_refine_occupancy.class 
_refine_occupancy.treatment 
_refine_occupancy.pdbx_refine_id 
'ALL ATOMS'  fix 'X-RAY DIFFRACTION' 
'ALL WATERS' fix 'X-RAY DIFFRACTION' 
# 
loop_
_chem_comp_atom.comp_id 
_chem_comp_atom.atom_id 
_chem_comp_atom.type_symbol 
_chem_comp_atom.pdbx_aromatic_flag 
_chem_comp_atom.pdbx_stereo_config 
_chem_comp_atom.pdbx_ordinal 
DC  OP3    O N N 1  
DC  P      P N N 2  
DC  OP1    O N N 3  
DC  OP2    O N N 4  
DC  "O5'"  O N N 5  
DC  "C5'"  C N N 6  
DC  "C4'"  C N R 7  
DC  "O4'"  O N N 8  
DC  "C3'"  C N S 9  
DC  "O3'"  O N N 10 
DC  "C2'"  C N N 11 
DC  "C1'"  C N R 12 
DC  N1     N N N 13 
DC  C2     C N N 14 
DC  O2     O N N 15 
DC  N3     N N N 16 
DC  C4     C N N 17 
DC  N4     N N N 18 
DC  C5     C N N 19 
DC  C6     C N N 20 
DC  HOP3   H N N 21 
DC  HOP2   H N N 22 
DC  "H5'"  H N N 23 
DC  "H5''" H N N 24 
DC  "H4'"  H N N 25 
DC  "H3'"  H N N 26 
DC  "HO3'" H N N 27 
DC  "H2'"  H N N 28 
DC  "H2''" H N N 29 
DC  "H1'"  H N N 30 
DC  H41    H N N 31 
DC  H42    H N N 32 
DC  H5     H N N 33 
DC  H6     H N N 34 
HOH O      O N N 35 
HOH H1     H N N 36 
HOH H2     H N N 37 
# 
loop_
_chem_comp_bond.comp_id 
_chem_comp_bond.atom_id_1 
_chem_comp_bond.atom_id_2 
_chem_comp_bond.value_order 
_chem_comp_bond.pdbx_aromatic_flag 
_chem_comp_bond.pdbx_stereo_config 
_chem_comp_bond.pdbx_ordinal 
DC  OP3   P      sing N N 1  
DC  OP3   HOP3   sing N N 2  
DC  P     OP1    doub N N 3  
DC  P     OP2    sing N N 4  
DC  P     "O5'"  sing N N 5  
DC  OP2   HOP2   sing N N 6  
DC  "O5'" "C5'"  sing N N 7  
DC  "C5'" "C4'"  sing N N 8  
DC  "C5'" "H5'"  sing N N 9  
DC  "C5'" "H5''" sing N N 10 
DC  "C4'" "O4'"  sing N N 11 
DC  "C4'" "C3'"  sing N N 12 
DC  "C4'" "H4'"  sing N N 13 
DC  "O4'" "C1'"  sing N N 14 
DC  "C3'" "O3'"  sing N N 15 
DC  "C3'" "C2'"  sing N N 16 
DC  "C3'" "H3'"  sing N N 17 
DC  "O3'" "HO3'" sing N N 18 
DC  "C2'" "C1'"  sing N N 19 
DC  "C2'" "H2'"  sing N N 20 
DC  "C2'" "H2''" sing N N 21 
DC  "C1'" N1     sing N N 22 
DC  "C1'" "H1'"  sing N N 23 
DC  N1    C2     sing N N 24 
DC  N1    C6     sing N N 25 
DC  C2    O2     doub N N 26 
DC  C2    N3     sing N N 27 
DC  N3    C4     doub N N 28 
DC  C4    N4     sing N N 29 
DC  C4    C5     sing N N 30 
DC  N4    H41    sing N N 31 
DC  N4    H42    sing N N 32 
DC  C5    C6     doub N N 33 
DC  C5    H5     sing N N 34 
DC  C6    H6     sing N N 35 
HOH O     H1     sing N N 36 
HOH O     H2     sing N N 37 
# 
loop_
_ndb_struct_conf_na.entry_id 
_ndb_struct_conf_na.feature 
190D 'double helix'         
190D 'parallel strands'     
190D 'mismatched base pair' 
# 
loop_
_ndb_struct_na_base_pair.model_number 
_ndb_struct_na_base_pair.i_label_asym_id 
_ndb_struct_na_base_pair.i_label_comp_id 
_ndb_struct_na_base_pair.i_label_seq_id 
_ndb_struct_na_base_pair.i_symmetry 
_ndb_struct_na_base_pair.j_label_asym_id 
_ndb_struct_na_base_pair.j_label_comp_id 
_ndb_struct_na_base_pair.j_label_seq_id 
_ndb_struct_na_base_pair.j_symmetry 
_ndb_struct_na_base_pair.shear 
_ndb_struct_na_base_pair.stretch 
_ndb_struct_na_base_pair.stagger 
_ndb_struct_na_base_pair.buckle 
_ndb_struct_na_base_pair.propeller 
_ndb_struct_na_base_pair.opening 
_ndb_struct_na_base_pair.pair_number 
_ndb_struct_na_base_pair.pair_name 
_ndb_struct_na_base_pair.i_auth_asym_id 
_ndb_struct_na_base_pair.i_auth_seq_id 
_ndb_struct_na_base_pair.i_PDB_ins_code 
_ndb_struct_na_base_pair.j_auth_asym_id 
_ndb_struct_na_base_pair.j_auth_seq_id 
_ndb_struct_na_base_pair.j_PDB_ins_code 
_ndb_struct_na_base_pair.hbond_type_28 
_ndb_struct_na_base_pair.hbond_type_12 
1 A DC 1 1_555 B DC 1 1_555 -2.027 -1.431 0.182  18.437  1.868  -178.307 1  A_DC1:DC5_B   A 1  ? B 5  ? 15 2 
1 D DC 4 1_555 C DC 4 1_555 2.053  1.162  0.176  4.138   0.105  179.472  2  D_DC16:DC12_C D 16 ? C 12 ? 15 2 
1 A DC 2 1_555 B DC 2 1_555 1.917  1.315  -0.126 -8.400  0.923  178.796  3  A_DC2:DC6_B   A 2  ? B 6  ? 15 2 
1 D DC 3 1_555 C DC 3 1_555 -2.012 -1.324 0.015  4.510   2.494  -179.046 4  D_DC15:DC11_C D 15 ? C 11 ? 15 2 
1 A DC 3 1_555 B DC 3 1_555 1.988  1.330  0.195  -2.343  0.019  178.311  5  A_DC3:DC7_B   A 3  ? B 7  ? 15 2 
1 D DC 2 1_555 C DC 2 1_555 1.987  1.158  0.057  -9.059  -0.603 179.830  6  D_DC14:DC10_C D 14 ? C 10 ? 15 2 
1 A DC 4 1_555 B DC 4 1_555 2.096  1.222  -0.070 6.674   -0.417 178.411  7  A_DC4:DC8_B   A 4  ? B 8  ? 15 2 
1 D DC 1 1_555 C DC 1 1_555 1.995  1.260  0.217  -19.851 -0.343 178.564  8  D_DC13:DC9_C  D 13 ? C 9  ? 15 2 
1 E DC 1 1_555 F DC 1 1_555 -2.045 -0.748 0.080  12.537  -9.725 -178.387 9  E_DC17:DC21_F E 17 ? F 21 ? 14 2 
1 H DC 4 1_555 G DC 4 1_555 -2.074 -1.170 -0.091 0.908   11.551 -179.636 10 H_DC32:DC28_G H 32 ? G 28 ? 15 2 
1 E DC 2 1_555 F DC 2 1_555 -2.047 -1.256 -0.060 6.855   2.117  -179.010 11 E_DC18:DC22_F E 18 ? F 22 ? 15 2 
1 H DC 3 1_555 G DC 3 1_555 2.029  1.409  0.099  -4.954  -3.063 179.386  12 H_DC31:DC27_G H 31 ? G 27 ? 15 2 
1 E DC 3 1_555 F DC 3 1_555 2.085  1.448  -0.015 -5.312  -2.453 178.954  13 E_DC19:DC23_F E 19 ? F 23 ? 15 2 
1 H DC 2 1_555 G DC 2 1_555 2.070  1.251  0.070  -3.664  -0.570 178.532  14 H_DC30:DC26_G H 30 ? G 26 ? 15 2 
1 E DC 4 1_555 F DC 4 1_555 1.905  1.398  0.009  -7.204  -4.078 179.355  15 E_DC20:DC24_F E 20 ? F 24 ? 15 2 
1 H DC 1 1_555 G DC 1 1_555 -1.995 -1.224 -0.027 1.867   0.453  -179.767 16 H_DC29:DC25_G H 29 ? G 25 ? 15 2 
# 
loop_
_ndb_struct_na_base_pair_step.model_number 
_ndb_struct_na_base_pair_step.i_label_asym_id_1 
_ndb_struct_na_base_pair_step.i_label_comp_id_1 
_ndb_struct_na_base_pair_step.i_label_seq_id_1 
_ndb_struct_na_base_pair_step.i_symmetry_1 
_ndb_struct_na_base_pair_step.j_label_asym_id_1 
_ndb_struct_na_base_pair_step.j_label_comp_id_1 
_ndb_struct_na_base_pair_step.j_label_seq_id_1 
_ndb_struct_na_base_pair_step.j_symmetry_1 
_ndb_struct_na_base_pair_step.i_label_asym_id_2 
_ndb_struct_na_base_pair_step.i_label_comp_id_2 
_ndb_struct_na_base_pair_step.i_label_seq_id_2 
_ndb_struct_na_base_pair_step.i_symmetry_2 
_ndb_struct_na_base_pair_step.j_label_asym_id_2 
_ndb_struct_na_base_pair_step.j_label_comp_id_2 
_ndb_struct_na_base_pair_step.j_label_seq_id_2 
_ndb_struct_na_base_pair_step.j_symmetry_2 
_ndb_struct_na_base_pair_step.shift 
_ndb_struct_na_base_pair_step.slide 
_ndb_struct_na_base_pair_step.rise 
_ndb_struct_na_base_pair_step.tilt 
_ndb_struct_na_base_pair_step.roll 
_ndb_struct_na_base_pair_step.twist 
_ndb_struct_na_base_pair_step.x_displacement 
_ndb_struct_na_base_pair_step.y_displacement 
_ndb_struct_na_base_pair_step.helical_rise 
_ndb_struct_na_base_pair_step.inclination 
_ndb_struct_na_base_pair_step.tip 
_ndb_struct_na_base_pair_step.helical_twist 
_ndb_struct_na_base_pair_step.step_number 
_ndb_struct_na_base_pair_step.step_name 
_ndb_struct_na_base_pair_step.i_auth_asym_id_1 
_ndb_struct_na_base_pair_step.i_auth_seq_id_1 
_ndb_struct_na_base_pair_step.i_PDB_ins_code_1 
_ndb_struct_na_base_pair_step.j_auth_asym_id_1 
_ndb_struct_na_base_pair_step.j_auth_seq_id_1 
_ndb_struct_na_base_pair_step.j_PDB_ins_code_1 
_ndb_struct_na_base_pair_step.i_auth_asym_id_2 
_ndb_struct_na_base_pair_step.i_auth_seq_id_2 
_ndb_struct_na_base_pair_step.i_PDB_ins_code_2 
_ndb_struct_na_base_pair_step.j_auth_asym_id_2 
_ndb_struct_na_base_pair_step.j_auth_seq_id_2 
_ndb_struct_na_base_pair_step.j_PDB_ins_code_2 
1 A DC 1 1_555 B DC 1 1_555 D DC 4 1_555 C DC 4 1_555 -2.533 -1.938 -0.192 -117.386 133.516  26.678  -0.962 1.273  0.167  67.399  
59.257  177.841  1  AD_DC1DC16:DC12DC5_CB   A 1  ? B 5  ? D 16 ? C 12 ? 
1 D DC 4 1_555 C DC 4 1_555 A DC 2 1_555 B DC 2 1_555 -1.788 2.497  -0.063 -142.218 -102.257 39.733  1.231  0.920  -0.027 -52.060 
72.405  175.452  2  DA_DC16DC2:DC6DC12_BC   D 16 ? C 12 ? A 2  ? B 6  ? 
1 A DC 2 1_555 B DC 2 1_555 D DC 3 1_555 C DC 3 1_555 2.316  2.091  0.023  112.177  -136.698 24.318  1.010  -1.188 -0.139 -69.315 
-56.881 176.904  3  AD_DC2DC15:DC11DC6_CB   A 2  ? B 6  ? D 15 ? C 11 ? 
1 D DC 3 1_555 C DC 3 1_555 A DC 3 1_555 B DC 3 1_555 2.578  1.818  -0.074 -101.203 144.075  23.744  0.937  -1.270 -0.010 73.315  
51.499  176.151  4  DA_DC15DC3:DC7DC11_BC   D 15 ? C 11 ? A 3  ? B 7  ? 
1 A DC 3 1_555 B DC 3 1_555 D DC 2 1_555 C DC 2 1_555 2.129  -2.335 0.106  -131.512 -118.625 149.530 -1.158 -1.075 0.098  -59.346 
65.794  179.240  5  AD_DC3DC14:DC10DC7_CB   A 3  ? B 7  ? D 14 ? C 10 ? 
1 D DC 2 1_555 C DC 2 1_555 A DC 4 1_555 B DC 4 1_555 -1.780 2.582  -0.044 -145.956 -101.547 50.473  1.277  0.910  -0.031 -51.133 
73.495  178.016  6  DA_DC14DC4:DC8DC10_BC   D 14 ? C 10 ? A 4  ? B 8  ? 
1 A DC 4 1_555 B DC 4 1_555 D DC 1 1_555 C DC 1 1_555 2.230  -2.239 0.336  -130.888 -118.530 165.025 -1.105 -1.131 0.313  -59.275 
65.455  179.555  7  AD_DC4DC13:DC9DC8_CB    A 4  ? B 8  ? D 13 ? C 9  ? 
1 E DC 1 1_555 F DC 1 1_555 H DC 4 1_555 G DC 4 1_555 -2.390 2.012  0.050  126.835  126.209  -70.847 -1.061 -1.140 0.253  -63.263 
63.577  -179.127 8  EH_DC17DC32:DC28DC21_GF E 17 ? F 21 ? H 32 ? G 28 ? 
1 H DC 4 1_555 G DC 4 1_555 E DC 2 1_555 F DC 2 1_555 2.023  -2.846 -0.099 144.808  104.732  -77.768 1.443  0.985  -0.040 -52.506 
72.598  -178.997 9  HE_DC32DC18:DC22DC28_FG H 32 ? G 28 ? E 18 ? F 22 ? 
1 E DC 2 1_555 F DC 2 1_555 H DC 3 1_555 G DC 3 1_555 -2.344 -1.960 -0.044 -115.725 135.946  134.394 -0.974 1.177  -0.030 68.017  
57.900  179.431  10 EH_DC18DC31:DC27DC22_GF E 18 ? F 22 ? H 31 ? G 27 ? 
1 H DC 3 1_555 G DC 3 1_555 E DC 3 1_555 F DC 3 1_555 -1.644 2.790  -0.105 -146.412 -97.794  45.354  1.337  0.909  -0.209 -49.568 
74.210  176.373  11 HE_DC31DC19:DC23DC27_FG H 31 ? G 27 ? E 19 ? F 23 ? 
1 E DC 3 1_555 F DC 3 1_555 H DC 2 1_555 G DC 2 1_555 2.020  -2.439 0.176  -138.026 -114.121 152.433 -1.206 -1.026 0.170  -57.069 
69.023  179.784  12 EH_DC19DC30:DC26DC23_GF E 19 ? F 23 ? H 30 ? G 26 ? 
1 H DC 2 1_555 G DC 2 1_555 E DC 4 1_555 F DC 4 1_555 -1.541 2.820  0.081  -148.647 -98.031  27.409  1.376  0.822  -0.240 -49.423 
74.941  178.116  13 HE_DC30DC20:DC24DC26_FG H 30 ? G 26 ? E 20 ? F 24 ? 
1 E DC 4 1_555 F DC 4 1_555 H DC 1 1_555 G DC 1 1_555 -2.225 -2.093 -0.181 -117.325 132.353  3.828   -0.947 1.202  -0.097 67.309  
59.666  176.870  14 EH_DC20DC29:DC25DC24_GF E 20 ? F 24 ? H 29 ? G 25 ? 
# 
_atom_sites.entry_id                    190D 
_atom_sites.fract_transf_matrix[1][1]   0.00496922 
_atom_sites.fract_transf_matrix[1][2]   -0.01108615 
_atom_sites.fract_transf_matrix[1][3]   -0.00022571 
_atom_sites.fract_transf_matrix[2][1]   -0.00934058 
_atom_sites.fract_transf_matrix[2][2]   -0.00405177 
_atom_sites.fract_transf_matrix[2][3]   -0.00663200 
_atom_sites.fract_transf_matrix[3][1]   0.00597554 
_atom_sites.fract_transf_matrix[3][2]   0.00288570 
_atom_sites.fract_transf_matrix[3][3]   -0.01017902 
_atom_sites.fract_transf_vector[1]      0.574097 
_atom_sites.fract_transf_vector[2]      0.151884 
_atom_sites.fract_transf_vector[3]      0.170419 
# 
loop_
_atom_type.symbol 
C 
H 
N 
O 
P 
# 
loop_
_atom_site.group_PDB 
_atom_site.id 
_atom_site.type_symbol 
_atom_site.label_atom_id 
_atom_site.label_alt_id 
_atom_site.label_comp_id 
_atom_site.label_asym_id 
_atom_site.label_entity_id 
_atom_site.label_seq_id 
_atom_site.pdbx_PDB_ins_code 
_atom_site.Cartn_x 
_atom_site.Cartn_y 
_atom_site.Cartn_z 
_atom_site.occupancy 
_atom_site.B_iso_or_equiv 
_atom_site.pdbx_formal_charge 
_atom_site.auth_seq_id 
_atom_site.auth_comp_id 
_atom_site.auth_asym_id 
_atom_site.auth_atom_id 
_atom_site.pdbx_PDB_model_num 
ATOM   1    O "O5'"  . DC  A 1 1 ? -12.691 4.608   -6.725  1.00 30.28 ? 1  DC  A "O5'"  1 
ATOM   2    C "C5'"  . DC  A 1 1 ? -12.628 5.104   -8.068  1.00 29.09 ? 1  DC  A "C5'"  1 
ATOM   3    C "C4'"  . DC  A 1 1 ? -11.332 5.872   -8.324  1.00 28.97 ? 1  DC  A "C4'"  1 
ATOM   4    O "O4'"  . DC  A 1 1 ? -11.223 6.943   -7.380  1.00 27.62 ? 1  DC  A "O4'"  1 
ATOM   5    C "C3'"  . DC  A 1 1 ? -10.094 5.002   -8.100  1.00 29.91 ? 1  DC  A "C3'"  1 
ATOM   6    O "O3'"  . DC  A 1 1 ? -9.812  4.135   -9.234  1.00 32.50 ? 1  DC  A "O3'"  1 
ATOM   7    C "C2'"  . DC  A 1 1 ? -9.072  6.072   -7.800  1.00 27.82 ? 1  DC  A "C2'"  1 
ATOM   8    C "C1'"  . DC  A 1 1 ? -9.853  7.091   -6.997  1.00 25.54 ? 1  DC  A "C1'"  1 
ATOM   9    N N1     . DC  A 1 1 ? -9.704  7.001   -5.529  1.00 23.04 ? 1  DC  A N1     1 
ATOM   10   C C2     . DC  A 1 1 ? -9.042  8.035   -4.929  1.00 21.54 ? 1  DC  A C2     1 
ATOM   11   O O2     . DC  A 1 1 ? -8.657  8.993   -5.589  1.00 21.39 ? 1  DC  A O2     1 
ATOM   12   N N3     . DC  A 1 1 ? -8.861  7.992   -3.600  1.00 20.19 ? 1  DC  A N3     1 
ATOM   13   C C4     . DC  A 1 1 ? -9.430  7.055   -2.851  1.00 19.79 ? 1  DC  A C4     1 
ATOM   14   N N4     . DC  A 1 1 ? -9.194  7.057   -1.556  1.00 19.41 ? 1  DC  A N4     1 
ATOM   15   C C5     . DC  A 1 1 ? -10.263 6.061   -3.421  1.00 20.40 ? 1  DC  A C5     1 
ATOM   16   C C6     . DC  A 1 1 ? -10.341 6.051   -4.761  1.00 21.83 ? 1  DC  A C6     1 
ATOM   17   H "H5'"  . DC  A 1 1 ? -13.473 5.770   -8.240  1.00 0.00  ? 1  DC  A "H5'"  1 
ATOM   18   H "H5''" . DC  A 1 1 ? -12.683 4.262   -8.759  1.00 0.00  ? 1  DC  A "H5''" 1 
ATOM   19   H "H4'"  . DC  A 1 1 ? -11.342 6.278   -9.336  1.00 0.00  ? 1  DC  A "H4'"  1 
ATOM   20   H "H3'"  . DC  A 1 1 ? -10.225 4.323   -7.258  1.00 0.00  ? 1  DC  A "H3'"  1 
ATOM   21   H "H2'"  . DC  A 1 1 ? -8.245  5.668   -7.218  1.00 0.00  ? 1  DC  A "H2'"  1 
ATOM   22   H "H2''" . DC  A 1 1 ? -8.689  6.512   -8.721  1.00 0.00  ? 1  DC  A "H2''" 1 
ATOM   23   H "H1'"  . DC  A 1 1 ? -9.491  8.062   -7.334  1.00 0.00  ? 1  DC  A "H1'"  1 
ATOM   24   H H41    . DC  A 1 1 ? -9.608  6.349   -0.966  1.00 0.00  ? 1  DC  A H41    1 
ATOM   25   H H42    . DC  A 1 1 ? -8.599  7.767   -1.152  1.00 0.00  ? 1  DC  A H42    1 
ATOM   26   H H5     . DC  A 1 1 ? -10.809 5.345   -2.807  1.00 0.00  ? 1  DC  A H5     1 
ATOM   27   H H6     . DC  A 1 1 ? -10.923 5.272   -5.254  1.00 0.00  ? 1  DC  A H6     1 
ATOM   28   H "HO5'" . DC  A 1 1 ? -11.940 4.022   -6.602  1.00 0.00  ? 1  DC  A "HO5'" 1 
ATOM   29   P P      . DC  A 1 2 ? -8.982  2.718   -9.098  1.00 34.35 ? 2  DC  A P      1 
ATOM   30   O OP1    . DC  A 1 2 ? -9.314  1.879   -10.283 1.00 34.84 ? 2  DC  A OP1    1 
ATOM   31   O OP2    . DC  A 1 2 ? -9.129  2.166   -7.721  1.00 34.21 ? 2  DC  A OP2    1 
ATOM   32   O "O5'"  . DC  A 1 2 ? -7.447  3.206   -9.231  1.00 32.84 ? 2  DC  A "O5'"  1 
ATOM   33   C "C5'"  . DC  A 1 2 ? -6.997  3.972   -10.347 1.00 31.05 ? 2  DC  A "C5'"  1 
ATOM   34   C "C4'"  . DC  A 1 2 ? -5.594  4.387   -10.074 1.00 29.68 ? 2  DC  A "C4'"  1 
ATOM   35   O "O4'"  . DC  A 1 2 ? -5.559  5.042   -8.803  1.00 27.20 ? 2  DC  A "O4'"  1 
ATOM   36   C "C3'"  . DC  A 1 2 ? -4.706  3.208   -9.746  1.00 30.61 ? 2  DC  A "C3'"  1 
ATOM   37   O "O3'"  . DC  A 1 2 ? -4.517  2.173   -10.739 1.00 34.22 ? 2  DC  A "O3'"  1 
ATOM   38   C "C2'"  . DC  A 1 2 ? -3.511  3.981   -9.236  1.00 27.81 ? 2  DC  A "C2'"  1 
ATOM   39   C "C1'"  . DC  A 1 2 ? -4.198  5.011   -8.361  1.00 25.12 ? 2  DC  A "C1'"  1 
ATOM   40   N N1     . DC  A 1 2 ? -4.095  4.703   -6.918  1.00 21.49 ? 2  DC  A N1     1 
ATOM   41   C C2     . DC  A 1 2 ? -3.451  5.649   -6.113  1.00 19.15 ? 2  DC  A C2     1 
ATOM   42   O O2     . DC  A 1 2 ? -2.966  6.694   -6.559  1.00 17.21 ? 2  DC  A O2     1 
ATOM   43   N N3     . DC  A 1 2 ? -3.373  5.377   -4.789  1.00 17.97 ? 2  DC  A N3     1 
ATOM   44   C C4     . DC  A 1 2 ? -3.875  4.251   -4.260  1.00 17.46 ? 2  DC  A C4     1 
ATOM   45   N N4     . DC  A 1 2 ? -3.748  4.051   -2.950  1.00 15.76 ? 2  DC  A N4     1 
ATOM   46   C C5     . DC  A 1 2 ? -4.521  3.263   -5.076  1.00 17.74 ? 2  DC  A C5     1 
ATOM   47   C C6     . DC  A 1 2 ? -4.591  3.529   -6.391  1.00 20.17 ? 2  DC  A C6     1 
ATOM   48   H "H5'"  . DC  A 1 2 ? -7.628  4.852   -10.471 1.00 0.00  ? 2  DC  A "H5'"  1 
ATOM   49   H "H5''" . DC  A 1 2 ? -7.036  3.367   -11.252 1.00 0.00  ? 2  DC  A "H5''" 1 
ATOM   50   H "H4'"  . DC  A 1 2 ? -5.254  5.071   -10.851 1.00 0.00  ? 2  DC  A "H4'"  1 
ATOM   51   H "H3'"  . DC  A 1 2 ? -5.140  2.569   -8.980  1.00 0.00  ? 2  DC  A "H3'"  1 
ATOM   52   H "H2'"  . DC  A 1 2 ? -2.841  3.346   -8.657  1.00 0.00  ? 2  DC  A "H2'"  1 
ATOM   53   H "H2''" . DC  A 1 2 ? -2.959  4.449   -10.050 1.00 0.00  ? 2  DC  A "H2''" 1 
ATOM   54   H "H1'"  . DC  A 1 2 ? -3.744  5.984   -8.547  1.00 0.00  ? 2  DC  A "H1'"  1 
ATOM   55   H H41    . DC  A 1 2 ? -4.106  3.205   -2.531  1.00 0.00  ? 2  DC  A H41    1 
ATOM   56   H H42    . DC  A 1 2 ? -3.293  4.746   -2.375  1.00 0.00  ? 2  DC  A H42    1 
ATOM   57   H H5     . DC  A 1 2 ? -4.932  2.348   -4.652  1.00 0.00  ? 2  DC  A H5     1 
ATOM   58   H H6     . DC  A 1 2 ? -5.052  2.800   -7.057  1.00 0.00  ? 2  DC  A H6     1 
ATOM   59   P P      . DC  A 1 3 ? -3.490  2.190   -11.976 1.00 35.99 ? 3  DC  A P      1 
ATOM   60   O OP1    . DC  A 1 3 ? -3.452  3.584   -12.520 1.00 37.67 ? 3  DC  A OP1    1 
ATOM   61   O OP2    . DC  A 1 3 ? -3.819  1.050   -12.872 1.00 36.45 ? 3  DC  A OP2    1 
ATOM   62   O "O5'"  . DC  A 1 3 ? -2.099  1.856   -11.240 1.00 34.85 ? 3  DC  A "O5'"  1 
ATOM   63   C "C5'"  . DC  A 1 3 ? -0.861  1.788   -11.952 1.00 31.20 ? 3  DC  A "C5'"  1 
ATOM   64   C "C4'"  . DC  A 1 3 ? 0.127   2.833   -11.486 1.00 28.56 ? 3  DC  A "C4'"  1 
ATOM   65   O "O4'"  . DC  A 1 3 ? 0.157   2.906   -10.066 1.00 25.42 ? 3  DC  A "O4'"  1 
ATOM   66   C "C3'"  . DC  A 1 3 ? 1.496   2.354   -11.906 1.00 28.53 ? 3  DC  A "C3'"  1 
ATOM   67   O "O3'"  . DC  A 1 3 ? 2.125   3.420   -12.608 1.00 31.39 ? 3  DC  A "O3'"  1 
ATOM   68   C "C2'"  . DC  A 1 3 ? 2.199   2.031   -10.611 1.00 25.90 ? 3  DC  A "C2'"  1 
ATOM   69   C "C1'"  . DC  A 1 3 ? 1.502   2.906   -9.626  1.00 23.53 ? 3  DC  A "C1'"  1 
ATOM   70   N N1     . DC  A 1 3 ? 1.581   2.391   -8.250  1.00 20.68 ? 3  DC  A N1     1 
ATOM   71   C C2     . DC  A 1 3 ? 2.193   3.187   -7.293  1.00 18.46 ? 3  DC  A C2     1 
ATOM   72   O O2     . DC  A 1 3 ? 2.628   4.314   -7.532  1.00 17.59 ? 3  DC  A O2     1 
ATOM   73   N N3     . DC  A 1 3 ? 2.273   2.710   -6.047  1.00 17.50 ? 3  DC  A N3     1 
ATOM   74   C C4     . DC  A 1 3 ? 1.736   1.552   -5.688  1.00 17.59 ? 3  DC  A C4     1 
ATOM   75   N N4     . DC  A 1 3 ? 1.808   1.186   -4.402  1.00 16.31 ? 3  DC  A N4     1 
ATOM   76   C C5     . DC  A 1 3 ? 1.104   0.721   -6.657  1.00 18.27 ? 3  DC  A C5     1 
ATOM   77   C C6     . DC  A 1 3 ? 1.046   1.188   -7.920  1.00 19.55 ? 3  DC  A C6     1 
ATOM   78   H "H5'"  . DC  A 1 3 ? -1.059  1.943   -13.013 1.00 0.00  ? 3  DC  A "H5'"  1 
ATOM   79   H "H5''" . DC  A 1 3 ? -0.424  0.801   -11.804 1.00 0.00  ? 3  DC  A "H5''" 1 
ATOM   80   H "H4'"  . DC  A 1 3 ? -0.163  3.803   -11.887 1.00 0.00  ? 3  DC  A "H4'"  1 
ATOM   81   H "H3'"  . DC  A 1 3 ? 1.417   1.467   -12.534 1.00 0.00  ? 3  DC  A "H3'"  1 
ATOM   82   H "H2'"  . DC  A 1 3 ? 2.080   0.980   -10.354 1.00 0.00  ? 3  DC  A "H2'"  1 
ATOM   83   H "H2''" . DC  A 1 3 ? 3.258   2.275   -10.670 1.00 0.00  ? 3  DC  A "H2''" 1 
ATOM   84   H "H1'"  . DC  A 1 3 ? 1.891   3.923   -9.654  1.00 0.00  ? 3  DC  A "H1'"  1 
ATOM   85   H H41    . DC  A 1 3 ? 1.411   0.307   -4.104  1.00 0.00  ? 3  DC  A H41    1 
ATOM   86   H H42    . DC  A 1 3 ? 2.261   1.790   -3.730  1.00 0.00  ? 3  DC  A H42    1 
ATOM   87   H H5     . DC  A 1 3 ? 0.686   -0.249  -6.390  1.00 0.00  ? 3  DC  A H5     1 
ATOM   88   H H6     . DC  A 1 3 ? 0.562   0.589   -8.690  1.00 0.00  ? 3  DC  A H6     1 
ATOM   89   P P      . DC  A 1 4 ? 3.094   3.164   -13.866 1.00 32.97 ? 4  DC  A P      1 
ATOM   90   O OP1    . DC  A 1 4 ? 3.452   4.511   -14.383 1.00 33.25 ? 4  DC  A OP1    1 
ATOM   91   O OP2    . DC  A 1 4 ? 2.430   2.173   -14.767 1.00 33.15 ? 4  DC  A OP2    1 
ATOM   92   O "O5'"  . DC  A 1 4 ? 4.370   2.466   -13.172 1.00 30.66 ? 4  DC  A "O5'"  1 
ATOM   93   C "C5'"  . DC  A 1 4 ? 5.489   1.863   -13.800 1.00 27.50 ? 4  DC  A "C5'"  1 
ATOM   94   C "C4'"  . DC  A 1 4 ? 6.644   1.970   -12.824 1.00 25.35 ? 4  DC  A "C4'"  1 
ATOM   95   O "O4'"  . DC  A 1 4 ? 6.286   1.424   -11.563 1.00 22.93 ? 4  DC  A "O4'"  1 
ATOM   96   C "C3'"  . DC  A 1 4 ? 8.003   1.372   -13.253 1.00 25.25 ? 4  DC  A "C3'"  1 
ATOM   97   O "O3'"  . DC  A 1 4 ? 8.931   2.432   -13.611 1.00 28.63 ? 4  DC  A "O3'"  1 
ATOM   98   C "C2'"  . DC  A 1 4 ? 8.435   0.729   -11.963 1.00 22.38 ? 4  DC  A "C2'"  1 
ATOM   99   C "C1'"  . DC  A 1 4 ? 7.542   1.368   -10.924 1.00 20.04 ? 4  DC  A "C1'"  1 
ATOM   100  N N1     . DC  A 1 4 ? 7.444   0.580   -9.718  1.00 16.87 ? 4  DC  A N1     1 
ATOM   101  C C2     . DC  A 1 4 ? 7.902   1.149   -8.575  1.00 14.99 ? 4  DC  A C2     1 
ATOM   102  O O2     . DC  A 1 4 ? 8.379   2.284   -8.570  1.00 14.90 ? 4  DC  A O2     1 
ATOM   103  N N3     . DC  A 1 4 ? 7.828   0.396   -7.453  1.00 14.46 ? 4  DC  A N3     1 
ATOM   104  C C4     . DC  A 1 4 ? 7.380   -0.867  -7.443  1.00 13.44 ? 4  DC  A C4     1 
ATOM   105  N N4     . DC  A 1 4 ? 7.333   -1.575  -6.306  1.00 11.89 ? 4  DC  A N4     1 
ATOM   106  C C5     . DC  A 1 4 ? 6.949   -1.450  -8.654  1.00 14.47 ? 4  DC  A C5     1 
ATOM   107  C C6     . DC  A 1 4 ? 6.922   -0.660  -9.738  1.00 15.38 ? 4  DC  A C6     1 
ATOM   108  H "H5'"  . DC  A 1 4 ? 5.728   2.387   -14.725 1.00 0.00  ? 4  DC  A "H5'"  1 
ATOM   109  H "H5''" . DC  A 1 4 ? 5.278   0.816   -14.020 1.00 0.00  ? 4  DC  A "H5''" 1 
ATOM   110  H "H4'"  . DC  A 1 4 ? 6.910   3.019   -12.697 1.00 0.00  ? 4  DC  A "H4'"  1 
ATOM   111  H "H3'"  . DC  A 1 4 ? 7.886   0.638   -14.048 1.00 0.00  ? 4  DC  A "H3'"  1 
ATOM   112  H "HO3'" . DC  A 1 4 ? 8.808   3.145   -12.979 1.00 0.00  ? 4  DC  A "HO3'" 1 
ATOM   113  H "H2'"  . DC  A 1 4 ? 8.281   -0.349  -11.996 1.00 0.00  ? 4  DC  A "H2'"  1 
ATOM   114  H "H2''" . DC  A 1 4 ? 9.484   0.940   -11.757 1.00 0.00  ? 4  DC  A "H2''" 1 
ATOM   115  H "H1'"  . DC  A 1 4 ? 7.865   2.378   -10.670 1.00 0.00  ? 4  DC  A "H1'"  1 
ATOM   116  H H41    . DC  A 1 4 ? 6.989   -2.525  -6.318  1.00 0.00  ? 4  DC  A H41    1 
ATOM   117  H H42    . DC  A 1 4 ? 7.641   -1.159  -5.439  1.00 0.00  ? 4  DC  A H42    1 
ATOM   118  H H5     . DC  A 1 4 ? 6.652   -2.498  -8.707  1.00 0.00  ? 4  DC  A H5     1 
ATOM   119  H H6     . DC  A 1 4 ? 6.466   -1.031  -10.656 1.00 0.00  ? 4  DC  A H6     1 
ATOM   120  O "O5'"  . DC  B 1 1 ? -4.932  14.859  2.665   1.00 25.57 ? 5  DC  B "O5'"  1 
ATOM   121  C "C5'"  . DC  B 1 1 ? -5.677  14.151  1.686   1.00 21.73 ? 5  DC  B "C5'"  1 
ATOM   122  C "C4'"  . DC  B 1 1 ? -5.897  12.754  2.213   1.00 20.63 ? 5  DC  B "C4'"  1 
ATOM   123  O "O4'"  . DC  B 1 1 ? -6.766  12.055  1.357   1.00 18.81 ? 5  DC  B "O4'"  1 
ATOM   124  C "C3'"  . DC  B 1 1 ? -4.659  11.916  2.290   1.00 20.79 ? 5  DC  B "C3'"  1 
ATOM   125  O "O3'"  . DC  B 1 1 ? -4.954  10.909  3.247   1.00 22.32 ? 5  DC  B "O3'"  1 
ATOM   126  C "C2'"  . DC  B 1 1 ? -4.638  11.351  0.896   1.00 19.34 ? 5  DC  B "C2'"  1 
ATOM   127  C "C1'"  . DC  B 1 1 ? -6.095  11.072  0.620   1.00 17.72 ? 5  DC  B "C1'"  1 
ATOM   128  N N1     . DC  B 1 1 ? -6.496  11.222  -0.786  1.00 16.68 ? 5  DC  B N1     1 
ATOM   129  C C2     . DC  B 1 1 ? -7.191  10.173  -1.353  1.00 15.47 ? 5  DC  B C2     1 
ATOM   130  O O2     . DC  B 1 1 ? -7.453  9.171   -0.706  1.00 15.77 ? 5  DC  B O2     1 
ATOM   131  N N3     . DC  B 1 1 ? -7.615  10.290  -2.626  1.00 15.26 ? 5  DC  B N3     1 
ATOM   132  C C4     . DC  B 1 1 ? -7.371  11.395  -3.336  1.00 15.50 ? 5  DC  B C4     1 
ATOM   133  N N4     . DC  B 1 1 ? -7.766  11.433  -4.608  1.00 15.63 ? 5  DC  B N4     1 
ATOM   134  C C5     . DC  B 1 1 ? -6.705  12.525  -2.757  1.00 15.98 ? 5  DC  B C5     1 
ATOM   135  C C6     . DC  B 1 1 ? -6.308  12.401  -1.474  1.00 16.35 ? 5  DC  B C6     1 
ATOM   136  H "H5'"  . DC  B 1 1 ? -5.120  14.113  0.749   1.00 0.00  ? 5  DC  B "H5'"  1 
ATOM   137  H "H5''" . DC  B 1 1 ? -6.635  14.642  1.519   1.00 0.00  ? 5  DC  B "H5''" 1 
ATOM   138  H "H4'"  . DC  B 1 1 ? -6.336  12.807  3.210   1.00 0.00  ? 5  DC  B "H4'"  1 
ATOM   139  H "H3'"  . DC  B 1 1 ? -3.776  12.519  2.494   1.00 0.00  ? 5  DC  B "H3'"  1 
ATOM   140  H "H2'"  . DC  B 1 1 ? -4.238  12.075  0.187   1.00 0.00  ? 5  DC  B "H2'"  1 
ATOM   141  H "H2''" . DC  B 1 1 ? -4.050  10.435  0.854   1.00 0.00  ? 5  DC  B "H2''" 1 
ATOM   142  H "H1'"  . DC  B 1 1 ? -6.373  10.082  0.982   1.00 0.00  ? 5  DC  B "H1'"  1 
ATOM   143  H H41    . DC  B 1 1 ? -8.181  10.616  -5.032  1.00 0.00  ? 5  DC  B H41    1 
ATOM   144  H H42    . DC  B 1 1 ? -7.652  12.280  -5.147  1.00 0.00  ? 5  DC  B H42    1 
ATOM   145  H H5     . DC  B 1 1 ? -6.528  13.438  -3.326  1.00 0.00  ? 5  DC  B H5     1 
ATOM   146  H H6     . DC  B 1 1 ? -5.832  13.246  -0.974  1.00 0.00  ? 5  DC  B H6     1 
ATOM   147  H "HO5'" . DC  B 1 1 ? -4.234  14.274  2.969   1.00 0.00  ? 5  DC  B "HO5'" 1 
ATOM   148  P P      . DC  B 1 2 ? -3.892  10.382  4.324   1.00 22.42 ? 6  DC  B P      1 
ATOM   149  O OP1    . DC  B 1 2 ? -4.623  9.434   5.201   1.00 23.29 ? 6  DC  B OP1    1 
ATOM   150  O OP2    . DC  B 1 2 ? -3.178  11.538  4.902   1.00 22.99 ? 6  DC  B OP2    1 
ATOM   151  O "O5'"  . DC  B 1 2 ? -2.877  9.487   3.498   1.00 22.65 ? 6  DC  B "O5'"  1 
ATOM   152  C "C5'"  . DC  B 1 2 ? -1.520  9.728   3.163   1.00 20.40 ? 6  DC  B "C5'"  1 
ATOM   153  C "C4'"  . DC  B 1 2 ? -1.090  8.541   2.309   1.00 18.87 ? 6  DC  B "C4'"  1 
ATOM   154  O "O4'"  . DC  B 1 2 ? -1.754  8.573   1.060   1.00 17.83 ? 6  DC  B "O4'"  1 
ATOM   155  C "C3'"  . DC  B 1 2 ? 0.359   8.520   1.966   1.00 19.74 ? 6  DC  B "C3'"  1 
ATOM   156  O "O3'"  . DC  B 1 2 ? 1.029   8.050   3.137   1.00 22.77 ? 6  DC  B "O3'"  1 
ATOM   157  C "C2'"  . DC  B 1 2 ? 0.336   7.523   0.848   1.00 18.01 ? 6  DC  B "C2'"  1 
ATOM   158  C "C1'"  . DC  B 1 2 ? -1.079  7.574   0.305   1.00 16.51 ? 6  DC  B "C1'"  1 
ATOM   159  N N1     . DC  B 1 2 ? -1.123  7.877   -1.123  1.00 14.70 ? 6  DC  B N1     1 
ATOM   160  C C2     . DC  B 1 2 ? -1.792  6.985   -1.929  1.00 13.38 ? 6  DC  B C2     1 
ATOM   161  O O2     . DC  B 1 2 ? -2.262  5.936   -1.482  1.00 13.04 ? 6  DC  B O2     1 
ATOM   162  N N3     . DC  B 1 2 ? -1.951  7.312   -3.226  1.00 13.02 ? 6  DC  B N3     1 
ATOM   163  C C4     . DC  B 1 2 ? -1.614  8.507   -3.700  1.00 13.04 ? 6  DC  B C4     1 
ATOM   164  N N4     . DC  B 1 2 ? -1.798  8.744   -5.012  1.00 12.12 ? 6  DC  B N4     1 
ATOM   165  C C5     . DC  B 1 2 ? -1.042  9.498   -2.830  1.00 13.37 ? 6  DC  B C5     1 
ATOM   166  C C6     . DC  B 1 2 ? -0.748  9.109   -1.577  1.00 14.03 ? 6  DC  B C6     1 
ATOM   167  H "H5'"  . DC  B 1 2 ? -0.911  9.787   4.065   1.00 0.00  ? 6  DC  B "H5'"  1 
ATOM   168  H "H5''" . DC  B 1 2 ? -1.427  10.656  2.599   1.00 0.00  ? 6  DC  B "H5''" 1 
ATOM   169  H "H4'"  . DC  B 1 2 ? -1.342  7.615   2.827   1.00 0.00  ? 6  DC  B "H4'"  1 
ATOM   170  H "H3'"  . DC  B 1 2 ? 0.709   9.495   1.632   1.00 0.00  ? 6  DC  B "H3'"  1 
ATOM   171  H "H2'"  . DC  B 1 2 ? 1.053   7.798   0.075   1.00 0.00  ? 6  DC  B "H2'"  1 
ATOM   172  H "H2''" . DC  B 1 2 ? 0.567   6.525   1.221   1.00 0.00  ? 6  DC  B "H2''" 1 
ATOM   173  H "H1'"  . DC  B 1 2 ? -1.558  6.610   0.480   1.00 0.00  ? 6  DC  B "H1'"  1 
ATOM   174  H H41    . DC  B 1 2 ? -1.531  9.635   -5.406  1.00 0.00  ? 6  DC  B H41    1 
ATOM   175  H H42    . DC  B 1 2 ? -2.202  8.031   -5.602  1.00 0.00  ? 6  DC  B H42    1 
ATOM   176  H H5     . DC  B 1 2 ? -0.855  10.516  -3.169  1.00 0.00  ? 6  DC  B H5     1 
ATOM   177  H H6     . DC  B 1 2 ? -0.203  9.784   -0.917  1.00 0.00  ? 6  DC  B H6     1 
ATOM   178  P P      . DC  B 1 3 ? 2.614   8.055   3.332   1.00 23.76 ? 7  DC  B P      1 
ATOM   179  O OP1    . DC  B 1 3 ? 2.843   7.575   4.724   1.00 25.14 ? 7  DC  B OP1    1 
ATOM   180  O OP2    . DC  B 1 3 ? 3.104   9.356   2.882   1.00 24.03 ? 7  DC  B OP2    1 
ATOM   181  O "O5'"  . DC  B 1 3 ? 3.072   6.930   2.315   1.00 23.13 ? 7  DC  B "O5'"  1 
ATOM   182  C "C5'"  . DC  B 1 3 ? 4.346   6.363   2.238   1.00 23.06 ? 7  DC  B "C5'"  1 
ATOM   183  C "C4'"  . DC  B 1 3 ? 4.179   5.063   1.517   1.00 22.67 ? 7  DC  B "C4'"  1 
ATOM   184  O "O4'"  . DC  B 1 3 ? 3.544   5.237   0.285   1.00 22.10 ? 7  DC  B "O4'"  1 
ATOM   185  C "C3'"  . DC  B 1 3 ? 5.524   4.618   1.175   1.00 23.67 ? 7  DC  B "C3'"  1 
ATOM   186  O "O3'"  . DC  B 1 3 ? 5.710   3.791   2.270   1.00 27.28 ? 7  DC  B "O3'"  1 
ATOM   187  C "C2'"  . DC  B 1 3 ? 5.391   3.873   -0.098  1.00 21.98 ? 7  DC  B "C2'"  1 
ATOM   188  C "C1'"  . DC  B 1 3 ? 4.024   4.211   -0.577  1.00 20.32 ? 7  DC  B "C1'"  1 
ATOM   189  N N1     . DC  B 1 3 ? 4.076   4.724   -1.942  1.00 17.89 ? 7  DC  B N1     1 
ATOM   190  C C2     . DC  B 1 3 ? 3.424   3.982   -2.908  1.00 16.35 ? 7  DC  B C2     1 
ATOM   191  O O2     . DC  B 1 3 ? 2.910   2.898   -2.660  1.00 17.30 ? 7  DC  B O2     1 
ATOM   192  N N3     . DC  B 1 3 ? 3.352   4.472   -4.154  1.00 15.23 ? 7  DC  B N3     1 
ATOM   193  C C4     . DC  B 1 3 ? 3.872   5.667   -4.449  1.00 15.21 ? 7  DC  B C4     1 
ATOM   194  N N4     . DC  B 1 3 ? 3.849   6.068   -5.718  1.00 14.56 ? 7  DC  B N4     1 
ATOM   195  C C5     . DC  B 1 3 ? 4.460   6.499   -3.438  1.00 15.40 ? 7  DC  B C5     1 
ATOM   196  C C6     . DC  B 1 3 ? 4.561   5.976   -2.201  1.00 16.15 ? 7  DC  B C6     1 
ATOM   197  H "H5'"  . DC  B 1 3 ? 4.745   6.193   3.237   1.00 0.00  ? 7  DC  B "H5'"  1 
ATOM   198  H "H5''" . DC  B 1 3 ? 5.018   7.019   1.684   1.00 0.00  ? 7  DC  B "H5''" 1 
ATOM   199  H "H4'"  . DC  B 1 3 ? 3.580   4.393   2.132   1.00 0.00  ? 7  DC  B "H4'"  1 
ATOM   200  H "H3'"  . DC  B 1 3 ? 6.186   5.474   1.046   1.00 0.00  ? 7  DC  B "H3'"  1 
ATOM   201  H "H2'"  . DC  B 1 3 ? 6.144   4.197   -0.816  1.00 0.00  ? 7  DC  B "H2'"  1 
ATOM   202  H "H2''" . DC  B 1 3 ? 5.486   2.801   0.071   1.00 0.00  ? 7  DC  B "H2''" 1 
ATOM   203  H "H1'"  . DC  B 1 3 ? 3.353   3.354   -0.534  1.00 0.00  ? 7  DC  B "H1'"  1 
ATOM   204  H H41    . DC  B 1 3 ? 4.246   6.961   -5.973  1.00 0.00  ? 7  DC  B H41    1 
ATOM   205  H H42    . DC  B 1 3 ? 3.433   5.479   -6.426  1.00 0.00  ? 7  DC  B H42    1 
ATOM   206  H H5     . DC  B 1 3 ? 4.808   7.507   -3.660  1.00 0.00  ? 7  DC  B H5     1 
ATOM   207  H H6     . DC  B 1 3 ? 5.031   6.552   -1.404  1.00 0.00  ? 7  DC  B H6     1 
ATOM   208  P P      . DC  B 1 4 ? 7.159   3.460   2.800   1.00 30.06 ? 8  DC  B P      1 
ATOM   209  O OP1    . DC  B 1 4 ? 6.947   2.853   4.135   1.00 30.63 ? 8  DC  B OP1    1 
ATOM   210  O OP2    . DC  B 1 4 ? 8.083   4.620   2.621   1.00 28.69 ? 8  DC  B OP2    1 
ATOM   211  O "O5'"  . DC  B 1 4 ? 7.534   2.296   1.743   1.00 28.19 ? 8  DC  B "O5'"  1 
ATOM   212  C "C5'"  . DC  B 1 4 ? 8.899   1.990   1.488   1.00 24.87 ? 8  DC  B "C5'"  1 
ATOM   213  C "C4'"  . DC  B 1 4 ? 9.021   0.846   0.547   1.00 22.34 ? 8  DC  B "C4'"  1 
ATOM   214  O "O4'"  . DC  B 1 4 ? 8.388   1.223   -0.652  1.00 21.41 ? 8  DC  B "O4'"  1 
ATOM   215  C "C3'"  . DC  B 1 4 ? 10.454  0.628   0.198   1.00 20.84 ? 8  DC  B "C3'"  1 
ATOM   216  O "O3'"  . DC  B 1 4 ? 10.981  -0.226  1.186   1.00 20.99 ? 8  DC  B "O3'"  1 
ATOM   217  C "C2'"  . DC  B 1 4 ? 10.301  -0.057  -1.126  1.00 20.17 ? 8  DC  B "C2'"  1 
ATOM   218  C "C1'"  . DC  B 1 4 ? 8.970   0.433   -1.685  1.00 19.43 ? 8  DC  B "C1'"  1 
ATOM   219  N N1     . DC  B 1 4 ? 9.126   1.252   -2.893  1.00 16.98 ? 8  DC  B N1     1 
ATOM   220  C C2     . DC  B 1 4 ? 8.636   0.744   -4.064  1.00 15.07 ? 8  DC  B C2     1 
ATOM   221  O O2     . DC  B 1 4 ? 8.040   -0.333  -4.087  1.00 15.33 ? 8  DC  B O2     1 
ATOM   222  N N3     . DC  B 1 4 ? 8.826   1.470   -5.180  1.00 14.35 ? 8  DC  B N3     1 
ATOM   223  C C4     . DC  B 1 4 ? 9.428   2.654   -5.158  1.00 14.58 ? 8  DC  B C4     1 
ATOM   224  N N4     . DC  B 1 4 ? 9.582   3.331   -6.294  1.00 15.10 ? 8  DC  B N4     1 
ATOM   225  C C5     . DC  B 1 4 ? 9.895   3.222   -3.949  1.00 15.24 ? 8  DC  B C5     1 
ATOM   226  C C6     . DC  B 1 4 ? 9.718   2.487   -2.839  1.00 16.45 ? 8  DC  B C6     1 
ATOM   227  H "H5'"  . DC  B 1 4 ? 9.389   1.733   2.427   1.00 0.00  ? 8  DC  B "H5'"  1 
ATOM   228  H "H5''" . DC  B 1 4 ? 9.384   2.863   1.052   1.00 0.00  ? 8  DC  B "H5''" 1 
ATOM   229  H "H4'"  . DC  B 1 4 ? 8.533   -0.034  0.965   1.00 0.00  ? 8  DC  B "H4'"  1 
ATOM   230  H "H3'"  . DC  B 1 4 ? 10.992  1.570   0.105   1.00 0.00  ? 8  DC  B "H3'"  1 
ATOM   231  H "HO3'" . DC  B 1 4 ? 10.478  -1.043  1.156   1.00 0.00  ? 8  DC  B "HO3'" 1 
ATOM   232  H "H2'"  . DC  B 1 4 ? 11.118  0.216   -1.794  1.00 0.00  ? 8  DC  B "H2'"  1 
ATOM   233  H "H2''" . DC  B 1 4 ? 10.285  -1.139  -0.996  1.00 0.00  ? 8  DC  B "H2''" 1 
ATOM   234  H "H1'"  . DC  B 1 4 ? 8.322   -0.417  -1.903  1.00 0.00  ? 8  DC  B "H1'"  1 
ATOM   235  H H41    . DC  B 1 4 ? 10.080  4.210   -6.295  1.00 0.00  ? 8  DC  B H41    1 
ATOM   236  H H42    . DC  B 1 4 ? 9.200   2.966   -7.155  1.00 0.00  ? 8  DC  B H42    1 
ATOM   237  H H5     . DC  B 1 4 ? 10.372  4.202   -3.920  1.00 0.00  ? 8  DC  B H5     1 
ATOM   238  H H6     . DC  B 1 4 ? 10.050  2.879   -1.878  1.00 0.00  ? 8  DC  B H6     1 
ATOM   239  O "O5'"  . DC  C 1 1 ? 9.213   -6.669  -3.812  1.00 27.88 ? 9  DC  C "O5'"  1 
ATOM   240  C "C5'"  . DC  C 1 1 ? 9.778   -6.469  -2.505  1.00 24.66 ? 9  DC  C "C5'"  1 
ATOM   241  C "C4'"  . DC  C 1 1 ? 9.857   -5.001  -2.059  1.00 22.93 ? 9  DC  C "C4'"  1 
ATOM   242  O "O4'"  . DC  C 1 1 ? 10.591  -4.226  -3.009  1.00 21.74 ? 9  DC  C "O4'"  1 
ATOM   243  C "C3'"  . DC  C 1 1 ? 8.559   -4.262  -1.847  1.00 22.71 ? 9  DC  C "C3'"  1 
ATOM   244  O "O3'"  . DC  C 1 1 ? 8.873   -3.292  -0.880  1.00 23.82 ? 9  DC  C "O3'"  1 
ATOM   245  C "C2'"  . DC  C 1 1 ? 8.417   -3.495  -3.139  1.00 21.39 ? 9  DC  C "C2'"  1 
ATOM   246  C "C1'"  . DC  C 1 1 ? 9.846   -3.113  -3.494  1.00 20.06 ? 9  DC  C "C1'"  1 
ATOM   247  N N1     . DC  C 1 1 ? 10.113  -2.961  -4.931  1.00 17.75 ? 9  DC  C N1     1 
ATOM   248  C C2     . DC  C 1 1 ? 10.628  -1.788  -5.395  1.00 16.29 ? 9  DC  C C2     1 
ATOM   249  O O2     . DC  C 1 1 ? 11.047  -0.939  -4.641  1.00 16.41 ? 9  DC  C O2     1 
ATOM   250  N N3     . DC  C 1 1 ? 10.704  -1.590  -6.718  1.00 16.20 ? 9  DC  C N3     1 
ATOM   251  C C4     . DC  C 1 1 ? 10.374  -2.540  -7.585  1.00 16.22 ? 9  DC  C C4     1 
ATOM   252  N N4     . DC  C 1 1 ? 10.375  -2.280  -8.895  1.00 15.86 ? 9  DC  C N4     1 
ATOM   253  C C5     . DC  C 1 1 ? 9.964   -3.814  -7.119  1.00 16.76 ? 9  DC  C C5     1 
ATOM   254  C C6     . DC  C 1 1 ? 9.842   -3.969  -5.787  1.00 17.33 ? 9  DC  C C6     1 
ATOM   255  H "H5'"  . DC  C 1 1 ? 10.787  -6.879  -2.506  1.00 0.00  ? 9  DC  C "H5'"  1 
ATOM   256  H "H5''" . DC  C 1 1 ? 9.165   -7.010  -1.784  1.00 0.00  ? 9  DC  C "H5''" 1 
ATOM   257  H "H4'"  . DC  C 1 1 ? 10.355  -4.948  -1.092  1.00 0.00  ? 9  DC  C "H4'"  1 
ATOM   258  H "H3'"  . DC  C 1 1 ? 7.729   -4.954  -1.706  1.00 0.00  ? 9  DC  C "H3'"  1 
ATOM   259  H "H2'"  . DC  C 1 1 ? 7.978   -4.121  -3.916  1.00 0.00  ? 9  DC  C "H2'"  1 
ATOM   260  H "H2''" . DC  C 1 1 ? 7.803   -2.606  -2.997  1.00 0.00  ? 9  DC  C "H2''" 1 
ATOM   261  H "H1'"  . DC  C 1 1 ? 10.152  -2.209  -2.967  1.00 0.00  ? 9  DC  C "H1'"  1 
ATOM   262  H H41    . DC  C 1 1 ? 10.609  -1.354  -9.224  1.00 0.00  ? 9  DC  C H41    1 
ATOM   263  H H42    . DC  C 1 1 ? 10.143  -3.008  -9.555  1.00 0.00  ? 9  DC  C H42    1 
ATOM   264  H H5     . DC  C 1 1 ? 9.757   -4.633  -7.808  1.00 0.00  ? 9  DC  C H5     1 
ATOM   265  H H6     . DC  C 1 1 ? 9.516   -4.930  -5.390  1.00 0.00  ? 9  DC  C H6     1 
ATOM   266  H "HO5'" . DC  C 1 1 ? 8.321   -6.315  -3.794  1.00 0.00  ? 9  DC  C "HO5'" 1 
ATOM   267  P P      . DC  C 1 2 ? 8.607   -3.381  0.663   1.00 23.80 ? 10 DC  C P      1 
ATOM   268  O OP1    . DC  C 1 2 ? 9.833   -2.906  1.309   1.00 24.91 ? 10 DC  C OP1    1 
ATOM   269  O OP2    . DC  C 1 2 ? 8.010   -4.697  1.022   1.00 24.41 ? 10 DC  C OP2    1 
ATOM   270  O "O5'"  . DC  C 1 2 ? 7.529   -2.250  0.863   1.00 24.62 ? 10 DC  C "O5'"  1 
ATOM   271  C "C5'"  . DC  C 1 2 ? 6.118   -2.402  0.764   1.00 23.01 ? 10 DC  C "C5'"  1 
ATOM   272  C "C4'"  . DC  C 1 2 ? 5.567   -1.099  0.250   1.00 21.89 ? 10 DC  C "C4'"  1 
ATOM   273  O "O4'"  . DC  C 1 2 ? 5.993   -0.871  -1.088  1.00 20.78 ? 10 DC  C "O4'"  1 
ATOM   274  C "C3'"  . DC  C 1 2 ? 4.079   -1.083  0.189   1.00 21.52 ? 10 DC  C "C3'"  1 
ATOM   275  O "O3'"  . DC  C 1 2 ? 3.615   -0.949  1.534   1.00 23.33 ? 10 DC  C "O3'"  1 
ATOM   276  C "C2'"  . DC  C 1 2 ? 3.900   0.137   -0.704  1.00 20.44 ? 10 DC  C "C2'"  1 
ATOM   277  C "C1'"  . DC  C 1 2 ? 5.191   0.228   -1.506  1.00 18.97 ? 10 DC  C "C1'"  1 
ATOM   278  N N1     . DC  C 1 2 ? 4.996   0.150   -2.946  1.00 17.50 ? 10 DC  C N1     1 
ATOM   279  C C2     . DC  C 1 2 ? 5.419   1.235   -3.724  1.00 15.41 ? 10 DC  C C2     1 
ATOM   280  O O2     . DC  C 1 2 ? 5.960   2.238   -3.262  1.00 15.54 ? 10 DC  C O2     1 
ATOM   281  N N3     . DC  C 1 2 ? 5.240   1.171   -5.048  1.00 14.50 ? 10 DC  C N3     1 
ATOM   282  C C4     . DC  C 1 2 ? 4.664   0.118   -5.616  1.00 14.91 ? 10 DC  C C4     1 
ATOM   283  N N4     . DC  C 1 2 ? 4.304   0.214   -6.890  1.00 15.14 ? 10 DC  C N4     1 
ATOM   284  C C5     . DC  C 1 2 ? 4.340   -1.050  -4.859  1.00 15.75 ? 10 DC  C C5     1 
ATOM   285  C C6     . DC  C 1 2 ? 4.545   -0.998  -3.526  1.00 16.05 ? 10 DC  C C6     1 
ATOM   286  H "H5'"  . DC  C 1 2 ? 5.696   -2.625  1.744   1.00 0.00  ? 10 DC  C "H5'"  1 
ATOM   287  H "H5''" . DC  C 1 2 ? 5.877   -3.208  0.072   1.00 0.00  ? 10 DC  C "H5''" 1 
ATOM   288  H "H4'"  . DC  C 1 2 ? 5.921   -0.286  0.884   1.00 0.00  ? 10 DC  C "H4'"  1 
ATOM   289  H "H3'"  . DC  C 1 2 ? 3.680   -1.986  -0.269  1.00 0.00  ? 10 DC  C "H3'"  1 
ATOM   290  H "H2'"  . DC  C 1 2 ? 3.045   0.005   -1.367  1.00 0.00  ? 10 DC  C "H2'"  1 
ATOM   291  H "H2''" . DC  C 1 2 ? 3.759   1.035   -0.102  1.00 0.00  ? 10 DC  C "H2''" 1 
ATOM   292  H "H1'"  . DC  C 1 2 ? 5.693   1.162   -1.255  1.00 0.00  ? 10 DC  C "H1'"  1 
ATOM   293  H H41    . DC  C 1 2 ? 3.746   -0.514  -7.313  1.00 0.00  ? 10 DC  C H41    1 
ATOM   294  H H42    . DC  C 1 2 ? 4.588   1.014   -7.436  1.00 0.00  ? 10 DC  C H42    1 
ATOM   295  H H5     . DC  C 1 2 ? 3.943   -1.945  -5.338  1.00 0.00  ? 10 DC  C H5     1 
ATOM   296  H H6     . DC  C 1 2 ? 4.351   -1.877  -2.911  1.00 0.00  ? 10 DC  C H6     1 
ATOM   297  P P      . DC  C 1 3 ? 2.077   -1.100  1.984   1.00 23.63 ? 11 DC  C P      1 
ATOM   298  O OP1    . DC  C 1 3 ? 2.116   -1.283  3.441   1.00 25.35 ? 11 DC  C OP1    1 
ATOM   299  O OP2    . DC  C 1 3 ? 1.387   -2.108  1.154   1.00 23.63 ? 11 DC  C OP2    1 
ATOM   300  O "O5'"  . DC  C 1 3 ? 1.508   0.355   1.642   1.00 23.13 ? 11 DC  C "O5'"  1 
ATOM   301  C "C5'"  . DC  C 1 3 ? 1.840   1.561   2.380   1.00 20.94 ? 11 DC  C "C5'"  1 
ATOM   302  C "C4'"  . DC  C 1 3 ? 1.032   2.766   1.856   1.00 20.34 ? 11 DC  C "C4'"  1 
ATOM   303  O "O4'"  . DC  C 1 3 ? 1.258   2.949   0.463   1.00 19.49 ? 11 DC  C "O4'"  1 
ATOM   304  C "C3'"  . DC  C 1 3 ? -0.495  2.570   1.931   1.00 20.48 ? 11 DC  C "C3'"  1 
ATOM   305  O "O3'"  . DC  C 1 3 ? -0.917  2.686   3.305   1.00 21.46 ? 11 DC  C "O3'"  1 
ATOM   306  C "C2'"  . DC  C 1 3 ? -0.942  3.667   0.981   1.00 19.20 ? 11 DC  C "C2'"  1 
ATOM   307  C "C1'"  . DC  C 1 3 ? 0.196   3.770   -0.015  1.00 18.50 ? 11 DC  C "C1'"  1 
ATOM   308  N N1     . DC  C 1 3 ? -0.159  3.382   -1.389  1.00 17.16 ? 11 DC  C N1     1 
ATOM   309  C C2     . DC  C 1 3 ? 0.103   4.298   -2.401  1.00 15.50 ? 11 DC  C C2     1 
ATOM   310  O O2     . DC  C 1 3 ? 0.679   5.356   -2.177  1.00 15.40 ? 11 DC  C O2     1 
ATOM   311  N N3     . DC  C 1 3 ? -0.265  3.981   -3.655  1.00 14.47 ? 11 DC  C N3     1 
ATOM   312  C C4     . DC  C 1 3 ? -0.788  2.802   -3.941  1.00 14.54 ? 11 DC  C C4     1 
ATOM   313  N N4     . DC  C 1 3 ? -1.233  2.602   -5.186  1.00 15.24 ? 11 DC  C N4     1 
ATOM   314  C C5     . DC  C 1 3 ? -1.019  1.834   -2.930  1.00 14.82 ? 11 DC  C C5     1 
ATOM   315  C C6     . DC  C 1 3 ? -0.683  2.165   -1.672  1.00 15.48 ? 11 DC  C C6     1 
ATOM   316  H "H5'"  . DC  C 1 3 ? 2.904   1.767   2.266   1.00 0.00  ? 11 DC  C "H5'"  1 
ATOM   317  H "H5''" . DC  C 1 3 ? 1.610   1.409   3.435   1.00 0.00  ? 11 DC  C "H5''" 1 
ATOM   318  H "H4'"  . DC  C 1 3 ? 1.342   3.664   2.390   1.00 0.00  ? 11 DC  C "H4'"  1 
ATOM   319  H "H3'"  . DC  C 1 3 ? -0.794  1.584   1.580   1.00 0.00  ? 11 DC  C "H3'"  1 
ATOM   320  H "H2'"  . DC  C 1 3 ? -1.871  3.392   0.481   1.00 0.00  ? 11 DC  C "H2'"  1 
ATOM   321  H "H2''" . DC  C 1 3 ? -1.079  4.608   1.512   1.00 0.00  ? 11 DC  C "H2''" 1 
ATOM   322  H "H1'"  . DC  C 1 3 ? 0.513   4.812   -0.004  1.00 0.00  ? 11 DC  C "H1'"  1 
ATOM   323  H H41    . DC  C 1 3 ? -1.737  1.757   -5.412  1.00 0.00  ? 11 DC  C H41    1 
ATOM   324  H H42    . DC  C 1 3 ? -1.064  3.296   -5.900  1.00 0.00  ? 11 DC  C H42    1 
ATOM   325  H H5     . DC  C 1 3 ? -1.452  0.861   -3.165  1.00 0.00  ? 11 DC  C H5     1 
ATOM   326  H H6     . DC  C 1 3 ? -0.834  1.446   -0.867  1.00 0.00  ? 11 DC  C H6     1 
ATOM   327  P P      . DC  C 1 4 ? -2.432  2.672   3.850   1.00 21.81 ? 12 DC  C P      1 
ATOM   328  O OP1    . DC  C 1 4 ? -2.357  2.568   5.311   1.00 23.46 ? 12 DC  C OP1    1 
ATOM   329  O OP2    . DC  C 1 4 ? -3.309  1.757   3.067   1.00 22.08 ? 12 DC  C OP2    1 
ATOM   330  O "O5'"  . DC  C 1 4 ? -2.796  4.186   3.514   1.00 21.77 ? 12 DC  C "O5'"  1 
ATOM   331  C "C5'"  . DC  C 1 4 ? -4.099  4.712   3.625   1.00 20.11 ? 12 DC  C "C5'"  1 
ATOM   332  C "C4'"  . DC  C 1 4 ? -4.169  6.160   3.168   1.00 18.17 ? 12 DC  C "C4'"  1 
ATOM   333  O "O4'"  . DC  C 1 4 ? -3.884  6.213   1.785   1.00 17.79 ? 12 DC  C "O4'"  1 
ATOM   334  C "C3'"  . DC  C 1 4 ? -5.607  6.589   3.275   1.00 17.23 ? 12 DC  C "C3'"  1 
ATOM   335  O "O3'"  . DC  C 1 4 ? -5.811  7.068   4.608   1.00 16.76 ? 12 DC  C "O3'"  1 
ATOM   336  C "C2'"  . DC  C 1 4 ? -5.706  7.614   2.191   1.00 16.29 ? 12 DC  C "C2'"  1 
ATOM   337  C "C1'"  . DC  C 1 4 ? -4.679  7.220   1.168   1.00 16.74 ? 12 DC  C "C1'"  1 
ATOM   338  N N1     . DC  C 1 4 ? -5.218  6.704   -0.092  1.00 16.32 ? 12 DC  C N1     1 
ATOM   339  C C2     . DC  C 1 4 ? -5.013  7.454   -1.215  1.00 14.81 ? 12 DC  C C2     1 
ATOM   340  O O2     . DC  C 1 4 ? -4.449  8.546   -1.173  1.00 15.66 ? 12 DC  C O2     1 
ATOM   341  N N3     . DC  C 1 4 ? -5.480  6.982   -2.381  1.00 14.63 ? 12 DC  C N3     1 
ATOM   342  C C4     . DC  C 1 4 ? -6.209  5.882   -2.461  1.00 14.64 ? 12 DC  C C4     1 
ATOM   343  N N4     . DC  C 1 4 ? -6.787  5.580   -3.613  1.00 15.22 ? 12 DC  C N4     1 
ATOM   344  C C5     . DC  C 1 4 ? -6.453  5.086   -1.315  1.00 15.10 ? 12 DC  C C5     1 
ATOM   345  C C6     . DC  C 1 4 ? -5.890  5.512   -0.163  1.00 16.35 ? 12 DC  C C6     1 
ATOM   346  H "H5'"  . DC  C 1 4 ? -4.414  4.656   4.667   1.00 0.00  ? 12 DC  C "H5'"  1 
ATOM   347  H "H5''" . DC  C 1 4 ? -4.773  4.116   3.009   1.00 0.00  ? 12 DC  C "H5''" 1 
ATOM   348  H "H4'"  . DC  C 1 4 ? -3.437  6.753   3.717   1.00 0.00  ? 12 DC  C "H4'"  1 
ATOM   349  H "H3'"  . DC  C 1 4 ? -6.282  5.755   3.093   1.00 0.00  ? 12 DC  C "H3'"  1 
ATOM   350  H "HO3'" . DC  C 1 4 ? -5.361  7.913   4.679   1.00 0.00  ? 12 DC  C "HO3'" 1 
ATOM   351  H "H2'"  . DC  C 1 4 ? -6.703  7.607   1.751   1.00 0.00  ? 12 DC  C "H2'"  1 
ATOM   352  H "H2''" . DC  C 1 4 ? -5.489  8.606   2.585   1.00 0.00  ? 12 DC  C "H2''" 1 
ATOM   353  H "H1'"  . DC  C 1 4 ? -4.064  8.098   0.970   1.00 0.00  ? 12 DC  C "H1'"  1 
ATOM   354  H H41    . DC  C 1 4 ? -7.448  4.819   -3.662  1.00 0.00  ? 12 DC  C H41    1 
ATOM   355  H H42    . DC  C 1 4 ? -6.566  6.112   -4.443  1.00 0.00  ? 12 DC  C H42    1 
ATOM   356  H H5     . DC  C 1 4 ? -7.060  4.182   -1.359  1.00 0.00  ? 12 DC  C H5     1 
ATOM   357  H H6     . DC  C 1 4 ? -5.972  4.894   0.731   1.00 0.00  ? 12 DC  C H6     1 
ATOM   358  O "O5'"  . DC  D 1 1 ? 14.371  5.504   -10.632 1.00 18.75 ? 13 DC  D "O5'"  1 
ATOM   359  C "C5'"  . DC  D 1 1 ? 13.726  5.349   -11.910 1.00 17.31 ? 13 DC  D "C5'"  1 
ATOM   360  C "C4'"  . DC  D 1 1 ? 12.399  4.600   -11.820 1.00 16.78 ? 13 DC  D "C4'"  1 
ATOM   361  O "O4'"  . DC  D 1 1 ? 12.595  3.288   -11.331 1.00 16.16 ? 13 DC  D "O4'"  1 
ATOM   362  C "C3'"  . DC  D 1 1 ? 11.384  5.295   -10.901 1.00 16.89 ? 13 DC  D "C3'"  1 
ATOM   363  O "O3'"  . DC  D 1 1 ? 10.785  6.426   -11.580 1.00 17.74 ? 13 DC  D "O3'"  1 
ATOM   364  C "C2'"  . DC  D 1 1 ? 10.478  4.123   -10.613 1.00 15.86 ? 13 DC  D "C2'"  1 
ATOM   365  C "C1'"  . DC  D 1 1 ? 11.439  2.957   -10.562 1.00 15.79 ? 13 DC  D "C1'"  1 
ATOM   366  N N1     . DC  D 1 1 ? 11.826  2.523   -9.215  1.00 14.98 ? 13 DC  D N1     1 
ATOM   367  C C2     . DC  D 1 1 ? 11.330  1.323   -8.787  1.00 14.34 ? 13 DC  D C2     1 
ATOM   368  O O2     . DC  D 1 1 ? 10.783  0.544   -9.557  1.00 14.93 ? 13 DC  D O2     1 
ATOM   369  N N3     . DC  D 1 1 ? 11.512  0.984   -7.502  1.00 14.30 ? 13 DC  D N3     1 
ATOM   370  C C4     . DC  D 1 1 ? 12.229  1.733   -6.687  1.00 12.93 ? 13 DC  D C4     1 
ATOM   371  N N4     . DC  D 1 1 ? 12.442  1.296   -5.459  1.00 12.54 ? 13 DC  D N4     1 
ATOM   372  C C5     . DC  D 1 1 ? 12.737  2.980   -7.106  1.00 12.80 ? 13 DC  D C5     1 
ATOM   373  C C6     . DC  D 1 1 ? 12.556  3.303   -8.391  1.00 13.48 ? 13 DC  D C6     1 
ATOM   374  H "H5'"  . DC  D 1 1 ? 14.393  4.796   -12.571 1.00 0.00  ? 13 DC  D "H5'"  1 
ATOM   375  H "H5''" . DC  D 1 1 ? 13.539  6.339   -12.327 1.00 0.00  ? 13 DC  D "H5''" 1 
ATOM   376  H "H4'"  . DC  D 1 1 ? 11.950  4.548   -12.812 1.00 0.00  ? 13 DC  D "H4'"  1 
ATOM   377  H "H3'"  . DC  D 1 1 ? 11.851  5.679   -9.996  1.00 0.00  ? 13 DC  D "H3'"  1 
ATOM   378  H "H2'"  . DC  D 1 1 ? 9.966   4.249   -9.661  1.00 0.00  ? 13 DC  D "H2'"  1 
ATOM   379  H "H2''" . DC  D 1 1 ? 9.744   3.990   -11.408 1.00 0.00  ? 13 DC  D "H2''" 1 
ATOM   380  H "H1'"  . DC  D 1 1 ? 10.898  2.152   -11.057 1.00 0.00  ? 13 DC  D "H1'"  1 
ATOM   381  H H41    . DC  D 1 1 ? 12.022  0.430   -5.151  1.00 0.00  ? 13 DC  D H41    1 
ATOM   382  H H42    . DC  D 1 1 ? 13.023  1.828   -4.827  1.00 0.00  ? 13 DC  D H42    1 
ATOM   383  H H5     . DC  D 1 1 ? 13.252  3.647   -6.416  1.00 0.00  ? 13 DC  D H5     1 
ATOM   384  H H6     . DC  D 1 1 ? 13.007  4.216   -8.780  1.00 0.00  ? 13 DC  D H6     1 
ATOM   385  H "HO5'" . DC  D 1 1 ? 13.773  5.999   -10.068 1.00 0.00  ? 13 DC  D "HO5'" 1 
ATOM   386  P P      . DC  D 1 2 ? 9.856   7.572   -10.928 1.00 17.96 ? 14 DC  D P      1 
ATOM   387  O OP1    . DC  D 1 2 ? 9.782   8.714   -11.856 1.00 19.09 ? 14 DC  D OP1    1 
ATOM   388  O OP2    . DC  D 1 2 ? 10.339  7.770   -9.548  1.00 19.05 ? 14 DC  D OP2    1 
ATOM   389  O "O5'"  . DC  D 1 2 ? 8.423   6.872   -10.886 1.00 18.16 ? 14 DC  D "O5'"  1 
ATOM   390  C "C5'"  . DC  D 1 2 ? 7.708   6.535   -12.076 1.00 17.38 ? 14 DC  D "C5'"  1 
ATOM   391  C "C4'"  . DC  D 1 2 ? 6.411   5.801   -11.726 1.00 17.17 ? 14 DC  D "C4'"  1 
ATOM   392  O "O4'"  . DC  D 1 2 ? 6.728   4.748   -10.822 1.00 17.08 ? 14 DC  D "O4'"  1 
ATOM   393  C "C3'"  . DC  D 1 2 ? 5.381   6.628   -10.985 1.00 16.70 ? 14 DC  D "C3'"  1 
ATOM   394  O "O3'"  . DC  D 1 2 ? 4.687   7.438   -11.910 1.00 17.93 ? 14 DC  D "O3'"  1 
ATOM   395  C "C2'"  . DC  D 1 2 ? 4.530   5.534   -10.390 1.00 16.57 ? 14 DC  D "C2'"  1 
ATOM   396  C "C1'"  . DC  D 1 2 ? 5.561   4.469   -10.033 1.00 15.33 ? 14 DC  D "C1'"  1 
ATOM   397  N N1     . DC  D 1 2 ? 5.933   4.475   -8.625  1.00 13.89 ? 14 DC  D N1     1 
ATOM   398  C C2     . DC  D 1 2 ? 5.602   3.370   -7.900  1.00 12.70 ? 14 DC  D C2     1 
ATOM   399  O O2     . DC  D 1 2 ? 5.067   2.388   -8.422  1.00 12.94 ? 14 DC  D O2     1 
ATOM   400  N N3     . DC  D 1 2 ? 5.925   3.388   -6.585  1.00 11.78 ? 14 DC  D N3     1 
ATOM   401  C C4     . DC  D 1 2 ? 6.579   4.395   -6.006  1.00 11.57 ? 14 DC  D C4     1 
ATOM   402  N N4     . DC  D 1 2 ? 6.842   4.327   -4.709  1.00 10.19 ? 14 DC  D N4     1 
ATOM   403  C C5     . DC  D 1 2 ? 7.044   5.490   -6.783  1.00 12.11 ? 14 DC  D C5     1 
ATOM   404  C C6     . DC  D 1 2 ? 6.703   5.477   -8.080  1.00 13.19 ? 14 DC  D C6     1 
ATOM   405  H "H5'"  . DC  D 1 2 ? 8.329   5.891   -12.698 1.00 0.00  ? 14 DC  D "H5'"  1 
ATOM   406  H "H5''" . DC  D 1 2 ? 7.469   7.448   -12.623 1.00 0.00  ? 14 DC  D "H5''" 1 
ATOM   407  H "H4'"  . DC  D 1 2 ? 5.965   5.389   -12.632 1.00 0.00  ? 14 DC  D "H4'"  1 
ATOM   408  H "H3'"  . DC  D 1 2 ? 5.840   7.245   -10.214 1.00 0.00  ? 14 DC  D "H3'"  1 
ATOM   409  H "H2'"  . DC  D 1 2 ? 4.004   5.885   -9.502  1.00 0.00  ? 14 DC  D "H2'"  1 
ATOM   410  H "H2''" . DC  D 1 2 ? 3.810   5.158   -11.116 1.00 0.00  ? 14 DC  D "H2''" 1 
ATOM   411  H "H1'"  . DC  D 1 2 ? 5.162   3.491   -10.303 1.00 0.00  ? 14 DC  D "H1'"  1 
ATOM   412  H H41    . DC  D 1 2 ? 7.379   5.058   -4.263  1.00 0.00  ? 14 DC  D H41    1 
ATOM   413  H H42    . DC  D 1 2 ? 6.507   3.544   -4.166  1.00 0.00  ? 14 DC  D H42    1 
ATOM   414  H H5     . DC  D 1 2 ? 7.641   6.291   -6.351  1.00 0.00  ? 14 DC  D H5     1 
ATOM   415  H H6     . DC  D 1 2 ? 7.046   6.287   -8.723  1.00 0.00  ? 14 DC  D H6     1 
ATOM   416  P P      . DC  D 1 3 ? 3.818   8.716   -11.511 1.00 18.49 ? 15 DC  D P      1 
ATOM   417  O OP1    . DC  D 1 3 ? 3.608   9.488   -12.752 1.00 18.66 ? 15 DC  D OP1    1 
ATOM   418  O OP2    . DC  D 1 3 ? 4.426   9.421   -10.371 1.00 18.71 ? 15 DC  D OP2    1 
ATOM   419  O "O5'"  . DC  D 1 3 ? 2.474   8.031   -11.013 1.00 17.63 ? 15 DC  D "O5'"  1 
ATOM   420  C "C5'"  . DC  D 1 3 ? 1.609   7.351   -11.939 1.00 17.39 ? 15 DC  D "C5'"  1 
ATOM   421  C "C4'"  . DC  D 1 3 ? 0.374   6.812   -11.255 1.00 17.16 ? 15 DC  D "C4'"  1 
ATOM   422  O "O4'"  . DC  D 1 3 ? 0.766   6.108   -10.083 1.00 16.83 ? 15 DC  D "O4'"  1 
ATOM   423  C "C3'"  . DC  D 1 3 ? -0.491  7.945   -10.735 1.00 17.56 ? 15 DC  D "C3'"  1 
ATOM   424  O "O3'"  . DC  D 1 3 ? -1.283  8.487   -11.797 1.00 18.89 ? 15 DC  D "O3'"  1 
ATOM   425  C "C2'"  . DC  D 1 3 ? -1.268  7.215   -9.667  1.00 16.53 ? 15 DC  D "C2'"  1 
ATOM   426  C "C1'"  . DC  D 1 3 ? -0.326  6.129   -9.180  1.00 15.67 ? 15 DC  D "C1'"  1 
ATOM   427  N N1     . DC  D 1 3 ? 0.179   6.449   -7.846  1.00 15.84 ? 15 DC  D N1     1 
ATOM   428  C C2     . DC  D 1 3 ? -0.103  5.554   -6.819  1.00 14.77 ? 15 DC  D C2     1 
ATOM   429  O O2     . DC  D 1 3 ? -0.702  4.487   -6.993  1.00 15.93 ? 15 DC  D O2     1 
ATOM   430  N N3     . DC  D 1 3 ? 0.317   5.885   -5.581  1.00 14.87 ? 15 DC  D N3     1 
ATOM   431  C C4     . DC  D 1 3 ? 0.938   7.036   -5.331  1.00 13.99 ? 15 DC  D C4     1 
ATOM   432  N N4     . DC  D 1 3 ? 1.317   7.247   -4.084  1.00 13.82 ? 15 DC  D N4     1 
ATOM   433  C C5     . DC  D 1 3 ? 1.233   7.967   -6.364  1.00 13.52 ? 15 DC  D C5     1 
ATOM   434  C C6     . DC  D 1 3 ? 0.879   7.618   -7.612  1.00 14.06 ? 15 DC  D C6     1 
ATOM   435  H "H5'"  . DC  D 1 3 ? 2.155   6.522   -12.389 1.00 0.00  ? 15 DC  D "H5'"  1 
ATOM   436  H "H5''" . DC  D 1 3 ? 1.306   8.051   -12.718 1.00 0.00  ? 15 DC  D "H5''" 1 
ATOM   437  H "H4'"  . DC  D 1 3 ? -0.152  6.136   -11.930 1.00 0.00  ? 15 DC  D "H4'"  1 
ATOM   438  H "H3'"  . DC  D 1 3 ? 0.110   8.750   -10.316 1.00 0.00  ? 15 DC  D "H3'"  1 
ATOM   439  H "H2'"  . DC  D 1 3 ? -1.529  7.890   -8.853  1.00 0.00  ? 15 DC  D "H2'"  1 
ATOM   440  H "H2''" . DC  D 1 3 ? -2.175  6.779   -10.083 1.00 0.00  ? 15 DC  D "H2''" 1 
ATOM   441  H "H1'"  . DC  D 1 3 ? -0.810  5.153   -9.165  1.00 0.00  ? 15 DC  D "H1'"  1 
ATOM   442  H H41    . DC  D 1 3 ? 1.828   8.086   -3.847  1.00 0.00  ? 15 DC  D H41    1 
ATOM   443  H H42    . DC  D 1 3 ? 1.095   6.571   -3.368  1.00 0.00  ? 15 DC  D H42    1 
ATOM   444  H H5     . DC  D 1 3 ? 1.723   8.916   -6.155  1.00 0.00  ? 15 DC  D H5     1 
ATOM   445  H H6     . DC  D 1 3 ? 1.147   8.264   -8.449  1.00 0.00  ? 15 DC  D H6     1 
ATOM   446  P P      . DC  D 1 4 ? -2.108  9.854   -11.687 1.00 19.80 ? 16 DC  D P      1 
ATOM   447  O OP1    . DC  D 1 4 ? -2.443  10.261  -13.066 1.00 20.64 ? 16 DC  D OP1    1 
ATOM   448  O OP2    . DC  D 1 4 ? -1.412  10.824  -10.812 1.00 20.54 ? 16 DC  D OP2    1 
ATOM   449  O "O5'"  . DC  D 1 4 ? -3.442  9.485   -10.894 1.00 21.29 ? 16 DC  D "O5'"  1 
ATOM   450  C "C5'"  . DC  D 1 4 ? -4.335  8.446   -11.305 1.00 22.78 ? 16 DC  D "C5'"  1 
ATOM   451  C "C4'"  . DC  D 1 4 ? -5.478  8.155   -10.328 1.00 22.61 ? 16 DC  D "C4'"  1 
ATOM   452  O "O4'"  . DC  D 1 4 ? -4.976  8.111   -9.004  1.00 21.69 ? 16 DC  D "O4'"  1 
ATOM   453  C "C3'"  . DC  D 1 4 ? -6.713  9.070   -10.349 1.00 22.54 ? 16 DC  D "C3'"  1 
ATOM   454  O "O3'"  . DC  D 1 4 ? -7.857  8.203   -10.429 1.00 27.72 ? 16 DC  D "O3'"  1 
ATOM   455  C "C2'"  . DC  D 1 4 ? -6.726  9.541   -8.935  1.00 21.83 ? 16 DC  D "C2'"  1 
ATOM   456  C "C1'"  . DC  D 1 4 ? -6.039  8.470   -8.143  1.00 19.96 ? 16 DC  D "C1'"  1 
ATOM   457  N N1     . DC  D 1 4 ? -5.499  8.925   -6.866  1.00 17.58 ? 16 DC  D N1     1 
ATOM   458  C C2     . DC  D 1 4 ? -5.668  8.122   -5.757  1.00 15.95 ? 16 DC  D C2     1 
ATOM   459  O O2     . DC  D 1 4 ? -6.177  6.989   -5.827  1.00 15.97 ? 16 DC  D O2     1 
ATOM   460  N N3     . DC  D 1 4 ? -5.234  8.603   -4.573  1.00 15.34 ? 16 DC  D N3     1 
ATOM   461  C C4     . DC  D 1 4 ? -4.643  9.762   -4.475  1.00 14.97 ? 16 DC  D C4     1 
ATOM   462  N N4     . DC  D 1 4 ? -4.339  10.224  -3.262  1.00 15.86 ? 16 DC  D N4     1 
ATOM   463  C C5     . DC  D 1 4 ? -4.404  10.594  -5.611  1.00 15.90 ? 16 DC  D C5     1 
ATOM   464  C C6     . DC  D 1 4 ? -4.821  10.095  -6.794  1.00 16.10 ? 16 DC  D C6     1 
ATOM   465  H "H5'"  . DC  D 1 4 ? -3.757  7.532   -11.429 1.00 0.00  ? 16 DC  D "H5'"  1 
ATOM   466  H "H5''" . DC  D 1 4 ? -4.773  8.734   -12.261 1.00 0.00  ? 16 DC  D "H5''" 1 
ATOM   467  H "H4'"  . DC  D 1 4 ? -5.930  7.196   -10.576 1.00 0.00  ? 16 DC  D "H4'"  1 
ATOM   468  H "H3'"  . DC  D 1 4 ? -6.588  9.896   -11.046 1.00 0.00  ? 16 DC  D "H3'"  1 
ATOM   469  H "HO3'" . DC  D 1 4 ? -7.614  7.371   -10.017 1.00 0.00  ? 16 DC  D "HO3'" 1 
ATOM   470  H "H2'"  . DC  D 1 4 ? -6.187  10.485  -8.844  1.00 0.00  ? 16 DC  D "H2'"  1 
ATOM   471  H "H2''" . DC  D 1 4 ? -7.751  9.672   -8.587  1.00 0.00  ? 16 DC  D "H2''" 1 
ATOM   472  H "H1'"  . DC  D 1 4 ? -6.681  7.604   -7.978  1.00 0.00  ? 16 DC  D "H1'"  1 
ATOM   473  H H41    . DC  D 1 4 ? -4.003  11.170  -3.151  1.00 0.00  ? 16 DC  D H41    1 
ATOM   474  H H42    . DC  D 1 4 ? -4.445  9.628   -2.453  1.00 0.00  ? 16 DC  D H42    1 
ATOM   475  H H5     . DC  D 1 4 ? -3.917  11.565  -5.529  1.00 0.00  ? 16 DC  D H5     1 
ATOM   476  H H6     . DC  D 1 4 ? -4.608  10.646  -7.710  1.00 0.00  ? 16 DC  D H6     1 
ATOM   477  O "O5'"  . DC  E 1 1 ? 6.489   -8.143  -6.073  1.00 36.65 ? 17 DC  E "O5'"  1 
ATOM   478  C "C5'"  . DC  E 1 1 ? 5.303   -8.467  -6.824  1.00 34.83 ? 17 DC  E "C5'"  1 
ATOM   479  C "C4'"  . DC  E 1 1 ? 4.100   -8.844  -5.933  1.00 33.60 ? 17 DC  E "C4'"  1 
ATOM   480  O "O4'"  . DC  E 1 1 ? 4.450   -9.944  -5.108  1.00 32.91 ? 17 DC  E "O4'"  1 
ATOM   481  C "C3'"  . DC  E 1 1 ? 3.668   -7.733  -4.983  1.00 32.81 ? 17 DC  E "C3'"  1 
ATOM   482  O "O3'"  . DC  E 1 1 ? 2.818   -6.799  -5.686  1.00 33.09 ? 17 DC  E "O3'"  1 
ATOM   483  C "C2'"  . DC  E 1 1 ? 2.963   -8.526  -3.905  1.00 32.30 ? 17 DC  E "C2'"  1 
ATOM   484  C "C1'"  . DC  E 1 1 ? 3.638   -9.890  -3.940  1.00 31.76 ? 17 DC  E "C1'"  1 
ATOM   485  N N1     . DC  E 1 1 ? 4.457   -10.212 -2.764  1.00 29.92 ? 17 DC  E N1     1 
ATOM   486  C C2     . DC  E 1 1 ? 4.038   -11.277 -2.000  1.00 28.75 ? 17 DC  E C2     1 
ATOM   487  O O2     . DC  E 1 1 ? 2.996   -11.881 -2.247  1.00 28.12 ? 17 DC  E O2     1 
ATOM   488  N N3     . DC  E 1 1 ? 4.804   -11.651 -0.960  1.00 28.71 ? 17 DC  E N3     1 
ATOM   489  C C4     . DC  E 1 1 ? 5.969   -11.049 -0.703  1.00 29.51 ? 17 DC  E C4     1 
ATOM   490  N N4     . DC  E 1 1 ? 6.653   -11.425 0.371   1.00 29.60 ? 17 DC  E N4     1 
ATOM   491  C C5     . DC  E 1 1 ? 6.463   -9.981  -1.523  1.00 29.54 ? 17 DC  E C5     1 
ATOM   492  C C6     . DC  E 1 1 ? 5.662   -9.594  -2.533  1.00 30.14 ? 17 DC  E C6     1 
ATOM   493  H "H5'"  . DC  E 1 1 ? 5.528   -9.310  -7.477  1.00 0.00  ? 17 DC  E "H5'"  1 
ATOM   494  H "H5''" . DC  E 1 1 ? 5.029   -7.603  -7.428  1.00 0.00  ? 17 DC  E "H5''" 1 
ATOM   495  H "H4'"  . DC  E 1 1 ? 3.253   -9.117  -6.562  1.00 0.00  ? 17 DC  E "H4'"  1 
ATOM   496  H "H3'"  . DC  E 1 1 ? 4.527   -7.194  -4.584  1.00 0.00  ? 17 DC  E "H3'"  1 
ATOM   497  H "H2'"  . DC  E 1 1 ? 3.095   -8.055  -2.931  1.00 0.00  ? 17 DC  E "H2'"  1 
ATOM   498  H "H2''" . DC  E 1 1 ? 1.900   -8.616  -4.125  1.00 0.00  ? 17 DC  E "H2''" 1 
ATOM   499  H "H1'"  . DC  E 1 1 ? 2.826   -10.611 -4.026  1.00 0.00  ? 17 DC  E "H1'"  1 
ATOM   500  H H41    . DC  E 1 1 ? 7.518   -10.960 0.607   1.00 0.00  ? 17 DC  E H41    1 
ATOM   501  H H42    . DC  E 1 1 ? 6.309   -12.177 0.951   1.00 0.00  ? 17 DC  E H42    1 
ATOM   502  H H5     . DC  E 1 1 ? 7.429   -9.512  -1.340  1.00 0.00  ? 17 DC  E H5     1 
ATOM   503  H H6     . DC  E 1 1 ? 5.976   -8.775  -3.180  1.00 0.00  ? 17 DC  E H6     1 
ATOM   504  H "HO5'" . DC  E 1 1 ? 6.275   -7.395  -5.512  1.00 0.00  ? 17 DC  E "HO5'" 1 
ATOM   505  P P      . DC  E 1 2 ? 2.656   -5.268  -5.185  1.00 32.24 ? 18 DC  E P      1 
ATOM   506  O OP1    . DC  E 1 2 ? 2.241   -4.431  -6.336  1.00 32.36 ? 18 DC  E OP1    1 
ATOM   507  O OP2    . DC  E 1 2 ? 3.910   -4.924  -4.459  1.00 32.28 ? 18 DC  E OP2    1 
ATOM   508  O "O5'"  . DC  E 1 2 ? 1.447   -5.390  -4.105  1.00 30.27 ? 18 DC  E "O5'"  1 
ATOM   509  C "C5'"  . DC  E 1 2 ? 0.165   -5.961  -4.409  1.00 26.65 ? 18 DC  E "C5'"  1 
ATOM   510  C "C4'"  . DC  E 1 2 ? -0.647  -6.152  -3.129  1.00 24.72 ? 18 DC  E "C4'"  1 
ATOM   511  O "O4'"  . DC  E 1 2 ? 0.110   -6.863  -2.155  1.00 23.80 ? 18 DC  E "O4'"  1 
ATOM   512  C "C3'"  . DC  E 1 2 ? -1.008  -4.854  -2.417  1.00 24.81 ? 18 DC  E "C3'"  1 
ATOM   513  O "O3'"  . DC  E 1 2 ? -2.167  -4.313  -3.058  1.00 25.80 ? 18 DC  E "O3'"  1 
ATOM   514  C "C2'"  . DC  E 1 2 ? -1.267  -5.320  -1.002  1.00 23.40 ? 18 DC  E "C2'"  1 
ATOM   515  C "C1'"  . DC  E 1 2 ? -0.542  -6.650  -0.894  1.00 22.01 ? 18 DC  E "C1'"  1 
ATOM   516  N N1     . DC  E 1 2 ? 0.462   -6.630  0.161   1.00 20.12 ? 18 DC  E N1     1 
ATOM   517  C C2     . DC  E 1 2 ? 0.323   -7.494  1.224   1.00 19.41 ? 18 DC  E C2     1 
ATOM   518  O O2     . DC  E 1 2 ? -0.632  -8.271  1.322   1.00 19.67 ? 18 DC  E O2     1 
ATOM   519  N N3     . DC  E 1 2 ? 1.282   -7.483  2.180   1.00 18.33 ? 18 DC  E N3     1 
ATOM   520  C C4     . DC  E 1 2 ? 2.324   -6.671  2.120   1.00 16.97 ? 18 DC  E C4     1 
ATOM   521  N N4     . DC  E 1 2 ? 3.158   -6.627  3.149   1.00 16.40 ? 18 DC  E N4     1 
ATOM   522  C C5     . DC  E 1 2 ? 2.500   -5.798  1.014   1.00 18.32 ? 18 DC  E C5     1 
ATOM   523  C C6     . DC  E 1 2 ? 1.533   -5.794  0.081   1.00 19.52 ? 18 DC  E C6     1 
ATOM   524  H "H5'"  . DC  E 1 2 ? 0.307   -6.928  -4.892  1.00 0.00  ? 18 DC  E "H5'"  1 
ATOM   525  H "H5''" . DC  E 1 2 ? -0.375  -5.295  -5.081  1.00 0.00  ? 18 DC  E "H5''" 1 
ATOM   526  H "H4'"  . DC  E 1 2 ? -1.552  -6.714  -3.359  1.00 0.00  ? 18 DC  E "H4'"  1 
ATOM   527  H "H3'"  . DC  E 1 2 ? -0.183  -4.142  -2.452  1.00 0.00  ? 18 DC  E "H3'"  1 
ATOM   528  H "H2'"  . DC  E 1 2 ? -0.866  -4.606  -0.284  1.00 0.00  ? 18 DC  E "H2'"  1 
ATOM   529  H "H2''" . DC  E 1 2 ? -2.334  -5.449  -0.830  1.00 0.00  ? 18 DC  E "H2''" 1 
ATOM   530  H "H1'"  . DC  E 1 2 ? -1.252  -7.457  -0.708  1.00 0.00  ? 18 DC  E "H1'"  1 
ATOM   531  H H41    . DC  E 1 2 ? 3.925   -5.969  3.149   1.00 0.00  ? 18 DC  E H41    1 
ATOM   532  H H42    . DC  E 1 2 ? 3.027   -7.250  3.932   1.00 0.00  ? 18 DC  E H42    1 
ATOM   533  H H5     . DC  E 1 2 ? 3.378   -5.160  0.926   1.00 0.00  ? 18 DC  E H5     1 
ATOM   534  H H6     . DC  E 1 2 ? 1.608   -5.106  -0.760  1.00 0.00  ? 18 DC  E H6     1 
ATOM   535  P P      . DC  E 1 3 ? -2.754  -2.850  -2.822  1.00 25.86 ? 19 DC  E P      1 
ATOM   536  O OP1    . DC  E 1 3 ? -3.597  -2.516  -3.985  1.00 26.87 ? 19 DC  E OP1    1 
ATOM   537  O OP2    . DC  E 1 3 ? -1.703  -1.912  -2.324  1.00 25.00 ? 19 DC  E OP2    1 
ATOM   538  O "O5'"  . DC  E 1 3 ? -3.740  -3.327  -1.621  1.00 24.92 ? 19 DC  E "O5'"  1 
ATOM   539  C "C5'"  . DC  E 1 3 ? -4.575  -2.391  -0.936  1.00 22.13 ? 19 DC  E "C5'"  1 
ATOM   540  C "C4'"  . DC  E 1 3 ? -5.090  -2.985  0.363   1.00 20.57 ? 19 DC  E "C4'"  1 
ATOM   541  O "O4'"  . DC  E 1 3 ? -4.047  -3.254  1.273   1.00 18.84 ? 19 DC  E "O4'"  1 
ATOM   542  C "C3'"  . DC  E 1 3 ? -5.988  -1.997  1.058   1.00 20.71 ? 19 DC  E "C3'"  1 
ATOM   543  O "O3'"  . DC  E 1 3 ? -7.249  -2.635  1.032   1.00 22.64 ? 19 DC  E "O3'"  1 
ATOM   544  C "C2'"  . DC  E 1 3 ? -5.429  -1.882  2.469   1.00 18.65 ? 19 DC  E "C2'"  1 
ATOM   545  C "C1'"  . DC  E 1 3 ? -4.515  -3.054  2.592   1.00 17.15 ? 19 DC  E "C1'"  1 
ATOM   546  N N1     . DC  E 1 3 ? -3.353  -2.800  3.461   1.00 15.93 ? 19 DC  E N1     1 
ATOM   547  C C2     . DC  E 1 3 ? -3.218  -3.577  4.612   1.00 14.48 ? 19 DC  E C2     1 
ATOM   548  O O2     . DC  E 1 3 ? -4.011  -4.484  4.853   1.00 13.34 ? 19 DC  E O2     1 
ATOM   549  N N3     . DC  E 1 3 ? -2.174  -3.318  5.447   1.00 14.57 ? 19 DC  E N3     1 
ATOM   550  C C4     . DC  E 1 3 ? -1.298  -2.352  5.169   1.00 14.25 ? 19 DC  E C4     1 
ATOM   551  N N4     . DC  E 1 3 ? -0.366  -2.067  6.065   1.00 13.78 ? 19 DC  E N4     1 
ATOM   552  C C5     . DC  E 1 3 ? -1.385  -1.600  3.967   1.00 14.47 ? 19 DC  E C5     1 
ATOM   553  C C6     . DC  E 1 3 ? -2.423  -1.853  3.145   1.00 15.52 ? 19 DC  E C6     1 
ATOM   554  H "H5'"  . DC  E 1 3 ? -5.422  -2.134  -1.572  1.00 0.00  ? 19 DC  E "H5'"  1 
ATOM   555  H "H5''" . DC  E 1 3 ? -3.999  -1.492  -0.715  1.00 0.00  ? 19 DC  E "H5''" 1 
ATOM   556  H "H4'"  . DC  E 1 3 ? -5.612  -3.916  0.141   1.00 0.00  ? 19 DC  E "H4'"  1 
ATOM   557  H "H3'"  . DC  E 1 3 ? -5.956  -1.032  0.554   1.00 0.00  ? 19 DC  E "H3'"  1 
ATOM   558  H "H2'"  . DC  E 1 3 ? -4.880  -0.949  2.593   1.00 0.00  ? 19 DC  E "H2'"  1 
ATOM   559  H "H2''" . DC  E 1 3 ? -6.228  -1.935  3.207   1.00 0.00  ? 19 DC  E "H2''" 1 
ATOM   560  H "H1'"  . DC  E 1 3 ? -5.043  -3.944  2.935   1.00 0.00  ? 19 DC  E "H1'"  1 
ATOM   561  H H41    . DC  E 1 3 ? 0.284   -1.313  5.895   1.00 0.00  ? 19 DC  E H41    1 
ATOM   562  H H42    . DC  E 1 3 ? -0.306  -2.602  6.920   1.00 0.00  ? 19 DC  E H42    1 
ATOM   563  H H5     . DC  E 1 3 ? -0.639  -0.846  3.717   1.00 0.00  ? 19 DC  E H5     1 
ATOM   564  H H6     . DC  E 1 3 ? -2.520  -1.292  2.215   1.00 0.00  ? 19 DC  E H6     1 
ATOM   565  P P      . DC  E 1 4 ? -8.616  -1.838  0.943   1.00 23.85 ? 20 DC  E P      1 
ATOM   566  O OP1    . DC  E 1 4 ? -9.685  -2.856  0.900   1.00 25.02 ? 20 DC  E OP1    1 
ATOM   567  O OP2    . DC  E 1 4 ? -8.532  -0.769  -0.078  1.00 24.12 ? 20 DC  E OP2    1 
ATOM   568  O "O5'"  . DC  E 1 4 ? -8.640  -1.099  2.342   1.00 24.05 ? 20 DC  E "O5'"  1 
ATOM   569  C "C5'"  . DC  E 1 4 ? -9.575  -0.111  2.737   1.00 21.83 ? 20 DC  E "C5'"  1 
ATOM   570  C "C4'"  . DC  E 1 4 ? -9.808  -0.292  4.208   1.00 20.46 ? 20 DC  E "C4'"  1 
ATOM   571  O "O4'"  . DC  E 1 4 ? -8.584  -0.184  4.874   1.00 18.63 ? 20 DC  E "O4'"  1 
ATOM   572  C "C3'"  . DC  E 1 4 ? -10.740 0.742   4.792   1.00 20.94 ? 20 DC  E "C3'"  1 
ATOM   573  O "O3'"  . DC  E 1 4 ? -11.950 0.000   5.007   1.00 24.91 ? 20 DC  E "O3'"  1 
ATOM   574  C "C2'"  . DC  E 1 4 ? -10.023 1.109   6.092   1.00 19.58 ? 20 DC  E "C2'"  1 
ATOM   575  C "C1'"  . DC  E 1 4 ? -8.882  0.132   6.212   1.00 16.94 ? 20 DC  E "C1'"  1 
ATOM   576  N N1     . DC  E 1 4 ? -7.663  0.629   6.858   1.00 15.16 ? 20 DC  E N1     1 
ATOM   577  C C2     . DC  E 1 4 ? -7.276  0.012   8.021   1.00 14.34 ? 20 DC  E C2     1 
ATOM   578  O O2     . DC  E 1 4 ? -7.884  -0.972  8.483   1.00 15.85 ? 20 DC  E O2     1 
ATOM   579  N N3     . DC  E 1 4 ? -6.209  0.528   8.657   1.00 13.32 ? 20 DC  E N3     1 
ATOM   580  C C4     . DC  E 1 4 ? -5.482  1.500   8.158   1.00 11.93 ? 20 DC  E C4     1 
ATOM   581  N N4     . DC  E 1 4 ? -4.401  1.884   8.826   1.00 11.32 ? 20 DC  E N4     1 
ATOM   582  C C5     . DC  E 1 4 ? -5.819  2.090   6.921   1.00 12.45 ? 20 DC  E C5     1 
ATOM   583  C C6     . DC  E 1 4 ? -6.929  1.631   6.320   1.00 13.67 ? 20 DC  E C6     1 
ATOM   584  H "H5'"  . DC  E 1 4 ? -10.509 -0.241  2.192   1.00 0.00  ? 20 DC  E "H5'"  1 
ATOM   585  H "H5''" . DC  E 1 4 ? -9.173  0.883   2.541   1.00 0.00  ? 20 DC  E "H5''" 1 
ATOM   586  H "H4'"  . DC  E 1 4 ? -10.240 -1.275  4.393   1.00 0.00  ? 20 DC  E "H4'"  1 
ATOM   587  H "H3'"  . DC  E 1 4 ? -10.836 1.605   4.136   1.00 0.00  ? 20 DC  E "H3'"  1 
ATOM   588  H "HO3'" . DC  E 1 4 ? -11.710 -0.815  5.454   1.00 0.00  ? 20 DC  E "HO3'" 1 
ATOM   589  H "H2'"  . DC  E 1 4 ? -9.646  2.131   6.043   1.00 0.00  ? 20 DC  E "H2'"  1 
ATOM   590  H "H2''" . DC  E 1 4 ? -10.699 1.011   6.941   1.00 0.00  ? 20 DC  E "H2''" 1 
ATOM   591  H "H1'"  . DC  E 1 4 ? -9.235  -0.760  6.730   1.00 0.00  ? 20 DC  E "H1'"  1 
ATOM   592  H H41    . DC  E 1 4 ? -3.806  2.609   8.449   1.00 0.00  ? 20 DC  E H41    1 
ATOM   593  H H42    . DC  E 1 4 ? -4.172  1.453   9.710   1.00 0.00  ? 20 DC  E H42    1 
ATOM   594  H H5     . DC  E 1 4 ? -5.210  2.877   6.477   1.00 0.00  ? 20 DC  E H5     1 
ATOM   595  H H6     . DC  E 1 4 ? -7.246  2.076   5.376   1.00 0.00  ? 20 DC  E H6     1 
ATOM   596  O "O5'"  . DC  F 1 1 ? 2.479   -17.511 5.005   1.00 40.43 ? 21 DC  F "O5'"  1 
ATOM   597  C "C5'"  . DC  F 1 1 ? 3.782   -17.890 5.511   1.00 39.76 ? 21 DC  F "C5'"  1 
ATOM   598  C "C4'"  . DC  F 1 1 ? 4.892   -16.777 5.538   1.00 39.32 ? 21 DC  F "C4'"  1 
ATOM   599  O "O4'"  . DC  F 1 1 ? 5.224   -16.252 4.223   1.00 38.36 ? 21 DC  F "O4'"  1 
ATOM   600  C "C3'"  . DC  F 1 1 ? 4.576   -15.537 6.393   1.00 39.26 ? 21 DC  F "C3'"  1 
ATOM   601  O "O3'"  . DC  F 1 1 ? 5.805   -15.010 6.903   1.00 40.64 ? 21 DC  F "O3'"  1 
ATOM   602  C "C2'"  . DC  F 1 1 ? 4.007   -14.568 5.386   1.00 37.63 ? 21 DC  F "C2'"  1 
ATOM   603  C "C1'"  . DC  F 1 1 ? 4.876   -14.855 4.166   1.00 36.07 ? 21 DC  F "C1'"  1 
ATOM   604  N N1     . DC  F 1 1 ? 4.183   -14.599 2.899   1.00 33.39 ? 21 DC  F N1     1 
ATOM   605  C C2     . DC  F 1 1 ? 4.760   -13.701 2.038   1.00 31.57 ? 21 DC  F C2     1 
ATOM   606  O O2     . DC  F 1 1 ? 5.763   -13.065 2.363   1.00 31.22 ? 21 DC  F O2     1 
ATOM   607  N N3     . DC  F 1 1 ? 4.198   -13.534 0.829   1.00 29.90 ? 21 DC  F N3     1 
ATOM   608  C C4     . DC  F 1 1 ? 3.120   -14.208 0.473   1.00 28.70 ? 21 DC  F C4     1 
ATOM   609  N N4     . DC  F 1 1 ? 2.501   -13.896 -0.651  1.00 28.35 ? 21 DC  F N4     1 
ATOM   610  C C5     . DC  F 1 1 ? 2.554   -15.201 1.313   1.00 29.76 ? 21 DC  F C5     1 
ATOM   611  C C6     . DC  F 1 1 ? 3.086   -15.318 2.538   1.00 31.64 ? 21 DC  F C6     1 
ATOM   612  H "H5'"  . DC  F 1 1 ? 4.151   -18.705 4.889   1.00 0.00  ? 21 DC  F "H5'"  1 
ATOM   613  H "H5''" . DC  F 1 1 ? 3.647   -18.244 6.532   1.00 0.00  ? 21 DC  F "H5''" 1 
ATOM   614  H "H4'"  . DC  F 1 1 ? 5.794   -17.201 5.977   1.00 0.00  ? 21 DC  F "H4'"  1 
ATOM   615  H "H3'"  . DC  F 1 1 ? 3.845   -15.771 7.167   1.00 0.00  ? 21 DC  F "H3'"  1 
ATOM   616  H "H2'"  . DC  F 1 1 ? 2.958   -14.775 5.184   1.00 0.00  ? 21 DC  F "H2'"  1 
ATOM   617  H "H2''" . DC  F 1 1 ? 4.119   -13.537 5.720   1.00 0.00  ? 21 DC  F "H2''" 1 
ATOM   618  H "H1'"  . DC  F 1 1 ? 5.780   -14.248 4.221   1.00 0.00  ? 21 DC  F "H1'"  1 
ATOM   619  H H41    . DC  F 1 1 ? 1.640   -14.361 -0.899  1.00 0.00  ? 21 DC  F H41    1 
ATOM   620  H H42    . DC  F 1 1 ? 2.888   -13.191 -1.262  1.00 0.00  ? 21 DC  F H42    1 
ATOM   621  H H5     . DC  F 1 1 ? 1.732   -15.835 0.981   1.00 0.00  ? 21 DC  F H5     1 
ATOM   622  H H6     . DC  F 1 1 ? 2.632   -15.999 3.256   1.00 0.00  ? 21 DC  F H6     1 
ATOM   623  H "HO5'" . DC  F 1 1 ? 2.614   -17.099 4.148   1.00 0.00  ? 21 DC  F "HO5'" 1 
ATOM   624  P P      . DC  F 1 2 ? 5.791   -14.554 8.447   1.00 42.88 ? 22 DC  F P      1 
ATOM   625  O OP1    . DC  F 1 2 ? 7.154   -14.095 8.844   1.00 42.83 ? 22 DC  F OP1    1 
ATOM   626  O OP2    . DC  F 1 2 ? 5.085   -15.610 9.236   1.00 43.13 ? 22 DC  F OP2    1 
ATOM   627  O "O5'"  . DC  F 1 2 ? 4.862   -13.250 8.281   1.00 41.01 ? 22 DC  F "O5'"  1 
ATOM   628  C "C5'"  . DC  F 1 2 ? 4.015   -12.685 9.278   1.00 36.87 ? 22 DC  F "C5'"  1 
ATOM   629  C "C4'"  . DC  F 1 2 ? 3.663   -11.297 8.818   1.00 33.65 ? 22 DC  F "C4'"  1 
ATOM   630  O "O4'"  . DC  F 1 2 ? 3.098   -11.328 7.535   1.00 31.58 ? 22 DC  F "O4'"  1 
ATOM   631  C "C3'"  . DC  F 1 2 ? 2.660   -10.641 9.680   1.00 33.44 ? 22 DC  F "C3'"  1 
ATOM   632  O "O3'"  . DC  F 1 2 ? 3.473   -10.074 10.690  1.00 35.42 ? 22 DC  F "O3'"  1 
ATOM   633  C "C2'"  . DC  F 1 2 ? 2.005   -9.658  8.739   1.00 31.15 ? 22 DC  F "C2'"  1 
ATOM   634  C "C1'"  . DC  F 1 2 ? 2.592   -10.015 7.394   1.00 28.53 ? 22 DC  F "C1'"  1 
ATOM   635  N N1     . DC  F 1 2 ? 1.633   -10.070 6.300   1.00 25.09 ? 22 DC  F N1     1 
ATOM   636  C C2     . DC  F 1 2 ? 1.831   -9.203  5.236   1.00 22.81 ? 22 DC  F C2     1 
ATOM   637  O O2     . DC  F 1 2 ? 2.813   -8.454  5.190   1.00 22.33 ? 22 DC  F O2     1 
ATOM   638  N N3     . DC  F 1 2 ? 0.910   -9.246  4.234   1.00 21.26 ? 22 DC  F N3     1 
ATOM   639  C C4     . DC  F 1 2 ? -0.097  -10.132 4.226   1.00 20.31 ? 22 DC  F C4     1 
ATOM   640  N N4     . DC  F 1 2 ? -1.016  -10.097 3.259   1.00 19.54 ? 22 DC  F N4     1 
ATOM   641  C C5     . DC  F 1 2 ? -0.196  -11.127 5.237   1.00 21.20 ? 22 DC  F C5     1 
ATOM   642  C C6     . DC  F 1 2 ? 0.696   -11.058 6.244   1.00 23.09 ? 22 DC  F C6     1 
ATOM   643  H "H5'"  . DC  F 1 2 ? 4.539   -12.642 10.233  1.00 0.00  ? 22 DC  F "H5'"  1 
ATOM   644  H "H5''" . DC  F 1 2 ? 3.111   -13.284 9.386   1.00 0.00  ? 22 DC  F "H5''" 1 
ATOM   645  H "H4'"  . DC  F 1 2 ? 4.567   -10.687 8.796   1.00 0.00  ? 22 DC  F "H4'"  1 
ATOM   646  H "H3'"  . DC  F 1 2 ? 1.937   -11.362 10.060  1.00 0.00  ? 22 DC  F "H3'"  1 
ATOM   647  H "H2'"  . DC  F 1 2 ? 0.923   -9.782  8.736   1.00 0.00  ? 22 DC  F "H2'"  1 
ATOM   648  H "H2''" . DC  F 1 2 ? 2.254   -8.632  9.012   1.00 0.00  ? 22 DC  F "H2''" 1 
ATOM   649  H "H1'"  . DC  F 1 2 ? 3.399   -9.322  7.156   1.00 0.00  ? 22 DC  F "H1'"  1 
ATOM   650  H H41    . DC  F 1 2 ? -1.802  -10.732 3.286   1.00 0.00  ? 22 DC  F H41    1 
ATOM   651  H H42    . DC  F 1 2 ? -0.927  -9.436  2.501   1.00 0.00  ? 22 DC  F H42    1 
ATOM   652  H H5     . DC  F 1 2 ? -0.955  -11.908 5.199   1.00 0.00  ? 22 DC  F H5     1 
ATOM   653  H H6     . DC  F 1 2 ? 0.669   -11.811 7.031   1.00 0.00  ? 22 DC  F H6     1 
ATOM   654  P P      . DC  F 1 3 ? 2.883   -9.731  12.147  1.00 37.53 ? 23 DC  F P      1 
ATOM   655  O OP1    . DC  F 1 3 ? 4.029   -9.666  13.094  1.00 38.47 ? 23 DC  F OP1    1 
ATOM   656  O OP2    . DC  F 1 3 ? 1.697   -10.578 12.437  1.00 35.74 ? 23 DC  F OP2    1 
ATOM   657  O "O5'"  . DC  F 1 3 ? 2.369   -8.257  11.842  1.00 35.19 ? 23 DC  F "O5'"  1 
ATOM   658  C "C5'"  . DC  F 1 3 ? 1.330   -7.631  12.570  1.00 30.65 ? 23 DC  F "C5'"  1 
ATOM   659  C "C4'"  . DC  F 1 3 ? 1.183   -6.224  12.062  1.00 27.66 ? 23 DC  F "C4'"  1 
ATOM   660  O "O4'"  . DC  F 1 3 ? 0.782   -6.213  10.723  1.00 25.24 ? 23 DC  F "O4'"  1 
ATOM   661  C "C3'"  . DC  F 1 3 ? 0.137   -5.553  12.844  1.00 27.00 ? 23 DC  F "C3'"  1 
ATOM   662  O "O3'"  . DC  F 1 3 ? 0.968   -5.008  13.829  1.00 28.80 ? 23 DC  F "O3'"  1 
ATOM   663  C "C2'"  . DC  F 1 3 ? -0.428  -4.560  11.872  1.00 24.92 ? 23 DC  F "C2'"  1 
ATOM   664  C "C1'"  . DC  F 1 3 ? 0.075   -5.017  10.519  1.00 22.95 ? 23 DC  F "C1'"  1 
ATOM   665  N N1     . DC  F 1 3 ? -0.978  -5.399  9.588   1.00 20.66 ? 23 DC  F N1     1 
ATOM   666  C C2     . DC  F 1 3 ? -1.117  -4.632  8.442   1.00 18.28 ? 23 DC  F C2     1 
ATOM   667  O O2     . DC  F 1 3 ? -0.357  -3.707  8.178   1.00 18.11 ? 23 DC  F O2     1 
ATOM   668  N N3     . DC  F 1 3 ? -2.126  -4.955  7.606   1.00 17.42 ? 23 DC  F N3     1 
ATOM   669  C C4     . DC  F 1 3 ? -2.952  -5.976  7.865   1.00 16.53 ? 23 DC  F C4     1 
ATOM   670  N N4     . DC  F 1 3 ? -3.999  -6.179  7.067   1.00 16.56 ? 23 DC  F N4     1 
ATOM   671  C C5     . DC  F 1 3 ? -2.776  -6.811  9.005   1.00 17.18 ? 23 DC  F C5     1 
ATOM   672  C C6     . DC  F 1 3 ? -1.761  -6.500  9.822   1.00 18.17 ? 23 DC  F C6     1 
ATOM   673  H "H5'"  . DC  F 1 3 ? 1.580   -7.617  13.631  1.00 0.00  ? 23 DC  F "H5'"  1 
ATOM   674  H "H5''" . DC  F 1 3 ? 0.397   -8.176  12.423  1.00 0.00  ? 23 DC  F "H5''" 1 
ATOM   675  H "H4'"  . DC  F 1 3 ? 2.141   -5.711  12.152  1.00 0.00  ? 23 DC  F "H4'"  1 
ATOM   676  H "H3'"  . DC  F 1 3 ? -0.625  -6.262  13.166  1.00 0.00  ? 23 DC  F "H3'"  1 
ATOM   677  H "H2'"  . DC  F 1 3 ? -1.518  -4.572  11.900  1.00 0.00  ? 23 DC  F "H2'"  1 
ATOM   678  H "H2''" . DC  F 1 3 ? -0.069  -3.557  12.096  1.00 0.00  ? 23 DC  F "H2''" 1 
ATOM   679  H "H1'"  . DC  F 1 3 ? 0.720   -4.254  10.084  1.00 0.00  ? 23 DC  F "H1'"  1 
ATOM   680  H H41    . DC  F 1 3 ? -4.689  -6.877  7.307   1.00 0.00  ? 23 DC  F H41    1 
ATOM   681  H H42    . DC  F 1 3 ? -4.103  -5.636  6.223   1.00 0.00  ? 23 DC  F H42    1 
ATOM   682  H H5     . DC  F 1 3 ? -3.433  -7.657  9.202   1.00 0.00  ? 23 DC  F H5     1 
ATOM   683  H H6     . DC  F 1 3 ? -1.555  -7.132  10.686  1.00 0.00  ? 23 DC  F H6     1 
ATOM   684  P P      . DC  F 1 4 ? 0.417   -4.585  15.232  1.00 30.24 ? 24 DC  F P      1 
ATOM   685  O OP1    . DC  F 1 4 ? 1.590   -4.386  16.098  1.00 31.45 ? 24 DC  F OP1    1 
ATOM   686  O OP2    . DC  F 1 4 ? -0.681  -5.510  15.638  1.00 29.68 ? 24 DC  F OP2    1 
ATOM   687  O "O5'"  . DC  F 1 4 ? -0.191  -3.157  14.866  1.00 28.43 ? 24 DC  F "O5'"  1 
ATOM   688  C "C5'"  . DC  F 1 4 ? -1.115  -2.528  15.751  1.00 26.77 ? 24 DC  F "C5'"  1 
ATOM   689  C "C4'"  . DC  F 1 4 ? -1.530  -1.182  15.225  1.00 24.54 ? 24 DC  F "C4'"  1 
ATOM   690  O "O4'"  . DC  F 1 4 ? -1.974  -1.382  13.888  1.00 23.20 ? 24 DC  F "O4'"  1 
ATOM   691  C "C3'"  . DC  F 1 4 ? -2.683  -0.613  16.013  1.00 23.72 ? 24 DC  F "C3'"  1 
ATOM   692  O "O3'"  . DC  F 1 4 ? -2.210  0.119   17.159  1.00 25.68 ? 24 DC  F "O3'"  1 
ATOM   693  C "C2'"  . DC  F 1 4 ? -3.305  0.255   14.960  1.00 22.89 ? 24 DC  F "C2'"  1 
ATOM   694  C "C1'"  . DC  F 1 4 ? -2.932  -0.387  13.635  1.00 21.44 ? 24 DC  F "C1'"  1 
ATOM   695  N N1     . DC  F 1 4 ? -4.033  -1.011  12.900  1.00 19.59 ? 24 DC  F N1     1 
ATOM   696  C C2     . DC  F 1 4 ? -4.428  -0.400  11.736  1.00 18.41 ? 24 DC  F C2     1 
ATOM   697  O O2     . DC  F 1 4 ? -3.835  0.582   11.292  1.00 17.73 ? 24 DC  F O2     1 
ATOM   698  N N3     . DC  F 1 4 ? -5.490  -0.935  11.080  1.00 18.14 ? 24 DC  F N3     1 
ATOM   699  C C4     . DC  F 1 4 ? -6.127  -2.024  11.525  1.00 16.94 ? 24 DC  F C4     1 
ATOM   700  N N4     . DC  F 1 4 ? -7.202  -2.438  10.874  1.00 16.65 ? 24 DC  F N4     1 
ATOM   701  C C5     . DC  F 1 4 ? -5.655  -2.709  12.665  1.00 17.12 ? 24 DC  F C5     1 
ATOM   702  C C6     . DC  F 1 4 ? -4.588  -2.186  13.294  1.00 18.37 ? 24 DC  F C6     1 
ATOM   703  H "H5'"  . DC  F 1 4 ? -0.645  -2.401  16.725  1.00 0.00  ? 24 DC  F "H5'"  1 
ATOM   704  H "H5''" . DC  F 1 4 ? -1.997  -3.159  15.852  1.00 0.00  ? 24 DC  F "H5''" 1 
ATOM   705  H "H4'"  . DC  F 1 4 ? -0.683  -0.496  15.240  1.00 0.00  ? 24 DC  F "H4'"  1 
ATOM   706  H "H3'"  . DC  F 1 4 ? -3.366  -1.391  16.350  1.00 0.00  ? 24 DC  F "H3'"  1 
ATOM   707  H "HO3'" . DC  F 1 4 ? -1.604  0.790   16.839  1.00 0.00  ? 24 DC  F "HO3'" 1 
ATOM   708  H "H2'"  . DC  F 1 4 ? -4.388  0.282   15.080  1.00 0.00  ? 24 DC  F "H2'"  1 
ATOM   709  H "H2''" . DC  F 1 4 ? -2.907  1.268   15.018  1.00 0.00  ? 24 DC  F "H2''" 1 
ATOM   710  H "H1'"  . DC  F 1 4 ? -2.491  0.410   13.037  1.00 0.00  ? 24 DC  F "H1'"  1 
ATOM   711  H H41    . DC  F 1 4 ? -7.700  -3.257  11.191  1.00 0.00  ? 24 DC  F H41    1 
ATOM   712  H H42    . DC  F 1 4 ? -7.524  -1.935  10.060  1.00 0.00  ? 24 DC  F H42    1 
ATOM   713  H H5     . DC  F 1 4 ? -6.133  -3.622  13.020  1.00 0.00  ? 24 DC  F H5     1 
ATOM   714  H H6     . DC  F 1 4 ? -4.158  -2.718  14.142  1.00 0.00  ? 24 DC  F H6     1 
ATOM   715  O "O5'"  . DC  G 1 1 ? -3.824  7.497   12.701  1.00 36.59 ? 25 DC  G "O5'"  1 
ATOM   716  C "C5'"  . DC  G 1 1 ? -2.649  6.704   12.974  1.00 32.54 ? 25 DC  G "C5'"  1 
ATOM   717  C "C4'"  . DC  G 1 1 ? -2.875  5.595   14.027  1.00 30.29 ? 25 DC  G "C4'"  1 
ATOM   718  O "O4'"  . DC  G 1 1 ? -4.207  5.033   13.993  1.00 28.01 ? 25 DC  G "O4'"  1 
ATOM   719  C "C3'"  . DC  G 1 1 ? -1.938  4.457   13.638  1.00 30.08 ? 25 DC  G "C3'"  1 
ATOM   720  O "O3'"  . DC  G 1 1 ? -1.648  3.587   14.741  1.00 32.61 ? 25 DC  G "O3'"  1 
ATOM   721  C "C2'"  . DC  G 1 1 ? -2.801  3.689   12.669  1.00 27.83 ? 25 DC  G "C2'"  1 
ATOM   722  C "C1'"  . DC  G 1 1 ? -4.170  3.762   13.319  1.00 25.05 ? 25 DC  G "C1'"  1 
ATOM   723  N N1     . DC  G 1 1 ? -5.213  3.690   12.294  1.00 21.55 ? 25 DC  G N1     1 
ATOM   724  C C2     . DC  G 1 1 ? -6.114  2.666   12.357  1.00 18.66 ? 25 DC  G C2     1 
ATOM   725  O O2     . DC  G 1 1 ? -6.146  1.862   13.285  1.00 17.57 ? 25 DC  G O2     1 
ATOM   726  N N3     . DC  G 1 1 ? -6.994  2.582   11.338  1.00 18.32 ? 25 DC  G N3     1 
ATOM   727  C C4     . DC  G 1 1 ? -7.009  3.445   10.314  1.00 17.27 ? 25 DC  G C4     1 
ATOM   728  N N4     . DC  G 1 1 ? -7.890  3.293   9.340   1.00 16.67 ? 25 DC  G N4     1 
ATOM   729  C C5     . DC  G 1 1 ? -6.099  4.518   10.249  1.00 18.15 ? 25 DC  G C5     1 
ATOM   730  C C6     . DC  G 1 1 ? -5.215  4.577   11.257  1.00 19.72 ? 25 DC  G C6     1 
ATOM   731  H "H5'"  . DC  G 1 1 ? -1.864  7.368   13.338  1.00 0.00  ? 25 DC  G "H5'"  1 
ATOM   732  H "H5''" . DC  G 1 1 ? -2.328  6.235   12.045  1.00 0.00  ? 25 DC  G "H5''" 1 
ATOM   733  H "H4'"  . DC  G 1 1 ? -2.703  6.018   15.016  1.00 0.00  ? 25 DC  G "H4'"  1 
ATOM   734  H "H3'"  . DC  G 1 1 ? -1.034  4.830   13.158  1.00 0.00  ? 25 DC  G "H3'"  1 
ATOM   735  H "H2'"  . DC  G 1 1 ? -2.806  4.163   11.687  1.00 0.00  ? 25 DC  G "H2'"  1 
ATOM   736  H "H2''" . DC  G 1 1 ? -2.465  2.657   12.575  1.00 0.00  ? 25 DC  G "H2''" 1 
ATOM   737  H "H1'"  . DC  G 1 1 ? -4.328  2.966   14.048  1.00 0.00  ? 25 DC  G "H1'"  1 
ATOM   738  H H41    . DC  G 1 1 ? -7.903  3.941   8.565   1.00 0.00  ? 25 DC  G H41    1 
ATOM   739  H H42    . DC  G 1 1 ? -8.550  2.529   9.370   1.00 0.00  ? 25 DC  G H42    1 
ATOM   740  H H5     . DC  G 1 1 ? -6.111  5.247   9.440   1.00 0.00  ? 25 DC  G H5     1 
ATOM   741  H H6     . DC  G 1 1 ? -4.467  5.369   11.248  1.00 0.00  ? 25 DC  G H6     1 
ATOM   742  H "HO5'" . DC  G 1 1 ? -4.501  6.901   12.374  1.00 0.00  ? 25 DC  G "HO5'" 1 
ATOM   743  P P      . DC  G 1 2 ? -0.212  2.857   14.816  1.00 33.87 ? 26 DC  G P      1 
ATOM   744  O OP1    . DC  G 1 2 ? -0.236  2.022   16.050  1.00 34.89 ? 26 DC  G OP1    1 
ATOM   745  O OP2    . DC  G 1 2 ? 0.833   3.888   14.621  1.00 34.99 ? 26 DC  G OP2    1 
ATOM   746  O "O5'"  . DC  G 1 2 ? -0.121  1.880   13.545  1.00 32.45 ? 26 DC  G "O5'"  1 
ATOM   747  C "C5'"  . DC  G 1 2 ? 1.084   1.363   13.010  1.00 29.19 ? 26 DC  G "C5'"  1 
ATOM   748  C "C4'"  . DC  G 1 2 ? 0.701   0.062   12.378  1.00 27.42 ? 26 DC  G "C4'"  1 
ATOM   749  O "O4'"  . DC  G 1 2 ? -0.388  0.258   11.526  1.00 25.55 ? 26 DC  G "O4'"  1 
ATOM   750  C "C3'"  . DC  G 1 2 ? 1.749   -0.493  11.485  1.00 28.01 ? 26 DC  G "C3'"  1 
ATOM   751  O "O3'"  . DC  G 1 2 ? 2.582   -1.217  12.368  1.00 30.98 ? 26 DC  G "O3'"  1 
ATOM   752  C "C2'"  . DC  G 1 2 ? 0.937   -1.380  10.589  1.00 25.41 ? 26 DC  G "C2'"  1 
ATOM   753  C "C1'"  . DC  G 1 2 ? -0.495  -0.965  10.828  1.00 23.42 ? 26 DC  G "C1'"  1 
ATOM   754  N N1     . DC  G 1 2 ? -1.249  -0.752  9.587   1.00 20.64 ? 26 DC  G N1     1 
ATOM   755  C C2     . DC  G 1 2 ? -2.357  -1.541  9.347   1.00 18.77 ? 26 DC  G C2     1 
ATOM   756  O O2     . DC  G 1 2 ? -2.661  -2.467  10.092  1.00 17.91 ? 26 DC  G O2     1 
ATOM   757  N N3     . DC  G 1 2 ? -3.107  -1.271  8.252   1.00 17.63 ? 26 DC  G N3     1 
ATOM   758  C C4     . DC  G 1 2 ? -2.767  -0.281  7.420   1.00 17.29 ? 26 DC  G C4     1 
ATOM   759  N N4     . DC  G 1 2 ? -3.442  -0.104  6.297   1.00 15.52 ? 26 DC  G N4     1 
ATOM   760  C C5     . DC  G 1 2 ? -1.665  0.574   7.688   1.00 18.24 ? 26 DC  G C5     1 
ATOM   761  C C6     . DC  G 1 2 ? -0.943  0.305   8.785   1.00 19.20 ? 26 DC  G C6     1 
ATOM   762  H "H5'"  . DC  G 1 2 ? 1.816   1.204   13.801  1.00 0.00  ? 26 DC  G "H5'"  1 
ATOM   763  H "H5''" . DC  G 1 2 ? 1.496   2.044   12.266  1.00 0.00  ? 26 DC  G "H5''" 1 
ATOM   764  H "H4'"  . DC  G 1 2 ? 0.430   -0.653  13.155  1.00 0.00  ? 26 DC  G "H4'"  1 
ATOM   765  H "H3'"  . DC  G 1 2 ? 2.248   0.293   10.920  1.00 0.00  ? 26 DC  G "H3'"  1 
ATOM   766  H "H2'"  . DC  G 1 2 ? 1.212   -1.226  9.545   1.00 0.00  ? 26 DC  G "H2'"  1 
ATOM   767  H "H2''" . DC  G 1 2 ? 1.083   -2.428  10.852  1.00 0.00  ? 26 DC  G "H2''" 1 
ATOM   768  H "H1'"  . DC  G 1 2 ? -1.014  -1.695  11.449  1.00 0.00  ? 26 DC  G "H1'"  1 
ATOM   769  H H41    . DC  G 1 2 ? -3.169  0.627   5.654   1.00 0.00  ? 26 DC  G H41    1 
ATOM   770  H H42    . DC  G 1 2 ? -4.229  -0.698  6.082   1.00 0.00  ? 26 DC  G H42    1 
ATOM   771  H H5     . DC  G 1 2 ? -1.419  1.411   7.034   1.00 0.00  ? 26 DC  G H5     1 
ATOM   772  H H6     . DC  G 1 2 ? -0.095  0.943   9.038   1.00 0.00  ? 26 DC  G H6     1 
ATOM   773  P P      . DC  G 1 3 ? 4.009   -1.851  12.022  1.00 32.85 ? 27 DC  G P      1 
ATOM   774  O OP1    . DC  G 1 3 ? 4.469   -2.473  13.296  1.00 33.60 ? 27 DC  G OP1    1 
ATOM   775  O OP2    . DC  G 1 3 ? 4.818   -0.819  11.320  1.00 31.22 ? 27 DC  G OP2    1 
ATOM   776  O "O5'"  . DC  G 1 3 ? 3.674   -3.021  10.989  1.00 31.04 ? 27 DC  G "O5'"  1 
ATOM   777  C "C5'"  . DC  G 1 3 ? 4.677   -3.709  10.281  1.00 29.09 ? 27 DC  G "C5'"  1 
ATOM   778  C "C4'"  . DC  G 1 3 ? 4.063   -4.938  9.710   1.00 27.79 ? 27 DC  G "C4'"  1 
ATOM   779  O "O4'"  . DC  G 1 3 ? 2.943   -4.584  8.918   1.00 25.34 ? 27 DC  G "O4'"  1 
ATOM   780  C "C3'"  . DC  G 1 3 ? 4.994   -5.647  8.758   1.00 28.88 ? 27 DC  G "C3'"  1 
ATOM   781  O "O3'"  . DC  G 1 3 ? 6.004   -6.335  9.507   1.00 32.78 ? 27 DC  G "O3'"  1 
ATOM   782  C "C2'"  . DC  G 1 3 ? 3.976   -6.562  8.133   1.00 26.77 ? 27 DC  G "C2'"  1 
ATOM   783  C "C1'"  . DC  G 1 3 ? 2.715   -5.732  8.121   1.00 23.89 ? 27 DC  G "C1'"  1 
ATOM   784  N N1     . DC  G 1 3 ? 2.286   -5.369  6.771   1.00 21.38 ? 27 DC  G N1     1 
ATOM   785  C C2     . DC  G 1 3 ? 1.134   -5.972  6.315   1.00 19.50 ? 27 DC  G C2     1 
ATOM   786  O O2     . DC  G 1 3 ? 0.621   -6.883  6.956   1.00 19.19 ? 27 DC  G O2     1 
ATOM   787  N N3     . DC  G 1 3 ? 0.581   -5.539  5.163   1.00 17.67 ? 27 DC  G N3     1 
ATOM   788  C C4     . DC  G 1 3 ? 1.118   -4.535  4.479   1.00 17.40 ? 27 DC  G C4     1 
ATOM   789  N N4     . DC  G 1 3 ? 0.550   -4.119  3.339   1.00 16.73 ? 27 DC  G N4     1 
ATOM   790  C C5     . DC  G 1 3 ? 2.286   -3.884  4.963   1.00 18.46 ? 27 DC  G C5     1 
ATOM   791  C C6     . DC  G 1 3 ? 2.828   -4.333  6.107   1.00 19.83 ? 27 DC  G C6     1 
ATOM   792  H "H5'"  . DC  G 1 3 ? 5.490   -3.979  10.955  1.00 0.00  ? 27 DC  G "H5'"  1 
ATOM   793  H "H5''" . DC  G 1 3 ? 5.063   -3.080  9.479   1.00 0.00  ? 27 DC  G "H5''" 1 
ATOM   794  H "H4'"  . DC  G 1 3 ? 3.742   -5.592  10.520  1.00 0.00  ? 27 DC  G "H4'"  1 
ATOM   795  H "H3'"  . DC  G 1 3 ? 5.439   -4.969  8.033   1.00 0.00  ? 27 DC  G "H3'"  1 
ATOM   796  H "H2'"  . DC  G 1 3 ? 4.270   -6.837  7.121   1.00 0.00  ? 27 DC  G "H2'"  1 
ATOM   797  H "H2''" . DC  G 1 3 ? 3.842   -7.463  8.731   1.00 0.00  ? 27 DC  G "H2''" 1 
ATOM   798  H "H1'"  . DC  G 1 3 ? 1.939   -6.339  8.588   1.00 0.00  ? 27 DC  G "H1'"  1 
ATOM   799  H H41    . DC  G 1 3 ? 0.952   -3.347  2.827   1.00 0.00  ? 27 DC  G H41    1 
ATOM   800  H H42    . DC  G 1 3 ? -0.280  -4.578  2.991   1.00 0.00  ? 27 DC  G H42    1 
ATOM   801  H H5     . DC  G 1 3 ? 2.728   -3.047  4.423   1.00 0.00  ? 27 DC  G H5     1 
ATOM   802  H H6     . DC  G 1 3 ? 3.721   -3.849  6.503   1.00 0.00  ? 27 DC  G H6     1 
ATOM   803  P P      . DC  G 1 4 ? 7.451   -6.898  8.985   1.00 34.58 ? 28 DC  G P      1 
ATOM   804  O OP1    . DC  G 1 4 ? 8.056   -7.458  10.221  1.00 35.85 ? 28 DC  G OP1    1 
ATOM   805  O OP2    . DC  G 1 4 ? 8.167   -5.833  8.235   1.00 34.55 ? 28 DC  G OP2    1 
ATOM   806  O "O5'"  . DC  G 1 4 ? 7.239   -8.096  7.951   1.00 32.35 ? 28 DC  G "O5'"  1 
ATOM   807  C "C5'"  . DC  G 1 4 ? 6.938   -9.379  8.475   1.00 31.02 ? 28 DC  G "C5'"  1 
ATOM   808  C "C4'"  . DC  G 1 4 ? 6.691   -10.345 7.366   1.00 29.93 ? 28 DC  G "C4'"  1 
ATOM   809  O "O4'"  . DC  G 1 4 ? 5.921   -9.717  6.364   1.00 28.64 ? 28 DC  G "O4'"  1 
ATOM   810  C "C3'"  . DC  G 1 4 ? 7.892   -10.820 6.629   1.00 30.26 ? 28 DC  G "C3'"  1 
ATOM   811  O "O3'"  . DC  G 1 4 ? 8.555   -11.797 7.455   1.00 32.67 ? 28 DC  G "O3'"  1 
ATOM   812  C "C2'"  . DC  G 1 4 ? 7.199   -11.381 5.394   1.00 28.69 ? 28 DC  G "C2'"  1 
ATOM   813  C "C1'"  . DC  G 1 4 ? 5.804   -10.730 5.398   1.00 27.39 ? 28 DC  G "C1'"  1 
ATOM   814  N N1     . DC  G 1 4 ? 5.364   -10.098 4.137   1.00 25.52 ? 28 DC  G N1     1 
ATOM   815  C C2     . DC  G 1 4 ? 4.290   -10.658 3.475   1.00 24.09 ? 28 DC  G C2     1 
ATOM   816  O O2     . DC  G 1 4 ? 3.646   -11.570 3.981   1.00 24.01 ? 28 DC  G O2     1 
ATOM   817  N N3     . DC  G 1 4 ? 3.979   -10.173 2.247   1.00 22.97 ? 28 DC  G N3     1 
ATOM   818  C C4     . DC  G 1 4 ? 4.650   -9.146  1.711   1.00 22.88 ? 28 DC  G C4     1 
ATOM   819  N N4     . DC  G 1 4 ? 4.289   -8.651  0.536   1.00 22.17 ? 28 DC  G N4     1 
ATOM   820  C C5     . DC  G 1 4 ? 5.750   -8.555  2.386   1.00 24.13 ? 28 DC  G C5     1 
ATOM   821  C C6     . DC  G 1 4 ? 6.038   -9.036  3.615   1.00 25.00 ? 28 DC  G C6     1 
ATOM   822  H "H5'"  . DC  G 1 4 ? 6.047   -9.312  9.099   1.00 0.00  ? 28 DC  G "H5'"  1 
ATOM   823  H "H5''" . DC  G 1 4 ? 7.778   -9.728  9.076   1.00 0.00  ? 28 DC  G "H5''" 1 
ATOM   824  H "H4'"  . DC  G 1 4 ? 6.152   -11.210 7.751   1.00 0.00  ? 28 DC  G "H4'"  1 
ATOM   825  H "H3'"  . DC  G 1 4 ? 8.568   -10.004 6.382   1.00 0.00  ? 28 DC  G "H3'"  1 
ATOM   826  H "HO3'" . DC  G 1 4 ? 7.912   -12.480 7.660   1.00 0.00  ? 28 DC  G "HO3'" 1 
ATOM   827  H "H2'"  . DC  G 1 4 ? 7.746   -11.110 4.491   1.00 0.00  ? 28 DC  G "H2'"  1 
ATOM   828  H "H2''" . DC  G 1 4 ? 7.117   -12.465 5.459   1.00 0.00  ? 28 DC  G "H2''" 1 
ATOM   829  H "H1'"  . DC  G 1 4 ? 5.069   -11.467 5.721   1.00 0.00  ? 28 DC  G "H1'"  1 
ATOM   830  H H41    . DC  G 1 4 ? 4.830   -7.910  0.112   1.00 0.00  ? 28 DC  G H41    1 
ATOM   831  H H42    . DC  G 1 4 ? 3.473   -9.015  0.064   1.00 0.00  ? 28 DC  G H42    1 
ATOM   832  H H5     . DC  G 1 4 ? 6.333   -7.752  1.936   1.00 0.00  ? 28 DC  G H5     1 
ATOM   833  H H6     . DC  G 1 4 ? 6.826   -8.564  4.201   1.00 0.00  ? 28 DC  G H6     1 
ATOM   834  O "O5'"  . DC  H 1 1 ? -14.184 -2.644  11.328  1.00 22.49 ? 29 DC  H "O5'"  1 
ATOM   835  C "C5'"  . DC  H 1 1 ? -14.654 -2.240  10.024  1.00 19.65 ? 29 DC  H "C5'"  1 
ATOM   836  C "C4'"  . DC  H 1 1 ? -13.510 -1.776  9.148   1.00 18.05 ? 29 DC  H "C4'"  1 
ATOM   837  O "O4'"  . DC  H 1 1 ? -12.821 -0.802  9.899   1.00 17.38 ? 29 DC  H "O4'"  1 
ATOM   838  C "C3'"  . DC  H 1 1 ? -12.452 -2.831  8.901   1.00 17.82 ? 29 DC  H "C3'"  1 
ATOM   839  O "O3'"  . DC  H 1 1 ? -12.877 -3.687  7.863   1.00 19.43 ? 29 DC  H "O3'"  1 
ATOM   840  C "C2'"  . DC  H 1 1 ? -11.332 -1.972  8.500   1.00 15.89 ? 29 DC  H "C2'"  1 
ATOM   841  C "C1'"  . DC  H 1 1 ? -11.530 -0.759  9.366   1.00 15.31 ? 29 DC  H "C1'"  1 
ATOM   842  N N1     . DC  H 1 1 ? -10.635 -0.637  10.496  1.00 14.70 ? 29 DC  H N1     1 
ATOM   843  C C2     . DC  H 1 1 ? -9.742  0.410   10.458  1.00 14.30 ? 29 DC  H C2     1 
ATOM   844  O O2     . DC  H 1 1 ? -9.741  1.221   9.526   1.00 13.75 ? 29 DC  H O2     1 
ATOM   845  N N3     . DC  H 1 1 ? -8.865  0.514   11.480  1.00 13.82 ? 29 DC  H N3     1 
ATOM   846  C C4     . DC  H 1 1 ? -8.875  -0.343  12.505  1.00 13.86 ? 29 DC  H C4     1 
ATOM   847  N N4     . DC  H 1 1 ? -7.964  -0.231  13.465  1.00 14.73 ? 29 DC  H N4     1 
ATOM   848  C C5     . DC  H 1 1 ? -9.830  -1.396  12.581  1.00 13.67 ? 29 DC  H C5     1 
ATOM   849  C C6     . DC  H 1 1 ? -10.705 -1.480  11.567  1.00 13.79 ? 29 DC  H C6     1 
ATOM   850  H "H5'"  . DC  H 1 1 ? -15.366 -1.422  10.141  1.00 0.00  ? 29 DC  H "H5'"  1 
ATOM   851  H "H5''" . DC  H 1 1 ? -15.147 -3.085  9.547   1.00 0.00  ? 29 DC  H "H5''" 1 
ATOM   852  H "H4'"  . DC  H 1 1 ? -13.892 -1.342  8.225   1.00 0.00  ? 29 DC  H "H4'"  1 
ATOM   853  H "H3'"  . DC  H 1 1 ? -12.225 -3.395  9.804   1.00 0.00  ? 29 DC  H "H3'"  1 
ATOM   854  H "H2'"  . DC  H 1 1 ? -10.376 -2.451  8.706   1.00 0.00  ? 29 DC  H "H2'"  1 
ATOM   855  H "H2''" . DC  H 1 1 ? -11.392 -1.715  7.444   1.00 0.00  ? 29 DC  H "H2''" 1 
ATOM   856  H "H1'"  . DC  H 1 1 ? -11.423 0.101   8.704   1.00 0.00  ? 29 DC  H "H1'"  1 
ATOM   857  H H41    . DC  H 1 1 ? -7.957  -0.887  14.232  1.00 0.00  ? 29 DC  H H41    1 
ATOM   858  H H42    . DC  H 1 1 ? -7.279  0.509   13.427  1.00 0.00  ? 29 DC  H H42    1 
ATOM   859  H H5     . DC  H 1 1 ? -9.849  -2.096  13.416  1.00 0.00  ? 29 DC  H H5     1 
ATOM   860  H H6     . DC  H 1 1 ? -11.490 -2.236  11.600  1.00 0.00  ? 29 DC  H H6     1 
ATOM   861  H "HO5'" . DC  H 1 1 ? -13.564 -3.365  11.197  1.00 0.00  ? 29 DC  H "HO5'" 1 
ATOM   862  P P      . DC  H 1 2 ? -12.341 -5.171  7.653   1.00 20.01 ? 30 DC  H P      1 
ATOM   863  O OP1    . DC  H 1 2 ? -13.403 -5.916  6.935   1.00 21.38 ? 30 DC  H OP1    1 
ATOM   864  O OP2    . DC  H 1 2 ? -11.773 -5.724  8.905   1.00 19.81 ? 30 DC  H OP2    1 
ATOM   865  O "O5'"  . DC  H 1 2 ? -11.118 -4.884  6.656   1.00 19.93 ? 30 DC  H "O5'"  1 
ATOM   866  C "C5'"  . DC  H 1 2 ? -11.260 -4.348  5.322   1.00 17.50 ? 30 DC  H "C5'"  1 
ATOM   867  C "C4'"  . DC  H 1 2 ? -9.900  -4.062  4.710   1.00 16.16 ? 30 DC  H "C4'"  1 
ATOM   868  O "O4'"  . DC  H 1 2 ? -9.123  -3.235  5.572   1.00 15.19 ? 30 DC  H "O4'"  1 
ATOM   869  C "C3'"  . DC  H 1 2 ? -9.079  -5.292  4.504   1.00 15.70 ? 30 DC  H "C3'"  1 
ATOM   870  O "O3'"  . DC  H 1 2 ? -9.599  -6.026  3.360   1.00 17.96 ? 30 DC  H "O3'"  1 
ATOM   871  C "C2'"  . DC  H 1 2 ? -7.753  -4.582  4.298   1.00 14.84 ? 30 DC  H "C2'"  1 
ATOM   872  C "C1'"  . DC  H 1 2 ? -7.764  -3.385  5.227   1.00 13.57 ? 30 DC  H "C1'"  1 
ATOM   873  N N1     . DC  H 1 2 ? -6.995  -3.541  6.464   1.00 12.70 ? 30 DC  H N1     1 
ATOM   874  C C2     . DC  H 1 2 ? -5.917  -2.723  6.702   1.00 11.64 ? 30 DC  H C2     1 
ATOM   875  O O2     . DC  H 1 2 ? -5.597  -1.813  5.940   1.00 12.59 ? 30 DC  H O2     1 
ATOM   876  N N3     . DC  H 1 2 ? -5.189  -2.942  7.819   1.00 11.68 ? 30 DC  H N3     1 
ATOM   877  C C4     . DC  H 1 2 ? -5.490  -3.901  8.669   1.00 11.76 ? 30 DC  H C4     1 
ATOM   878  N N4     . DC  H 1 2 ? -4.724  -4.079  9.729   1.00 12.29 ? 30 DC  H N4     1 
ATOM   879  C C5     . DC  H 1 2 ? -6.651  -4.685  8.504   1.00 12.35 ? 30 DC  H C5     1 
ATOM   880  C C6     . DC  H 1 2 ? -7.329  -4.509  7.354   1.00 12.67 ? 30 DC  H C6     1 
ATOM   881  H "H5'"  . DC  H 1 2 ? -11.834 -3.422  5.368   1.00 0.00  ? 30 DC  H "H5'"  1 
ATOM   882  H "H5''" . DC  H 1 2 ? -11.788 -5.071  4.700   1.00 0.00  ? 30 DC  H "H5''" 1 
ATOM   883  H "H4'"  . DC  H 1 2 ? -10.037 -3.555  3.755   1.00 0.00  ? 30 DC  H "H4'"  1 
ATOM   884  H "H3'"  . DC  H 1 2 ? -9.073  -5.940  5.379   1.00 0.00  ? 30 DC  H "H3'"  1 
ATOM   885  H "H2'"  . DC  H 1 2 ? -6.926  -5.247  4.547   1.00 0.00  ? 30 DC  H "H2'"  1 
ATOM   886  H "H2''" . DC  H 1 2 ? -7.658  -4.255  3.262   1.00 0.00  ? 30 DC  H "H2''" 1 
ATOM   887  H "H1'"  . DC  H 1 2 ? -7.420  -2.503  4.687   1.00 0.00  ? 30 DC  H "H1'"  1 
ATOM   888  H H41    . DC  H 1 2 ? -4.936  -4.815  10.388  1.00 0.00  ? 30 DC  H H41    1 
ATOM   889  H H42    . DC  H 1 2 ? -3.926  -3.479  9.882   1.00 0.00  ? 30 DC  H H42    1 
ATOM   890  H H5     . DC  H 1 2 ? -6.980  -5.393  9.263   1.00 0.00  ? 30 DC  H H5     1 
ATOM   891  H H6     . DC  H 1 2 ? -8.170  -5.163  7.131   1.00 0.00  ? 30 DC  H H6     1 
ATOM   892  P P      . DC  H 1 3 ? -9.175  -7.504  2.905   1.00 18.00 ? 31 DC  H P      1 
ATOM   893  O OP1    . DC  H 1 3 ? -10.145 -7.983  1.906   1.00 19.84 ? 31 DC  H OP1    1 
ATOM   894  O OP2    . DC  H 1 3 ? -8.994  -8.316  4.120   1.00 19.12 ? 31 DC  H OP2    1 
ATOM   895  O "O5'"  . DC  H 1 3 ? -7.744  -7.361  2.228   1.00 18.29 ? 31 DC  H "O5'"  1 
ATOM   896  C "C5'"  . DC  H 1 3 ? -7.529  -6.562  1.052   1.00 18.77 ? 31 DC  H "C5'"  1 
ATOM   897  C "C4'"  . DC  H 1 3 ? -6.075  -6.601  0.649   1.00 17.88 ? 31 DC  H "C4'"  1 
ATOM   898  O "O4'"  . DC  H 1 3 ? -5.347  -6.241  1.802   1.00 18.49 ? 31 DC  H "O4'"  1 
ATOM   899  C "C3'"  . DC  H 1 3 ? -5.539  -7.995  0.375   1.00 19.58 ? 31 DC  H "C3'"  1 
ATOM   900  O "O3'"  . DC  H 1 3 ? -5.875  -8.448  -0.934  1.00 22.22 ? 31 DC  H "O3'"  1 
ATOM   901  C "C2'"  . DC  H 1 3 ? -4.063  -7.760  0.548   1.00 18.45 ? 31 DC  H "C2'"  1 
ATOM   902  C "C1'"  . DC  H 1 3 ? -3.990  -6.658  1.597   1.00 17.14 ? 31 DC  H "C1'"  1 
ATOM   903  N N1     . DC  H 1 3 ? -3.400  -7.130  2.856   1.00 16.43 ? 31 DC  H N1     1 
ATOM   904  C C2     . DC  H 1 3 ? -2.241  -6.516  3.286   1.00 14.95 ? 31 DC  H C2     1 
ATOM   905  O O2     . DC  H 1 3 ? -1.716  -5.611  2.644   1.00 15.76 ? 31 DC  H O2     1 
ATOM   906  N N3     . DC  H 1 3 ? -1.692  -6.941  4.437   1.00 15.13 ? 31 DC  H N3     1 
ATOM   907  C C4     . DC  H 1 3 ? -2.283  -7.883  5.168   1.00 14.76 ? 31 DC  H C4     1 
ATOM   908  N N4     . DC  H 1 3 ? -1.684  -8.280  6.279   1.00 13.99 ? 31 DC  H N4     1 
ATOM   909  C C5     . DC  H 1 3 ? -3.538  -8.433  4.805   1.00 15.09 ? 31 DC  H C5     1 
ATOM   910  C C6     . DC  H 1 3 ? -4.034  -8.059  3.620   1.00 15.85 ? 31 DC  H C6     1 
ATOM   911  H "H5'"  . DC  H 1 3 ? -7.816  -5.531  1.261   1.00 0.00  ? 31 DC  H "H5'"  1 
ATOM   912  H "H5''" . DC  H 1 3 ? -8.138  -6.951  0.237   1.00 0.00  ? 31 DC  H "H5''" 1 
ATOM   913  H "H4'"  . DC  H 1 3 ? -5.885  -5.891  -0.155  1.00 0.00  ? 31 DC  H "H4'"  1 
ATOM   914  H "H3'"  . DC  H 1 3 ? -5.917  -8.719  1.095   1.00 0.00  ? 31 DC  H "H3'"  1 
ATOM   915  H "H2'"  . DC  H 1 3 ? -3.566  -8.663  0.899   1.00 0.00  ? 31 DC  H "H2'"  1 
ATOM   916  H "H2''" . DC  H 1 3 ? -3.610  -7.435  -0.388  1.00 0.00  ? 31 DC  H "H2''" 1 
ATOM   917  H "H1'"  . DC  H 1 3 ? -3.409  -5.816  1.223   1.00 0.00  ? 31 DC  H "H1'"  1 
ATOM   918  H H41    . DC  H 1 3 ? -2.090  -9.018  6.836   1.00 0.00  ? 31 DC  H H41    1 
ATOM   919  H H42    . DC  H 1 3 ? -0.819  -7.845  6.569   1.00 0.00  ? 31 DC  H H42    1 
ATOM   920  H H5     . DC  H 1 3 ? -4.070  -9.125  5.457   1.00 0.00  ? 31 DC  H H5     1 
ATOM   921  H H6     . DC  H 1 3 ? -4.961  -8.507  3.260   1.00 0.00  ? 31 DC  H H6     1 
ATOM   922  P P      . DC  H 1 4 ? -5.810  -9.956  -1.456  1.00 24.55 ? 32 DC  H P      1 
ATOM   923  O OP1    . DC  H 1 4 ? -6.706  -10.028 -2.632  1.00 23.94 ? 32 DC  H OP1    1 
ATOM   924  O OP2    . DC  H 1 4 ? -6.045  -10.875 -0.324  1.00 24.74 ? 32 DC  H OP2    1 
ATOM   925  O "O5'"  . DC  H 1 4 ? -4.260  -10.189 -1.926  1.00 25.64 ? 32 DC  H "O5'"  1 
ATOM   926  C "C5'"  . DC  H 1 4 ? -3.644  -9.384  -2.944  1.00 25.91 ? 32 DC  H "C5'"  1 
ATOM   927  C "C4'"  . DC  H 1 4 ? -2.122  -9.477  -2.963  1.00 25.57 ? 32 DC  H "C4'"  1 
ATOM   928  O "O4'"  . DC  H 1 4 ? -1.587  -9.668  -1.661  1.00 25.29 ? 32 DC  H "O4'"  1 
ATOM   929  C "C3'"  . DC  H 1 4 ? -1.488  -10.527 -3.879  1.00 26.55 ? 32 DC  H "C3'"  1 
ATOM   930  O "O3'"  . DC  H 1 4 ? -0.862  -9.756  -4.907  1.00 30.16 ? 32 DC  H "O3'"  1 
ATOM   931  C "C2'"  . DC  H 1 4 ? -0.448  -11.193 -3.006  1.00 24.46 ? 32 DC  H "C2'"  1 
ATOM   932  C "C1'"  . DC  H 1 4 ? -0.278  -10.221 -1.855  1.00 24.07 ? 32 DC  H "C1'"  1 
ATOM   933  N N1     . DC  H 1 4 ? 0.154   -10.846 -0.603  1.00 22.87 ? 32 DC  H N1     1 
ATOM   934  C C2     . DC  H 1 4 ? 1.338   -10.425 -0.018  1.00 21.56 ? 32 DC  H C2     1 
ATOM   935  O O2     . DC  H 1 4 ? 2.001   -9.510  -0.484  1.00 22.31 ? 32 DC  H O2     1 
ATOM   936  N N3     . DC  H 1 4 ? 1.748   -11.035 1.106   1.00 21.18 ? 32 DC  H N3     1 
ATOM   937  C C4     . DC  H 1 4 ? 0.996   -11.974 1.686   1.00 20.99 ? 32 DC  H C4     1 
ATOM   938  N N4     . DC  H 1 4 ? 1.421   -12.554 2.804   1.00 21.02 ? 32 DC  H N4     1 
ATOM   939  C C5     . DC  H 1 4 ? -0.261  -12.374 1.148   1.00 21.19 ? 32 DC  H C5     1 
ATOM   940  C C6     . DC  H 1 4 ? -0.650  -11.767 0.013   1.00 21.77 ? 32 DC  H C6     1 
ATOM   941  H "H5'"  . DC  H 1 4 ? -3.923  -8.344  -2.776  1.00 0.00  ? 32 DC  H "H5'"  1 
ATOM   942  H "H5''" . DC  H 1 4 ? -4.020  -9.709  -3.914  1.00 0.00  ? 32 DC  H "H5''" 1 
ATOM   943  H "H4'"  . DC  H 1 4 ? -1.717  -8.554  -3.378  1.00 0.00  ? 32 DC  H "H4'"  1 
ATOM   944  H "H3'"  . DC  H 1 4 ? -2.233  -11.249 -4.214  1.00 0.00  ? 32 DC  H "H3'"  1 
ATOM   945  H "HO3'" . DC  H 1 4 ? -0.464  -8.991  -4.488  1.00 0.00  ? 32 DC  H "HO3'" 1 
ATOM   946  H "H2'"  . DC  H 1 4 ? -0.800  -12.161 -2.649  1.00 0.00  ? 32 DC  H "H2'"  1 
ATOM   947  H "H2''" . DC  H 1 4 ? 0.489   -11.324 -3.547  1.00 0.00  ? 32 DC  H "H2''" 1 
ATOM   948  H "H1'"  . DC  H 1 4 ? 0.419   -9.428  -2.130  1.00 0.00  ? 32 DC  H "H1'"  1 
ATOM   949  H H41    . DC  H 1 4 ? 0.887   -13.303 3.219   1.00 0.00  ? 32 DC  H H41    1 
ATOM   950  H H42    . DC  H 1 4 ? 2.280   -12.246 3.237   1.00 0.00  ? 32 DC  H H42    1 
ATOM   951  H H5     . DC  H 1 4 ? -0.876  -13.132 1.633   1.00 0.00  ? 32 DC  H H5     1 
ATOM   952  H H6     . DC  H 1 4 ? -1.618  -12.013 -0.423  1.00 0.00  ? 32 DC  H H6     1 
HETATM 953  O O      . HOH I 2 . ? -4.570  1.674   -1.443  1.00 22.16 ? 33 HOH A O      1 
HETATM 954  H H1     . HOH I 2 . ? -4.004  0.942   -1.687  1.00 0.00  ? 33 HOH A H1     1 
HETATM 955  H H2     . HOH I 2 . ? -5.017  1.912   -2.255  1.00 0.00  ? 33 HOH A H2     1 
HETATM 956  O O      . HOH I 2 . ? 6.091   -4.213  -6.275  1.00 30.37 ? 48 HOH A O      1 
HETATM 957  H H1     . HOH I 2 . ? 6.360   -3.920  -7.146  1.00 0.00  ? 48 HOH A H1     1 
HETATM 958  H H2     . HOH I 2 . ? 5.136   -4.257  -6.321  1.00 0.00  ? 48 HOH A H2     1 
HETATM 959  O O      . HOH I 2 . ? -6.599  2.154   0.659   1.00 34.49 ? 49 HOH A O      1 
HETATM 960  H H1     . HOH I 2 . ? -7.361  2.285   0.093   1.00 0.00  ? 49 HOH A H1     1 
HETATM 961  H H2     . HOH I 2 . ? -6.211  3.024   0.746   1.00 0.00  ? 49 HOH A H2     1 
HETATM 962  O O      . HOH I 2 . ? 2.534   -0.280  -13.659 1.00 36.62 ? 53 HOH A O      1 
HETATM 963  H H1     . HOH I 2 . ? 3.169   -0.539  -12.991 1.00 0.00  ? 53 HOH A H1     1 
HETATM 964  H H2     . HOH I 2 . ? 2.746   0.633   -13.850 1.00 0.00  ? 53 HOH A H2     1 
HETATM 965  O O      . HOH I 2 . ? -10.003 4.750   0.759   1.00 21.79 ? 66 HOH A O      1 
HETATM 966  H H1     . HOH I 2 . ? -9.345  4.658   1.448   1.00 0.00  ? 66 HOH A H1     1 
HETATM 967  H H2     . HOH I 2 . ? -10.037 5.690   0.583   1.00 0.00  ? 66 HOH A H2     1 
HETATM 968  O O      . HOH I 2 . ? -1.932  5.367   -14.255 1.00 45.22 ? 72 HOH A O      1 
HETATM 969  H H1     . HOH I 2 . ? -1.938  4.791   -15.020 1.00 0.00  ? 72 HOH A H1     1 
HETATM 970  H H2     . HOH I 2 . ? -1.445  6.139   -14.540 1.00 0.00  ? 72 HOH A H2     1 
HETATM 971  O O      . HOH I 2 . ? -7.275  3.337   3.019   1.00 42.02 ? 73 HOH A O      1 
HETATM 972  H H1     . HOH I 2 . ? -7.666  4.210   3.037   1.00 0.00  ? 73 HOH A H1     1 
HETATM 973  H H2     . HOH I 2 . ? -7.889  2.809   2.509   1.00 0.00  ? 73 HOH A H2     1 
HETATM 974  O O      . HOH J 2 . ? -0.801  11.063  -6.262  1.00 18.81 ? 34 HOH B O      1 
HETATM 975  H H1     . HOH J 2 . ? -0.489  11.814  -6.767  1.00 0.00  ? 34 HOH B H1     1 
HETATM 976  H H2     . HOH J 2 . ? -0.595  11.283  -5.353  1.00 0.00  ? 34 HOH B H2     1 
HETATM 977  O O      . HOH J 2 . ? 4.891   8.740   -5.909  1.00 23.47 ? 41 HOH B O      1 
HETATM 978  H H1     . HOH J 2 . ? 5.269   9.380   -5.306  1.00 0.00  ? 41 HOH B H1     1 
HETATM 979  H H2     . HOH J 2 . ? 4.664   7.993   -5.355  1.00 0.00  ? 41 HOH B H2     1 
HETATM 980  O O      . HOH J 2 . ? -1.192  13.382  4.642   1.00 40.15 ? 58 HOH B O      1 
HETATM 981  H H1     . HOH J 2 . ? -1.897  13.607  5.250   1.00 0.00  ? 58 HOH B H1     1 
HETATM 982  H H2     . HOH J 2 . ? -0.596  14.129  4.679   1.00 0.00  ? 58 HOH B H2     1 
HETATM 983  O O      . HOH J 2 . ? -6.659  13.814  -6.170  1.00 28.72 ? 68 HOH B O      1 
HETATM 984  H H1     . HOH J 2 . ? -6.725  14.010  -7.104  1.00 0.00  ? 68 HOH B H1     1 
HETATM 985  H H2     . HOH J 2 . ? -7.027  12.935  -6.082  1.00 0.00  ? 68 HOH B H2     1 
HETATM 986  O O      . HOH J 2 . ? -6.440  15.256  5.510   1.00 37.46 ? 71 HOH B O      1 
HETATM 987  H H1     . HOH J 2 . ? -6.977  16.022  5.309   1.00 0.00  ? 71 HOH B H1     1 
HETATM 988  H H2     . HOH J 2 . ? -6.652  15.048  6.421   1.00 0.00  ? 71 HOH B H2     1 
HETATM 989  O O      . HOH J 2 . ? 3.380   10.968  -6.143  1.00 22.39 ? 77 HOH B O      1 
HETATM 990  H H1     . HOH J 2 . ? 3.765   10.753  -6.993  1.00 0.00  ? 77 HOH B H1     1 
HETATM 991  H H2     . HOH J 2 . ? 4.028   11.533  -5.722  1.00 0.00  ? 77 HOH B H2     1 
HETATM 992  O O      . HOH K 2 . ? 1.618   -2.779  -1.402  1.00 24.46 ? 42 HOH C O      1 
HETATM 993  H H1     . HOH K 2 . ? 1.408   -2.503  -0.510  1.00 0.00  ? 42 HOH C H1     1 
HETATM 994  H H2     . HOH K 2 . ? 2.530   -3.066  -1.357  1.00 0.00  ? 42 HOH C H2     1 
HETATM 995  O O      . HOH K 2 . ? 1.780   -0.149  5.890   1.00 23.06 ? 46 HOH C O      1 
HETATM 996  H H1     . HOH K 2 . ? 2.082   -1.034  5.687   1.00 0.00  ? 46 HOH C H1     1 
HETATM 997  H H2     . HOH K 2 . ? 1.788   -0.105  6.846   1.00 0.00  ? 46 HOH C H2     1 
HETATM 998  O O      . HOH K 2 . ? -2.331  0.012   -5.635  1.00 27.86 ? 55 HOH C O      1 
HETATM 999  H H1     . HOH K 2 . ? -1.664  0.160   -4.964  1.00 0.00  ? 55 HOH C H1     1 
HETATM 1000 H H2     . HOH K 2 . ? -2.835  -0.736  -5.313  1.00 0.00  ? 55 HOH C H2     1 
HETATM 1001 O O      . HOH K 2 . ? 3.554   -2.201  -8.327  1.00 33.09 ? 57 HOH C O      1 
HETATM 1002 H H1     . HOH K 2 . ? 2.687   -2.586  -8.453  1.00 0.00  ? 57 HOH C H1     1 
HETATM 1003 H H2     . HOH K 2 . ? 3.655   -1.592  -9.059  1.00 0.00  ? 57 HOH C H2     1 
HETATM 1004 O O      . HOH K 2 . ? -8.137  3.068   -4.038  1.00 29.42 ? 69 HOH C O      1 
HETATM 1005 H H1     . HOH K 2 . ? -8.351  2.905   -4.957  1.00 0.00  ? 69 HOH C H1     1 
HETATM 1006 H H2     . HOH K 2 . ? -8.498  2.315   -3.571  1.00 0.00  ? 69 HOH C H2     1 
HETATM 1007 O O      . HOH L 2 . ? 1.253   11.526  -12.425 1.00 18.97 ? 35 HOH D O      1 
HETATM 1008 H H1     . HOH L 2 . ? 1.437   12.360  -12.859 1.00 0.00  ? 35 HOH D H1     1 
HETATM 1009 H H2     . HOH L 2 . ? 0.384   11.643  -12.041 1.00 0.00  ? 35 HOH D H2     1 
HETATM 1010 O O      . HOH L 2 . ? 0.353   10.720  -8.676  1.00 18.75 ? 36 HOH D O      1 
HETATM 1011 H H1     . HOH L 2 . ? 0.024   11.304  -7.993  1.00 0.00  ? 36 HOH D H1     1 
HETATM 1012 H H2     . HOH L 2 . ? 1.159   10.353  -8.311  1.00 0.00  ? 36 HOH D H2     1 
HETATM 1013 O O      . HOH L 2 . ? 2.948   11.274  -9.021  1.00 17.65 ? 37 HOH D O      1 
HETATM 1014 H H1     . HOH L 2 . ? 2.401   10.581  -9.393  1.00 0.00  ? 37 HOH D H1     1 
HETATM 1015 H H2     . HOH L 2 . ? 3.840   11.040  -9.277  1.00 0.00  ? 37 HOH D H2     1 
HETATM 1016 O O      . HOH L 2 . ? 7.431   10.636  -11.018 1.00 21.34 ? 38 HOH D O      1 
HETATM 1017 H H1     . HOH L 2 . ? 8.355   10.737  -11.248 1.00 0.00  ? 38 HOH D H1     1 
HETATM 1018 H H2     . HOH L 2 . ? 7.130   11.526  -10.836 1.00 0.00  ? 38 HOH D H2     1 
HETATM 1019 O O      . HOH L 2 . ? -2.969  13.072  -9.720  1.00 23.68 ? 39 HOH D O      1 
HETATM 1020 H H1     . HOH L 2 . ? -2.422  13.840  -9.554  1.00 0.00  ? 39 HOH D H1     1 
HETATM 1021 H H2     . HOH L 2 . ? -3.848  13.342  -9.456  1.00 0.00  ? 39 HOH D H2     1 
HETATM 1022 O O      . HOH L 2 . ? 8.773   9.479   -7.931  1.00 23.22 ? 40 HOH D O      1 
HETATM 1023 H H1     . HOH L 2 . ? 9.703   9.528   -7.710  1.00 0.00  ? 40 HOH D H1     1 
HETATM 1024 H H2     . HOH L 2 . ? 8.349   10.090  -7.328  1.00 0.00  ? 40 HOH D H2     1 
HETATM 1025 O O      . HOH L 2 . ? -2.366  13.133  -7.082  1.00 21.40 ? 43 HOH D O      1 
HETATM 1026 H H1     . HOH L 2 . ? -2.628  13.591  -6.283  1.00 0.00  ? 43 HOH D H1     1 
HETATM 1027 H H2     . HOH L 2 . ? -3.091  12.535  -7.264  1.00 0.00  ? 43 HOH D H2     1 
HETATM 1028 O O      . HOH L 2 . ? -2.768  12.575  -3.244  1.00 25.98 ? 44 HOH D O      1 
HETATM 1029 H H1     . HOH L 2 . ? -2.794  12.147  -2.389  1.00 0.00  ? 44 HOH D H1     1 
HETATM 1030 H H2     . HOH L 2 . ? -2.291  13.390  -3.090  1.00 0.00  ? 44 HOH D H2     1 
HETATM 1031 O O      . HOH L 2 . ? 7.858   6.483   -3.205  1.00 26.84 ? 45 HOH D O      1 
HETATM 1032 H H1     . HOH L 2 . ? 7.534   5.639   -2.892  1.00 0.00  ? 45 HOH D H1     1 
HETATM 1033 H H2     . HOH L 2 . ? 8.182   6.922   -2.419  1.00 0.00  ? 45 HOH D H2     1 
HETATM 1034 O O      . HOH L 2 . ? 12.091  9.272   -13.101 1.00 37.16 ? 50 HOH D O      1 
HETATM 1035 H H1     . HOH L 2 . ? 12.580  8.450   -13.062 1.00 0.00  ? 50 HOH D H1     1 
HETATM 1036 H H2     . HOH L 2 . ? 11.264  9.080   -12.658 1.00 0.00  ? 50 HOH D H2     1 
HETATM 1037 O O      . HOH L 2 . ? 8.846   8.205   -5.495  1.00 25.51 ? 54 HOH D O      1 
HETATM 1038 H H1     . HOH L 2 . ? 8.178   7.863   -6.089  1.00 0.00  ? 54 HOH D H1     1 
HETATM 1039 H H2     . HOH L 2 . ? 9.619   8.324   -6.047  1.00 0.00  ? 54 HOH D H2     1 
HETATM 1040 O O      . HOH L 2 . ? -5.666  13.284  -8.889  1.00 30.51 ? 56 HOH D O      1 
HETATM 1041 H H1     . HOH L 2 . ? -6.295  13.547  -8.218  1.00 0.00  ? 56 HOH D H1     1 
HETATM 1042 H H2     . HOH L 2 . ? -5.623  12.331  -8.816  1.00 0.00  ? 56 HOH D H2     1 
HETATM 1043 O O      . HOH L 2 . ? 13.400  9.005   -9.739  1.00 30.54 ? 67 HOH D O      1 
HETATM 1044 H H1     . HOH L 2 . ? 12.937  8.175   -9.848  1.00 0.00  ? 67 HOH D H1     1 
HETATM 1045 H H2     . HOH L 2 . ? 12.717  9.632   -9.503  1.00 0.00  ? 67 HOH D H2     1 
HETATM 1046 O O      . HOH L 2 . ? 12.924  6.935   -7.712  1.00 37.09 ? 70 HOH D O      1 
HETATM 1047 H H1     . HOH L 2 . ? 12.454  6.965   -8.545  1.00 0.00  ? 70 HOH D H1     1 
HETATM 1048 H H2     . HOH L 2 . ? 12.343  7.376   -7.091  1.00 0.00  ? 70 HOH D H2     1 
HETATM 1049 O O      . HOH M 2 . ? -3.342  4.152   7.523   1.00 24.71 ? 47 HOH E O      1 
HETATM 1050 H H1     . HOH M 2 . ? -3.210  3.591   8.286   1.00 0.00  ? 47 HOH E H1     1 
HETATM 1051 H H2     . HOH M 2 . ? -3.732  4.951   7.877   1.00 0.00  ? 47 HOH E H2     1 
HETATM 1052 O O      . HOH M 2 . ? 4.141   -4.414  -1.778  1.00 33.32 ? 52 HOH E O      1 
HETATM 1053 H H1     . HOH M 2 . ? 4.781   -4.399  -2.491  1.00 0.00  ? 52 HOH E H1     1 
HETATM 1054 H H2     . HOH M 2 . ? 4.643   -4.173  -1.000  1.00 0.00  ? 52 HOH E H2     1 
HETATM 1055 O O      . HOH M 2 . ? 0.773   -1.359  -3.555  1.00 19.55 ? 60 HOH E O      1 
HETATM 1056 H H1     . HOH M 2 . ? 1.276   -0.573  -3.771  1.00 0.00  ? 60 HOH E H1     1 
HETATM 1057 H H2     . HOH M 2 . ? 1.316   -2.083  -3.868  1.00 0.00  ? 60 HOH E H2     1 
HETATM 1058 O O      . HOH M 2 . ? -1.152  -0.956  0.002   1.00 18.45 ? 61 HOH E O      1 
HETATM 1059 H H1     . HOH M 2 . ? -0.372  -1.511  0.009   1.00 0.00  ? 61 HOH E H1     1 
HETATM 1060 H H2     . HOH M 2 . ? -1.572  -1.143  -0.837  1.00 0.00  ? 61 HOH E H2     1 
HETATM 1061 O O      . HOH M 2 . ? 5.566   -4.865  3.361   1.00 25.66 ? 62 HOH E O      1 
HETATM 1062 H H1     . HOH M 2 . ? 5.061   -5.404  3.971   1.00 0.00  ? 62 HOH E H1     1 
HETATM 1063 H H2     . HOH M 2 . ? 5.213   -3.982  3.473   1.00 0.00  ? 62 HOH E H2     1 
HETATM 1064 O O      . HOH M 2 . ? -5.002  -5.489  -3.060  1.00 37.29 ? 64 HOH E O      1 
HETATM 1065 H H1     . HOH M 2 . ? -4.670  -6.101  -3.718  1.00 0.00  ? 64 HOH E H1     1 
HETATM 1066 H H2     . HOH M 2 . ? -4.251  -4.935  -2.847  1.00 0.00  ? 64 HOH E H2     1 
HETATM 1067 O O      . HOH M 2 . ? 0.427   -2.436  -5.908  1.00 32.93 ? 65 HOH E O      1 
HETATM 1068 H H1     . HOH M 2 . ? 0.478   -3.110  -5.230  1.00 0.00  ? 65 HOH E H1     1 
HETATM 1069 H H2     . HOH M 2 . ? 1.076   -2.703  -6.559  1.00 0.00  ? 65 HOH E H2     1 
HETATM 1070 O O      . HOH M 2 . ? 3.623   -13.555 -5.160  1.00 43.42 ? 76 HOH E O      1 
HETATM 1071 H H1     . HOH M 2 . ? 3.862   -13.845 -6.040  1.00 0.00  ? 76 HOH E H1     1 
HETATM 1072 H H2     . HOH M 2 . ? 3.837   -12.622 -5.148  1.00 0.00  ? 76 HOH E H2     1 
HETATM 1073 O O      . HOH N 2 . ? 8.100   -14.944 2.053   1.00 46.01 ? 75 HOH F O      1 
HETATM 1074 H H1     . HOH N 2 . ? 7.258   -14.962 2.507   1.00 0.00  ? 75 HOH F H1     1 
HETATM 1075 H H2     . HOH N 2 . ? 8.122   -14.091 1.620   1.00 0.00  ? 75 HOH F H2     1 
HETATM 1076 O O      . HOH O 2 . ? 5.745   -6.274  -0.583  1.00 36.35 ? 51 HOH G O      1 
HETATM 1077 H H1     . HOH O 2 . ? 6.439   -5.770  -0.160  1.00 0.00  ? 51 HOH G H1     1 
HETATM 1078 H H2     . HOH O 2 . ? 5.389   -6.825  0.114   1.00 0.00  ? 51 HOH G H2     1 
HETATM 1079 O O      . HOH O 2 . ? 2.215   0.001   16.251  1.00 43.29 ? 74 HOH G O      1 
HETATM 1080 H H1     . HOH O 2 . ? 2.755   -0.433  16.912  1.00 0.00  ? 74 HOH G H1     1 
HETATM 1081 H H2     . HOH O 2 . ? 2.567   -0.304  15.415  1.00 0.00  ? 74 HOH G H2     1 
HETATM 1082 O O      . HOH P 2 . ? -11.504 -8.426  5.815   1.00 17.45 ? 59 HOH H O      1 
HETATM 1083 H H1     . HOH P 2 . ? -12.299 -8.394  6.347   1.00 0.00  ? 59 HOH H H1     1 
HETATM 1084 H H2     . HOH P 2 . ? -11.306 -7.509  5.624   1.00 0.00  ? 59 HOH H H2     1 
HETATM 1085 O O      . HOH P 2 . ? -0.047  -14.655 4.171   1.00 34.70 ? 63 HOH H O      1 
HETATM 1086 H H1     . HOH P 2 . ? -0.997  -14.717 4.077   1.00 0.00  ? 63 HOH H H1     1 
HETATM 1087 H H2     . HOH P 2 . ? 0.150   -13.732 4.013   1.00 0.00  ? 63 HOH H H2     1 
HETATM 1088 O O      . HOH P 2 . ? -15.969 -5.166  8.204   1.00 39.09 ? 78 HOH H O      1 
HETATM 1089 H H1     . HOH P 2 . ? -16.799 -5.536  8.502   1.00 0.00  ? 78 HOH H H1     1 
HETATM 1090 H H2     . HOH P 2 . ? -16.023 -4.238  8.434   1.00 0.00  ? 78 HOH H H2     1 
# 
